data_5DDS
#
_entry.id   5DDS
#
_cell.length_a   84.078
_cell.length_b   84.210
_cell.length_c   88.949
_cell.angle_alpha   106.710
_cell.angle_beta   109.160
_cell.angle_gamma   95.030
#
_symmetry.space_group_name_H-M   'P 1'
#
loop_
_entity.id
_entity.type
_entity.pdbx_description
1 polymer CrmG
2 non-polymer "PYRIDOXAL-5'-PHOSPHATE"
3 non-polymer GLYCEROL
4 non-polymer 'ACETIC ACID'
5 water water
#
_entity_poly.entity_id   1
_entity_poly.type   'polypeptide(L)'
_entity_poly.pdbx_seq_one_letter_code
;MTHPSGEPVYADAVLNGWLTSMGLGVEYVRAEGNTVYYLDDEGREVPVLDHACGFGSLIFGHNHPEIIAHAKAALDAGTV
VHAQLSRQPRANQISRILNDIMRRETGRDDRYNAIFANSGAEANEICMKHAELERQERITALFAEIDAELDTAREALTTG
TATLDTASLPLVGGGAGDVDGVIADIHRHNDERRAERPLFLTLDGSFHGKLVGSIQLTQNEPWRTPFTALSSPARFLPAD
EPELIGKIVEDERRSVLTLSLDKDTVRVVERDFPVVAAIFVEPVRGGSGMKTVTPELAEELHRLRDTLGCPLVVDEVQTG
IGRTGAFFGSALLGIRGDYYTLAKAIGGGIVKNSVALIRQDRFLPAMEVIHSSTFAKDGLSASIALKVLEMVEADGGRVY
QRVRERGQRLEAMLESVRADHSDVVSAVWGTGLMLALELRDQSNATSQAIREKAAHGFLGYVLAGFLLREHHIRVLPAGP
RSGFLRFSPSLYITDEEIDRTETALRSLFTALRDQDGDRLVLS
;
_entity_poly.pdbx_strand_id   A,B,C,D
#
loop_
_chem_comp.id
_chem_comp.type
_chem_comp.name
_chem_comp.formula
ACY non-polymer 'ACETIC ACID' 'C2 H4 O2'
GOL non-polymer GLYCEROL 'C3 H8 O3'
PLP non-polymer PYRIDOXAL-5'-PHOSPHATE 'C8 H10 N O6 P'
#
# COMPACT_ATOMS: atom_id res chain seq x y z
N GLY A 6 4.06 33.70 12.51
CA GLY A 6 3.59 34.97 13.15
C GLY A 6 3.18 36.03 12.12
N GLU A 7 4.00 36.19 11.07
CA GLU A 7 3.97 37.41 10.26
C GLU A 7 3.14 37.20 8.96
N PRO A 8 2.71 38.30 8.30
CA PRO A 8 1.97 38.21 7.04
C PRO A 8 2.70 37.40 5.95
N VAL A 9 1.92 36.72 5.11
CA VAL A 9 2.46 35.79 4.13
C VAL A 9 1.52 35.67 2.96
N TYR A 10 2.06 35.84 1.76
CA TYR A 10 1.24 36.13 0.59
C TYR A 10 1.33 35.00 -0.45
N ALA A 11 2.11 33.95 -0.14
CA ALA A 11 2.11 32.74 -0.94
C ALA A 11 2.86 31.65 -0.19
N ASP A 12 2.54 30.39 -0.50
CA ASP A 12 3.47 29.28 -0.33
C ASP A 12 3.61 28.83 1.14
N ALA A 13 2.89 29.47 2.03
CA ALA A 13 3.08 29.21 3.47
C ALA A 13 2.96 27.69 3.77
N VAL A 14 1.86 27.10 3.37
CA VAL A 14 1.61 25.69 3.65
C VAL A 14 2.57 24.82 2.85
N LEU A 15 2.72 25.13 1.55
CA LEU A 15 3.67 24.41 0.71
C LEU A 15 5.09 24.41 1.30
N ASN A 16 5.53 25.58 1.78
CA ASN A 16 6.86 25.72 2.38
C ASN A 16 6.98 24.99 3.71
N GLY A 17 5.97 25.12 4.57
CA GLY A 17 5.94 24.39 5.82
C GLY A 17 6.13 22.92 5.59
N TRP A 18 5.40 22.40 4.63
CA TRP A 18 5.43 20.98 4.35
C TRP A 18 6.82 20.55 3.83
N LEU A 19 7.38 21.30 2.91
CA LEU A 19 8.68 20.96 2.32
C LEU A 19 9.76 20.92 3.37
N THR A 20 9.69 21.86 4.31
CA THR A 20 10.69 21.94 5.37
C THR A 20 10.68 20.68 6.21
N SER A 21 9.49 20.22 6.60
CA SER A 21 9.37 19.06 7.45
C SER A 21 9.81 17.77 6.72
N MET A 22 9.60 17.72 5.40
CA MET A 22 10.10 16.60 4.58
C MET A 22 11.61 16.63 4.47
N GLY A 23 12.21 17.76 4.86
CA GLY A 23 13.68 17.96 4.71
C GLY A 23 14.06 18.57 3.38
N LEU A 24 13.12 19.30 2.76
CA LEU A 24 13.29 19.77 1.38
C LEU A 24 13.17 21.31 1.29
N GLY A 25 13.13 21.96 2.42
CA GLY A 25 13.06 23.40 2.46
C GLY A 25 14.38 24.05 2.10
N VAL A 26 14.59 24.31 0.83
CA VAL A 26 15.83 24.91 0.37
C VAL A 26 15.54 25.80 -0.84
N GLU A 27 16.33 26.87 -0.99
CA GLU A 27 16.20 27.76 -2.12
C GLU A 27 17.41 27.62 -3.02
N TYR A 28 17.15 27.25 -4.27
CA TYR A 28 18.19 27.18 -5.26
C TYR A 28 18.35 28.54 -5.94
N VAL A 29 19.59 29.04 -6.02
CA VAL A 29 19.84 30.41 -6.46
C VAL A 29 20.44 30.44 -7.86
N ARG A 30 21.00 29.33 -8.31
CA ARG A 30 21.66 29.27 -9.60
C ARG A 30 21.64 27.85 -10.11
N ALA A 31 21.71 27.69 -11.44
CA ALA A 31 21.64 26.38 -12.04
C ALA A 31 22.38 26.34 -13.35
N GLU A 32 23.10 25.25 -13.56
CA GLU A 32 23.71 24.98 -14.85
C GLU A 32 24.00 23.54 -14.99
N GLY A 33 23.82 23.04 -16.19
CA GLY A 33 23.93 21.64 -16.45
C GLY A 33 23.02 20.83 -15.55
N ASN A 34 23.59 19.83 -14.89
CA ASN A 34 22.85 18.91 -14.07
C ASN A 34 22.94 19.31 -12.62
N THR A 35 23.33 20.56 -12.36
CA THR A 35 23.62 21.00 -11.03
C THR A 35 22.83 22.23 -10.70
N VAL A 36 22.21 22.23 -9.52
CA VAL A 36 21.63 23.44 -8.96
C VAL A 36 22.31 23.78 -7.66
N TYR A 37 22.33 25.07 -7.31
CA TYR A 37 23.14 25.57 -6.13
C TYR A 37 22.24 26.24 -5.11
N TYR A 38 22.43 25.91 -3.83
CA TYR A 38 21.91 26.76 -2.72
C TYR A 38 23.04 27.39 -1.93
N LEU A 39 22.70 28.35 -1.08
CA LEU A 39 23.68 29.00 -0.22
C LEU A 39 23.63 28.39 1.19
N ASP A 40 24.81 28.04 1.72
CA ASP A 40 24.90 27.54 3.11
C ASP A 40 24.86 28.70 4.14
N ASP A 41 24.96 28.35 5.42
CA ASP A 41 24.90 29.35 6.50
C ASP A 41 25.89 30.50 6.26
N GLU A 42 27.06 30.16 5.72
CA GLU A 42 28.16 31.13 5.59
C GLU A 42 28.13 31.87 4.22
N GLY A 43 27.17 31.51 3.36
CA GLY A 43 26.93 32.23 2.07
C GLY A 43 27.63 31.58 0.88
N ARG A 44 28.23 30.41 1.09
CA ARG A 44 28.89 29.66 0.02
C ARG A 44 27.87 28.87 -0.86
N GLU A 45 28.14 28.81 -2.15
CA GLU A 45 27.37 27.99 -3.06
C GLU A 45 27.68 26.52 -2.87
N VAL A 46 26.65 25.74 -2.60
CA VAL A 46 26.77 24.29 -2.50
C VAL A 46 26.16 23.62 -3.76
N PRO A 47 26.96 22.82 -4.47
CA PRO A 47 26.45 22.14 -5.64
C PRO A 47 25.58 20.90 -5.27
N VAL A 48 24.38 20.82 -5.88
CA VAL A 48 23.50 19.67 -5.73
C VAL A 48 23.26 19.04 -7.08
N LEU A 49 23.36 17.71 -7.16
CA LEU A 49 23.04 16.98 -8.41
C LEU A 49 21.49 16.85 -8.57
N ASP A 50 20.98 17.26 -9.74
CA ASP A 50 19.53 17.33 -9.97
C ASP A 50 19.07 16.13 -10.82
N HIS A 51 18.32 15.22 -10.20
CA HIS A 51 17.73 14.07 -10.91
C HIS A 51 16.26 14.32 -11.27
N ALA A 52 15.68 15.37 -10.70
CA ALA A 52 14.28 15.74 -11.00
C ALA A 52 14.18 16.50 -12.35
N CYS A 53 14.93 17.59 -12.47
CA CYS A 53 15.15 18.26 -13.78
C CYS A 53 13.85 18.73 -14.42
N GLY A 54 13.03 19.40 -13.65
CA GLY A 54 11.76 19.93 -14.13
C GLY A 54 10.80 18.82 -14.51
N PHE A 55 10.91 17.70 -13.80
CA PHE A 55 10.09 16.52 -14.09
C PHE A 55 10.29 16.03 -15.50
N GLY A 56 11.50 16.26 -16.05
CA GLY A 56 11.85 15.74 -17.39
C GLY A 56 12.01 16.86 -18.44
N SER A 57 11.73 18.11 -18.04
CA SER A 57 11.81 19.27 -18.96
C SER A 57 13.28 19.51 -19.48
N LEU A 58 14.27 19.10 -18.71
CA LEU A 58 15.65 19.52 -18.95
C LEU A 58 16.47 18.40 -19.56
N ILE A 59 16.12 18.01 -20.77
CA ILE A 59 16.85 16.94 -21.46
C ILE A 59 18.29 17.38 -21.78
N PHE A 60 18.48 18.70 -21.92
CA PHE A 60 19.83 19.27 -22.17
C PHE A 60 20.38 19.98 -20.93
N GLY A 61 19.80 19.72 -19.78
CA GLY A 61 20.22 20.37 -18.50
C GLY A 61 19.66 21.76 -18.32
N HIS A 62 19.84 22.31 -17.11
CA HIS A 62 19.52 23.75 -16.84
C HIS A 62 20.37 24.66 -17.72
N ASN A 63 19.73 25.66 -18.33
CA ASN A 63 20.42 26.78 -18.88
C ASN A 63 21.57 26.35 -19.79
N HIS A 64 21.26 25.50 -20.75
CA HIS A 64 22.22 25.10 -21.74
C HIS A 64 22.66 26.31 -22.52
N PRO A 65 24.00 26.53 -22.59
CA PRO A 65 24.58 27.72 -23.26
C PRO A 65 24.01 27.96 -24.66
N GLU A 66 23.92 26.91 -25.43
CA GLU A 66 23.46 27.03 -26.80
C GLU A 66 21.98 27.53 -26.87
N ILE A 67 21.17 27.15 -25.89
CA ILE A 67 19.77 27.59 -25.84
C ILE A 67 19.67 29.01 -25.32
N ILE A 68 20.53 29.35 -24.37
CA ILE A 68 20.56 30.72 -23.80
C ILE A 68 21.03 31.73 -24.86
N ALA A 69 22.12 31.41 -25.54
CA ALA A 69 22.60 32.22 -26.66
C ALA A 69 21.46 32.49 -27.66
N HIS A 70 20.77 31.42 -28.08
CA HIS A 70 19.68 31.56 -29.06
C HIS A 70 18.60 32.50 -28.56
N ALA A 71 18.25 32.37 -27.30
CA ALA A 71 17.21 33.18 -26.74
C ALA A 71 17.62 34.63 -26.72
N LYS A 72 18.86 34.89 -26.30
CA LYS A 72 19.38 36.24 -26.27
C LYS A 72 19.44 36.85 -27.66
N ALA A 73 19.86 36.07 -28.64
CA ALA A 73 19.87 36.54 -30.05
C ALA A 73 18.46 36.91 -30.51
N ALA A 74 17.50 36.01 -30.24
CA ALA A 74 16.12 36.23 -30.62
C ALA A 74 15.60 37.53 -29.99
N LEU A 75 15.89 37.73 -28.70
CA LEU A 75 15.50 38.98 -28.01
C LEU A 75 16.20 40.21 -28.63
N ASP A 76 17.49 40.05 -28.96
CA ASP A 76 18.27 41.14 -29.55
C ASP A 76 17.79 41.53 -30.95
N ALA A 77 17.25 40.57 -31.69
CA ALA A 77 16.73 40.84 -33.05
C ALA A 77 15.32 41.47 -33.02
N GLY A 78 14.77 41.67 -31.84
CA GLY A 78 13.41 42.19 -31.73
C GLY A 78 12.39 41.27 -32.39
N THR A 79 12.56 39.96 -32.16
CA THR A 79 11.54 38.98 -32.50
C THR A 79 10.13 39.48 -32.15
N VAL A 80 9.19 39.21 -33.03
CA VAL A 80 7.80 39.55 -32.77
C VAL A 80 7.17 38.49 -31.92
N VAL A 81 6.96 38.80 -30.65
CA VAL A 81 6.45 37.86 -29.73
C VAL A 81 4.95 37.82 -29.81
N HIS A 82 4.31 39.00 -29.79
CA HIS A 82 2.85 39.10 -29.94
C HIS A 82 2.46 39.60 -31.34
N ALA A 83 1.99 38.68 -32.15
CA ALA A 83 1.70 38.95 -33.54
C ALA A 83 0.41 38.25 -33.94
N GLN A 84 -0.59 38.33 -33.08
CA GLN A 84 -1.76 37.49 -33.23
C GLN A 84 -2.51 37.86 -34.50
N LEU A 85 -3.05 36.84 -35.16
CA LEU A 85 -3.82 37.02 -36.40
C LEU A 85 -2.95 37.67 -37.45
N SER A 86 -1.77 37.08 -37.66
CA SER A 86 -0.95 37.41 -38.79
C SER A 86 -0.30 36.17 -39.25
N ARG A 87 0.48 36.25 -40.34
CA ARG A 87 1.19 35.09 -40.84
C ARG A 87 2.40 34.77 -39.94
N GLN A 88 2.36 33.62 -39.29
CA GLN A 88 3.48 33.16 -38.46
C GLN A 88 4.00 31.81 -38.96
N PRO A 89 4.80 31.83 -40.02
CA PRO A 89 5.22 30.61 -40.73
C PRO A 89 6.08 29.66 -39.88
N ARG A 90 6.57 30.14 -38.75
CA ARG A 90 7.38 29.31 -37.88
C ARG A 90 6.58 28.10 -37.33
N ALA A 91 5.28 28.28 -37.17
CA ALA A 91 4.41 27.20 -36.70
C ALA A 91 4.43 26.09 -37.66
N ASN A 92 4.16 26.41 -38.93
CA ASN A 92 4.24 25.44 -40.00
C ASN A 92 5.62 24.75 -40.05
N GLN A 93 6.67 25.52 -39.85
CA GLN A 93 8.03 25.01 -39.89
C GLN A 93 8.27 23.96 -38.75
N ILE A 94 7.91 24.33 -37.55
CA ILE A 94 7.97 23.41 -36.42
C ILE A 94 7.16 22.10 -36.71
N SER A 95 5.94 22.23 -37.17
CA SER A 95 5.06 21.07 -37.40
C SER A 95 5.62 20.19 -38.49
N ARG A 96 6.26 20.81 -39.48
CA ARG A 96 6.89 20.06 -40.58
C ARG A 96 7.98 19.15 -40.06
N ILE A 97 8.78 19.67 -39.13
CA ILE A 97 9.90 18.90 -38.59
C ILE A 97 9.38 17.70 -37.76
N LEU A 98 8.41 17.96 -36.90
CA LEU A 98 7.81 16.91 -36.10
C LEU A 98 7.20 15.81 -36.99
N ASN A 99 6.49 16.22 -38.03
CA ASN A 99 5.95 15.28 -39.05
C ASN A 99 7.03 14.39 -39.66
N ASP A 100 8.16 14.98 -40.03
CA ASP A 100 9.27 14.20 -40.60
C ASP A 100 9.81 13.22 -39.62
N ILE A 101 10.08 13.68 -38.40
CA ILE A 101 10.60 12.81 -37.34
C ILE A 101 9.63 11.63 -37.12
N MET A 102 8.35 11.91 -37.07
CA MET A 102 7.33 10.86 -36.82
C MET A 102 7.35 9.79 -37.96
N ARG A 103 7.42 10.23 -39.19
CA ARG A 103 7.51 9.30 -40.34
C ARG A 103 8.73 8.41 -40.21
N ARG A 104 9.87 9.00 -39.86
CA ARG A 104 11.11 8.30 -39.83
C ARG A 104 11.16 7.27 -38.69
N GLU A 105 10.41 7.51 -37.62
CA GLU A 105 10.45 6.63 -36.44
C GLU A 105 9.35 5.55 -36.47
N THR A 106 8.25 5.83 -37.18
CA THR A 106 7.11 4.88 -37.24
C THR A 106 7.09 4.12 -38.55
N GLY A 107 7.81 4.62 -39.55
CA GLY A 107 7.64 4.14 -40.92
C GLY A 107 6.36 4.63 -41.60
N ARG A 108 5.39 5.06 -40.80
CA ARG A 108 4.08 5.47 -41.36
C ARG A 108 4.19 6.79 -42.08
N ASP A 109 3.34 6.99 -43.07
CA ASP A 109 3.42 8.16 -43.91
C ASP A 109 2.21 9.03 -43.70
N ASP A 110 1.82 9.21 -42.44
CA ASP A 110 0.69 10.06 -42.09
C ASP A 110 1.15 11.49 -41.95
N ARG A 111 0.25 12.42 -42.22
CA ARG A 111 0.54 13.85 -42.02
C ARG A 111 -0.32 14.45 -40.89
N TYR A 112 0.24 15.45 -40.18
CA TYR A 112 -0.36 15.98 -38.92
C TYR A 112 -0.45 17.47 -38.96
N ASN A 113 -1.55 18.00 -38.43
CA ASN A 113 -1.72 19.42 -38.26
C ASN A 113 -1.37 19.78 -36.86
N ALA A 114 -0.81 20.99 -36.69
CA ALA A 114 -0.33 21.43 -35.37
C ALA A 114 -1.17 22.58 -34.84
N ILE A 115 -1.62 22.43 -33.60
CA ILE A 115 -2.15 23.52 -32.82
C ILE A 115 -1.30 23.74 -31.59
N PHE A 116 -0.85 24.97 -31.40
CA PHE A 116 0.13 25.27 -30.35
C PHE A 116 -0.54 25.81 -29.14
N ALA A 117 -0.01 25.48 -27.97
CA ALA A 117 -0.55 26.00 -26.69
C ALA A 117 0.60 26.36 -25.72
N ASN A 118 0.28 26.53 -24.43
CA ASN A 118 1.27 27.06 -23.45
C ASN A 118 1.69 26.04 -22.40
N SER A 119 1.01 24.91 -22.36
CA SER A 119 1.32 23.87 -21.39
C SER A 119 0.82 22.53 -21.85
N GLY A 120 1.27 21.48 -21.20
CA GLY A 120 0.88 20.12 -21.56
C GLY A 120 -0.61 19.87 -21.36
N ALA A 121 -1.17 20.45 -20.30
CA ALA A 121 -2.56 20.32 -20.03
C ALA A 121 -3.38 21.03 -21.09
N GLU A 122 -2.88 22.16 -21.56
CA GLU A 122 -3.57 22.92 -22.62
C GLU A 122 -3.49 22.16 -23.94
N ALA A 123 -2.37 21.49 -24.19
CA ALA A 123 -2.24 20.65 -25.37
C ALA A 123 -3.27 19.51 -25.36
N ASN A 124 -3.33 18.79 -24.25
CA ASN A 124 -4.28 17.69 -24.13
C ASN A 124 -5.74 18.16 -24.25
N GLU A 125 -6.03 19.35 -23.80
CA GLU A 125 -7.39 19.85 -23.78
C GLU A 125 -7.84 20.38 -25.14
N ILE A 126 -6.90 20.89 -25.93
CA ILE A 126 -7.10 21.00 -27.37
C ILE A 126 -7.56 19.65 -28.00
N CYS A 127 -6.90 18.57 -27.63
CA CYS A 127 -7.23 17.24 -28.15
C CYS A 127 -8.60 16.77 -27.67
N MET A 128 -8.86 16.96 -26.37
CA MET A 128 -10.19 16.73 -25.82
C MET A 128 -11.26 17.46 -26.65
N LYS A 129 -11.02 18.72 -26.91
CA LYS A 129 -11.99 19.56 -27.61
C LYS A 129 -12.21 19.07 -29.04
N HIS A 130 -11.15 18.70 -29.71
CA HIS A 130 -11.25 18.30 -31.06
C HIS A 130 -11.89 16.95 -31.16
N ALA A 131 -11.65 16.11 -30.17
CA ALA A 131 -12.30 14.77 -30.11
C ALA A 131 -13.79 14.91 -30.00
N GLU A 132 -14.23 15.89 -29.22
CA GLU A 132 -15.65 16.17 -29.07
C GLU A 132 -16.23 16.75 -30.33
N LEU A 133 -15.43 17.45 -31.10
CA LEU A 133 -15.87 17.92 -32.43
C LEU A 133 -16.10 16.74 -33.35
N GLU A 134 -15.21 15.75 -33.29
CA GLU A 134 -15.38 14.52 -34.06
C GLU A 134 -16.62 13.76 -33.62
N ARG A 135 -16.86 13.75 -32.32
CA ARG A 135 -18.00 13.05 -31.78
C ARG A 135 -19.32 13.69 -32.21
N GLN A 136 -19.36 15.01 -32.22
CA GLN A 136 -20.56 15.73 -32.66
C GLN A 136 -20.87 15.47 -34.14
N GLU A 137 -19.84 15.41 -34.96
CA GLU A 137 -20.02 15.02 -36.38
C GLU A 137 -20.60 13.62 -36.50
N ARG A 138 -20.04 12.67 -35.73
CA ARG A 138 -20.59 11.33 -35.66
C ARG A 138 -22.04 11.38 -35.31
N ILE A 139 -22.37 12.12 -34.26
CA ILE A 139 -23.71 12.22 -33.76
C ILE A 139 -24.69 12.81 -34.82
N THR A 140 -24.28 13.89 -35.46
CA THR A 140 -25.10 14.51 -36.50
C THR A 140 -25.41 13.52 -37.64
N ALA A 141 -24.42 12.71 -38.00
CA ALA A 141 -24.56 11.78 -39.12
C ALA A 141 -25.55 10.66 -38.77
N LEU A 142 -25.42 10.13 -37.55
CA LEU A 142 -26.30 9.08 -37.08
C LEU A 142 -27.73 9.58 -36.99
N PHE A 143 -27.91 10.71 -36.32
CA PHE A 143 -29.26 11.30 -36.14
C PHE A 143 -29.90 11.65 -37.46
N ALA A 144 -29.10 12.05 -38.42
CA ALA A 144 -29.61 12.28 -39.79
C ALA A 144 -30.17 10.98 -40.37
N GLU A 145 -29.39 9.92 -40.31
CA GLU A 145 -29.84 8.59 -40.77
C GLU A 145 -31.13 8.20 -40.07
N ILE A 146 -31.16 8.35 -38.76
CA ILE A 146 -32.30 7.91 -37.95
C ILE A 146 -33.60 8.60 -38.39
N ASP A 147 -33.49 9.89 -38.74
CA ASP A 147 -34.62 10.61 -39.31
C ASP A 147 -35.12 9.92 -40.54
N ALA A 148 -34.23 9.67 -41.49
CA ALA A 148 -34.58 9.07 -42.78
C ALA A 148 -35.14 7.66 -42.60
N GLU A 149 -34.69 6.96 -41.55
CA GLU A 149 -35.25 5.64 -41.19
C GLU A 149 -36.66 5.80 -40.57
N LEU A 150 -36.87 6.90 -39.86
CA LEU A 150 -38.20 7.23 -39.36
C LEU A 150 -39.14 7.63 -40.51
N ASP A 151 -38.70 8.61 -41.32
CA ASP A 151 -39.50 9.04 -42.51
C ASP A 151 -40.01 7.83 -43.28
N THR A 152 -39.08 6.95 -43.65
CA THR A 152 -39.40 5.81 -44.50
C THR A 152 -40.38 4.84 -43.81
N ALA A 153 -40.23 4.67 -42.52
CA ALA A 153 -41.06 3.75 -41.77
C ALA A 153 -42.50 4.27 -41.69
N ARG A 154 -42.64 5.61 -41.61
CA ARG A 154 -43.96 6.24 -41.43
C ARG A 154 -44.76 6.25 -42.74
N GLU A 155 -44.09 6.59 -43.84
CA GLU A 155 -44.74 6.61 -45.15
C GLU A 155 -44.91 5.19 -45.71
N ALA A 156 -44.44 4.19 -44.98
CA ALA A 156 -44.80 2.81 -45.21
C ALA A 156 -45.93 2.37 -44.27
N LEU A 157 -45.93 2.92 -43.06
CA LEU A 157 -46.90 2.50 -42.03
C LEU A 157 -48.28 3.12 -42.28
N THR A 158 -48.29 4.36 -42.79
CA THR A 158 -49.56 5.10 -43.01
C THR A 158 -50.08 4.93 -44.44
N THR A 159 -49.16 4.88 -45.41
CA THR A 159 -49.46 4.31 -46.74
C THR A 159 -49.36 2.77 -46.72
N GLY A 160 -50.43 2.12 -46.27
CA GLY A 160 -50.65 0.71 -46.56
C GLY A 160 -49.64 -0.23 -45.93
N THR A 161 -48.39 -0.16 -46.38
CA THR A 161 -47.68 -1.34 -46.88
C THR A 161 -46.94 -2.13 -45.76
N ALA A 162 -47.09 -1.72 -44.49
CA ALA A 162 -46.38 -2.38 -43.38
C ALA A 162 -47.10 -2.20 -42.03
N THR A 163 -46.85 -3.15 -41.10
CA THR A 163 -47.42 -3.09 -39.76
C THR A 163 -46.31 -3.08 -38.67
N LEU A 164 -46.62 -2.49 -37.52
CA LEU A 164 -45.61 -2.27 -36.47
C LEU A 164 -45.67 -3.41 -35.45
N ASP A 165 -44.55 -4.13 -35.32
CA ASP A 165 -44.51 -5.34 -34.48
C ASP A 165 -44.47 -4.97 -33.01
N THR A 166 -45.54 -5.32 -32.28
CA THR A 166 -45.83 -4.70 -30.99
C THR A 166 -45.05 -5.38 -29.87
N ALA A 167 -44.33 -6.46 -30.20
CA ALA A 167 -43.40 -7.10 -29.26
C ALA A 167 -42.17 -6.19 -28.98
N SER A 168 -41.91 -5.26 -29.89
CA SER A 168 -40.74 -4.41 -29.81
C SER A 168 -40.92 -3.26 -28.79
N LEU A 169 -42.13 -3.10 -28.26
CA LEU A 169 -42.61 -1.79 -27.78
C LEU A 169 -42.17 -1.43 -26.32
N PRO A 170 -41.78 -2.45 -25.52
CA PRO A 170 -41.32 -2.12 -24.16
C PRO A 170 -39.96 -1.33 -24.13
N LEU A 171 -39.34 -1.12 -25.30
CA LEU A 171 -38.20 -0.16 -25.43
C LEU A 171 -38.68 1.30 -25.30
N VAL A 172 -39.98 1.52 -25.56
CA VAL A 172 -40.53 2.86 -25.62
C VAL A 172 -41.94 2.90 -25.03
N ALA A 176 -46.13 1.99 -25.32
CA ALA A 176 -46.10 2.57 -26.67
C ALA A 176 -47.48 2.97 -27.15
N GLY A 177 -48.09 2.11 -27.99
CA GLY A 177 -49.46 2.34 -28.49
C GLY A 177 -49.56 3.53 -29.44
N ASP A 178 -49.39 3.26 -30.75
CA ASP A 178 -49.67 4.25 -31.84
C ASP A 178 -48.39 4.71 -32.59
N VAL A 179 -48.58 5.19 -33.80
CA VAL A 179 -47.47 5.57 -34.72
C VAL A 179 -46.79 6.90 -34.32
N ASP A 180 -47.47 8.02 -34.58
CA ASP A 180 -46.92 9.34 -34.30
C ASP A 180 -46.47 9.46 -32.85
N GLY A 181 -47.22 8.83 -31.95
CA GLY A 181 -46.86 8.82 -30.52
C GLY A 181 -45.52 8.16 -30.24
N VAL A 182 -45.26 7.05 -30.93
CA VAL A 182 -43.99 6.33 -30.78
C VAL A 182 -42.80 7.15 -31.34
N ILE A 183 -43.00 7.80 -32.49
CA ILE A 183 -41.97 8.69 -33.06
C ILE A 183 -41.55 9.76 -32.05
N ALA A 184 -42.55 10.36 -31.39
CA ALA A 184 -42.30 11.40 -30.40
C ALA A 184 -41.48 10.86 -29.23
N ASP A 185 -41.86 9.67 -28.74
CA ASP A 185 -41.20 9.08 -27.56
C ASP A 185 -39.78 8.61 -27.89
N ILE A 186 -39.56 8.27 -29.16
CA ILE A 186 -38.25 8.00 -29.64
C ILE A 186 -37.40 9.29 -29.72
N HIS A 187 -37.96 10.32 -30.34
CA HIS A 187 -37.30 11.65 -30.38
C HIS A 187 -36.97 12.16 -28.98
N ARG A 188 -37.94 12.05 -28.07
CA ARG A 188 -37.71 12.34 -26.66
C ARG A 188 -36.47 11.59 -26.16
N HIS A 189 -36.51 10.27 -26.31
CA HIS A 189 -35.47 9.42 -25.76
C HIS A 189 -34.08 9.82 -26.31
N ASN A 190 -33.99 9.98 -27.62
CA ASN A 190 -32.72 10.17 -28.25
C ASN A 190 -32.10 11.50 -27.87
N ASP A 191 -32.94 12.49 -27.61
CA ASP A 191 -32.45 13.84 -27.29
C ASP A 191 -31.86 13.91 -25.88
N GLU A 192 -32.46 13.17 -24.95
CA GLU A 192 -31.88 12.99 -23.61
C GLU A 192 -30.48 12.44 -23.75
N ARG A 193 -30.37 11.35 -24.49
CA ARG A 193 -29.11 10.70 -24.74
C ARG A 193 -28.09 11.66 -25.42
N ARG A 194 -28.56 12.38 -26.44
CA ARG A 194 -27.66 13.22 -27.26
C ARG A 194 -26.96 14.27 -26.43
N ALA A 195 -27.62 14.73 -25.37
CA ALA A 195 -27.13 15.85 -24.59
C ALA A 195 -26.45 15.38 -23.35
N GLU A 196 -26.48 14.09 -23.11
CA GLU A 196 -25.66 13.49 -22.06
C GLU A 196 -24.19 13.79 -22.32
N ARG A 197 -23.39 13.67 -21.27
CA ARG A 197 -22.01 14.09 -21.34
C ARG A 197 -21.13 12.94 -21.75
N PRO A 198 -20.09 13.23 -22.53
CA PRO A 198 -19.19 12.22 -23.05
C PRO A 198 -18.35 11.55 -22.01
N LEU A 199 -17.75 10.45 -22.37
CA LEU A 199 -16.87 9.73 -21.50
C LEU A 199 -15.45 9.68 -22.13
N PHE A 200 -14.43 9.85 -21.31
CA PHE A 200 -13.05 9.63 -21.76
C PHE A 200 -12.51 8.38 -21.12
N LEU A 201 -11.76 7.61 -21.89
CA LEU A 201 -11.04 6.49 -21.36
C LEU A 201 -9.61 6.86 -21.10
N THR A 202 -9.11 6.47 -19.96
CA THR A 202 -7.69 6.65 -19.64
C THR A 202 -7.18 5.43 -18.90
N LEU A 203 -5.91 5.43 -18.54
CA LEU A 203 -5.31 4.27 -17.89
C LEU A 203 -5.17 4.49 -16.41
N ASP A 204 -5.13 3.40 -15.65
CA ASP A 204 -4.98 3.50 -14.17
C ASP A 204 -3.63 4.18 -13.87
N GLY A 205 -3.66 5.21 -13.01
CA GLY A 205 -2.46 5.92 -12.63
C GLY A 205 -2.09 7.00 -13.63
N SER A 206 -3.01 7.31 -14.53
CA SER A 206 -2.74 8.25 -15.57
C SER A 206 -2.57 9.63 -14.98
N PHE A 207 -1.69 10.41 -15.57
CA PHE A 207 -1.60 11.82 -15.29
C PHE A 207 -1.61 12.59 -16.59
N HIS A 208 -2.65 13.39 -16.80
CA HIS A 208 -2.81 14.12 -18.09
C HIS A 208 -2.96 15.65 -17.89
N GLY A 209 -2.83 16.10 -16.65
CA GLY A 209 -2.96 17.53 -16.33
C GLY A 209 -3.84 17.78 -15.12
N LYS A 210 -3.92 19.04 -14.73
CA LYS A 210 -4.61 19.40 -13.51
C LYS A 210 -5.56 20.57 -13.73
N LEU A 211 -5.91 20.85 -14.98
CA LEU A 211 -6.94 21.84 -15.26
C LEU A 211 -8.34 21.21 -15.21
N VAL A 212 -9.38 22.05 -15.33
CA VAL A 212 -10.78 21.60 -15.06
C VAL A 212 -11.17 20.36 -15.89
N GLY A 213 -10.83 20.40 -17.17
CA GLY A 213 -11.01 19.24 -18.04
C GLY A 213 -10.01 18.14 -17.75
N SER A 214 -8.73 18.49 -17.79
CA SER A 214 -7.66 17.48 -17.81
C SER A 214 -7.50 16.80 -16.44
N ILE A 215 -7.92 17.47 -15.35
CA ILE A 215 -7.84 16.86 -14.01
C ILE A 215 -8.74 15.62 -13.88
N GLN A 216 -9.91 15.65 -14.54
CA GLN A 216 -10.81 14.47 -14.59
C GLN A 216 -10.06 13.24 -15.17
N LEU A 217 -9.04 13.51 -15.98
CA LEU A 217 -8.28 12.43 -16.67
C LEU A 217 -7.05 11.99 -15.83
N THR A 218 -6.90 12.58 -14.65
CA THR A 218 -5.76 12.29 -13.80
C THR A 218 -6.19 11.44 -12.60
N GLN A 219 -5.57 10.28 -12.46
CA GLN A 219 -5.98 9.27 -11.46
C GLN A 219 -5.96 9.84 -10.04
N ASN A 220 -4.85 10.47 -9.67
CA ASN A 220 -4.57 10.77 -8.27
C ASN A 220 -5.78 11.33 -7.56
N GLU A 221 -6.18 10.69 -6.46
CA GLU A 221 -7.54 10.82 -5.93
C GLU A 221 -7.76 12.17 -5.21
N PRO A 222 -6.81 12.58 -4.32
CA PRO A 222 -6.97 13.88 -3.66
C PRO A 222 -6.85 15.07 -4.64
N TRP A 223 -6.19 14.85 -5.78
CA TRP A 223 -6.10 15.90 -6.84
C TRP A 223 -7.41 16.00 -7.65
N ARG A 224 -8.10 14.87 -7.82
CA ARG A 224 -9.26 14.79 -8.74
C ARG A 224 -10.60 14.95 -8.01
N THR A 225 -10.81 14.15 -6.96
CA THR A 225 -12.16 13.82 -6.50
C THR A 225 -12.93 15.07 -5.96
N PRO A 226 -12.18 16.09 -5.45
CA PRO A 226 -12.82 17.36 -5.08
C PRO A 226 -13.54 18.05 -6.25
N PHE A 227 -13.12 17.77 -7.50
CA PHE A 227 -13.55 18.56 -8.67
C PHE A 227 -14.42 17.74 -9.61
N THR A 228 -14.87 16.60 -9.12
CA THR A 228 -15.53 15.59 -9.94
C THR A 228 -16.75 16.16 -10.68
N ALA A 229 -17.49 17.03 -10.01
CA ALA A 229 -18.78 17.49 -10.54
C ALA A 229 -18.60 18.43 -11.75
N LEU A 230 -17.37 18.99 -11.92
CA LEU A 230 -17.13 20.09 -12.88
C LEU A 230 -17.23 19.62 -14.34
N SER A 231 -16.54 18.52 -14.66
CA SER A 231 -16.26 18.16 -16.07
C SER A 231 -16.51 16.65 -16.32
N SER A 232 -16.66 16.31 -17.61
CA SER A 232 -16.91 14.92 -18.01
C SER A 232 -15.91 13.98 -17.34
N PRO A 233 -16.39 12.81 -16.89
CA PRO A 233 -15.54 11.87 -16.22
C PRO A 233 -14.71 11.03 -17.18
N ALA A 234 -13.68 10.36 -16.65
CA ALA A 234 -12.97 9.32 -17.36
C ALA A 234 -13.06 8.02 -16.60
N ARG A 235 -13.10 6.90 -17.32
CA ARG A 235 -12.90 5.62 -16.72
C ARG A 235 -11.47 5.21 -16.80
N PHE A 236 -10.92 4.81 -15.67
CA PHE A 236 -9.57 4.43 -15.60
C PHE A 236 -9.43 2.94 -15.75
N LEU A 237 -8.96 2.52 -16.90
CA LEU A 237 -8.87 1.11 -17.20
C LEU A 237 -7.59 0.53 -16.60
N PRO A 238 -7.66 -0.73 -16.17
CA PRO A 238 -6.54 -1.36 -15.50
C PRO A 238 -5.49 -1.89 -16.46
N ALA A 239 -4.25 -1.41 -16.30
CA ALA A 239 -3.19 -1.64 -17.28
C ALA A 239 -2.66 -3.06 -17.24
N ASP A 240 -2.63 -3.65 -16.04
CA ASP A 240 -2.02 -4.99 -15.85
C ASP A 240 -3.00 -6.10 -16.27
N GLU A 241 -4.29 -5.75 -16.36
CA GLU A 241 -5.35 -6.72 -16.65
C GLU A 241 -6.18 -6.29 -17.87
N PRO A 242 -5.57 -6.35 -19.09
CA PRO A 242 -6.27 -5.96 -20.34
C PRO A 242 -7.58 -6.72 -20.53
N GLU A 243 -7.67 -7.91 -19.98
CA GLU A 243 -8.83 -8.77 -20.18
C GLU A 243 -10.09 -8.19 -19.49
N LEU A 244 -9.89 -7.36 -18.45
CA LEU A 244 -11.03 -6.67 -17.76
C LEU A 244 -11.52 -5.45 -18.54
N ILE A 245 -10.70 -4.96 -19.47
CA ILE A 245 -10.96 -3.67 -20.13
C ILE A 245 -12.15 -3.79 -21.09
N GLY A 246 -12.21 -4.90 -21.82
CA GLY A 246 -13.29 -5.16 -22.75
C GLY A 246 -14.64 -5.07 -22.12
N LYS A 247 -14.79 -5.72 -20.98
CA LYS A 247 -16.08 -5.74 -20.28
C LYS A 247 -16.45 -4.35 -19.78
N ILE A 248 -15.45 -3.60 -19.25
CA ILE A 248 -15.71 -2.27 -18.65
C ILE A 248 -16.23 -1.29 -19.71
N VAL A 249 -15.70 -1.38 -20.91
CA VAL A 249 -16.11 -0.48 -21.99
C VAL A 249 -17.48 -0.91 -22.54
N GLU A 250 -17.75 -2.21 -22.49
CA GLU A 250 -19.05 -2.75 -22.87
C GLU A 250 -20.15 -2.18 -21.97
N ASP A 251 -19.90 -2.19 -20.66
CA ASP A 251 -20.85 -1.60 -19.68
C ASP A 251 -21.23 -0.19 -20.03
N GLU A 252 -20.42 0.45 -20.85
CA GLU A 252 -20.58 1.85 -21.13
C GLU A 252 -21.30 2.10 -22.48
N ARG A 253 -21.58 1.04 -23.22
CA ARG A 253 -22.48 1.15 -24.40
C ARG A 253 -23.73 1.86 -24.03
N ARG A 254 -24.18 2.76 -24.89
CA ARG A 254 -25.50 3.33 -24.84
C ARG A 254 -26.09 3.37 -26.25
N SER A 255 -27.37 3.09 -26.37
CA SER A 255 -28.02 3.03 -27.68
C SER A 255 -28.96 4.17 -27.84
N VAL A 256 -29.30 4.45 -29.08
CA VAL A 256 -30.45 5.28 -29.40
C VAL A 256 -31.50 4.44 -30.11
N LEU A 257 -32.71 4.98 -30.20
CA LEU A 257 -33.83 4.24 -30.76
C LEU A 257 -34.13 4.73 -32.15
N THR A 258 -34.54 3.80 -33.01
CA THR A 258 -34.97 4.12 -34.34
C THR A 258 -36.01 3.08 -34.84
N LEU A 259 -36.56 3.32 -36.03
CA LEU A 259 -37.49 2.39 -36.65
C LEU A 259 -36.88 1.73 -37.87
N SER A 260 -36.81 0.38 -37.84
CA SER A 260 -36.18 -0.39 -38.94
C SER A 260 -37.24 -1.12 -39.75
N LEU A 261 -37.21 -0.92 -41.08
CA LEU A 261 -38.21 -1.54 -41.99
C LEU A 261 -37.69 -2.85 -42.58
N ASP A 262 -38.53 -3.89 -42.55
CA ASP A 262 -38.22 -5.15 -43.24
C ASP A 262 -39.26 -5.41 -44.36
N LYS A 263 -39.29 -4.51 -45.35
CA LYS A 263 -40.45 -4.39 -46.32
C LYS A 263 -41.84 -4.51 -45.63
N ASP A 264 -42.20 -5.74 -45.22
CA ASP A 264 -43.55 -6.02 -44.73
C ASP A 264 -43.77 -5.53 -43.28
N THR A 265 -42.74 -5.67 -42.44
CA THR A 265 -42.89 -5.47 -40.98
C THR A 265 -41.94 -4.34 -40.47
N VAL A 266 -42.40 -3.59 -39.45
CA VAL A 266 -41.64 -2.45 -38.89
C VAL A 266 -41.40 -2.65 -37.39
N ARG A 267 -40.15 -2.47 -36.96
CA ARG A 267 -39.79 -2.69 -35.56
C ARG A 267 -38.95 -1.52 -35.03
N VAL A 268 -39.20 -1.15 -33.78
CA VAL A 268 -38.28 -0.27 -33.05
C VAL A 268 -37.10 -1.07 -32.52
N VAL A 269 -35.91 -0.50 -32.63
CA VAL A 269 -34.69 -1.22 -32.33
C VAL A 269 -33.65 -0.30 -31.72
N GLU A 270 -32.73 -0.89 -30.95
CA GLU A 270 -31.60 -0.16 -30.39
C GLU A 270 -30.50 0.01 -31.45
N ARG A 271 -29.70 1.04 -31.29
CA ARG A 271 -28.69 1.40 -32.26
C ARG A 271 -27.57 2.17 -31.54
N ASP A 272 -26.32 1.87 -31.88
CA ASP A 272 -25.17 2.29 -31.06
C ASP A 272 -25.05 3.80 -30.98
N PHE A 273 -24.76 4.32 -29.80
CA PHE A 273 -24.47 5.74 -29.62
C PHE A 273 -22.99 5.92 -29.25
N PRO A 274 -22.32 6.90 -29.87
CA PRO A 274 -20.92 7.21 -29.50
C PRO A 274 -20.83 8.05 -28.22
N VAL A 275 -20.49 7.40 -27.11
CA VAL A 275 -20.36 8.08 -25.80
C VAL A 275 -18.91 8.43 -25.51
N VAL A 276 -17.99 7.61 -26.01
CA VAL A 276 -16.58 7.79 -25.75
C VAL A 276 -16.00 8.83 -26.74
N ALA A 277 -15.54 9.97 -26.23
CA ALA A 277 -14.98 11.05 -27.08
C ALA A 277 -13.54 10.76 -27.47
N ALA A 278 -12.74 10.27 -26.53
CA ALA A 278 -11.35 9.88 -26.84
C ALA A 278 -10.78 8.91 -25.81
N ILE A 279 -9.69 8.22 -26.22
CA ILE A 279 -8.86 7.36 -25.32
C ILE A 279 -7.47 8.01 -25.14
N PHE A 280 -7.09 8.28 -23.87
CA PHE A 280 -5.74 8.89 -23.58
C PHE A 280 -4.77 7.84 -23.06
N VAL A 281 -3.49 7.95 -23.47
CA VAL A 281 -2.43 7.02 -22.99
C VAL A 281 -1.08 7.70 -22.95
N GLU A 282 -0.30 7.37 -21.90
CA GLU A 282 1.12 7.77 -21.83
C GLU A 282 2.00 6.59 -22.13
N PRO A 283 2.92 6.74 -23.09
CA PRO A 283 3.91 5.71 -23.39
C PRO A 283 4.66 5.24 -22.16
N VAL A 284 4.92 6.16 -21.24
CA VAL A 284 5.52 5.83 -19.95
C VAL A 284 4.82 6.62 -18.87
N ARG A 285 4.37 5.92 -17.85
CA ARG A 285 3.27 6.41 -17.03
C ARG A 285 3.80 6.92 -15.69
N GLY A 286 3.96 8.25 -15.58
CA GLY A 286 4.46 8.88 -14.32
C GLY A 286 3.73 8.37 -13.08
N GLY A 287 2.39 8.48 -13.08
CA GLY A 287 1.59 8.27 -11.86
C GLY A 287 1.50 6.80 -11.43
N SER A 288 1.83 5.88 -12.35
CA SER A 288 2.04 4.45 -12.00
C SER A 288 3.50 4.17 -11.63
N GLY A 289 4.38 5.15 -11.85
CA GLY A 289 5.77 5.05 -11.44
C GLY A 289 6.71 4.68 -12.57
N MET A 290 6.56 5.36 -13.71
CA MET A 290 7.45 5.10 -14.89
C MET A 290 7.26 3.71 -15.46
N LYS A 291 6.05 3.21 -15.43
CA LYS A 291 5.76 1.93 -16.07
C LYS A 291 5.43 2.15 -17.54
N THR A 292 6.12 1.39 -18.40
CA THR A 292 5.91 1.48 -19.84
C THR A 292 4.70 0.65 -20.28
N VAL A 293 4.02 1.10 -21.32
CA VAL A 293 2.93 0.35 -21.92
C VAL A 293 3.46 -0.93 -22.56
N THR A 294 2.86 -2.05 -22.19
CA THR A 294 3.24 -3.35 -22.73
C THR A 294 2.63 -3.53 -24.10
N PRO A 295 3.25 -4.37 -24.94
CA PRO A 295 2.63 -4.71 -26.23
C PRO A 295 1.20 -5.19 -26.08
N GLU A 296 0.92 -5.98 -25.03
CA GLU A 296 -0.43 -6.47 -24.77
C GLU A 296 -1.41 -5.33 -24.65
N LEU A 297 -1.04 -4.32 -23.87
CA LEU A 297 -1.96 -3.22 -23.57
C LEU A 297 -2.15 -2.30 -24.81
N ALA A 298 -1.05 -2.03 -25.50
CA ALA A 298 -1.12 -1.26 -26.75
C ALA A 298 -2.13 -1.86 -27.68
N GLU A 299 -2.18 -3.17 -27.72
CA GLU A 299 -3.04 -3.85 -28.69
C GLU A 299 -4.50 -3.78 -28.25
N GLU A 300 -4.74 -3.86 -26.96
CA GLU A 300 -6.05 -3.61 -26.44
C GLU A 300 -6.53 -2.16 -26.78
N LEU A 301 -5.63 -1.18 -26.62
CA LEU A 301 -5.97 0.22 -26.91
C LEU A 301 -6.31 0.42 -28.39
N HIS A 302 -5.57 -0.27 -29.25
CA HIS A 302 -5.83 -0.22 -30.70
C HIS A 302 -7.19 -0.85 -31.04
N ARG A 303 -7.49 -1.99 -30.42
CA ARG A 303 -8.80 -2.59 -30.54
C ARG A 303 -9.87 -1.59 -30.18
N LEU A 304 -9.79 -1.04 -28.97
CA LEU A 304 -10.80 -0.11 -28.50
C LEU A 304 -11.01 1.01 -29.51
N ARG A 305 -9.90 1.57 -30.02
CA ARG A 305 -9.96 2.75 -30.89
C ARG A 305 -10.61 2.41 -32.22
N ASP A 306 -10.20 1.29 -32.80
CA ASP A 306 -10.89 0.73 -33.99
C ASP A 306 -12.38 0.47 -33.70
N THR A 307 -12.65 -0.13 -32.56
CA THR A 307 -13.99 -0.54 -32.22
C THR A 307 -14.93 0.66 -32.00
N LEU A 308 -14.47 1.69 -31.28
CA LEU A 308 -15.37 2.79 -30.79
C LEU A 308 -15.49 3.94 -31.79
N GLY A 309 -14.51 4.02 -32.71
CA GLY A 309 -14.49 5.06 -33.73
C GLY A 309 -13.91 6.41 -33.23
N CYS A 310 -13.46 6.44 -31.96
CA CYS A 310 -12.84 7.65 -31.38
C CYS A 310 -11.34 7.63 -31.55
N PRO A 311 -10.70 8.82 -31.51
CA PRO A 311 -9.24 8.94 -31.56
C PRO A 311 -8.55 8.34 -30.35
N LEU A 312 -7.40 7.72 -30.57
CA LEU A 312 -6.46 7.42 -29.51
C LEU A 312 -5.45 8.58 -29.35
N VAL A 313 -5.51 9.26 -28.18
CA VAL A 313 -4.63 10.39 -27.91
C VAL A 313 -3.42 9.96 -27.11
N VAL A 314 -2.23 10.18 -27.67
CA VAL A 314 -0.99 9.79 -27.04
C VAL A 314 -0.35 10.97 -26.38
N ASP A 315 -0.38 10.98 -25.06
CA ASP A 315 0.20 12.07 -24.27
C ASP A 315 1.76 11.87 -24.13
N GLU A 316 2.53 12.67 -24.85
CA GLU A 316 4.03 12.59 -24.81
C GLU A 316 4.62 13.85 -24.17
N VAL A 317 3.81 14.53 -23.39
CA VAL A 317 4.24 15.72 -22.73
C VAL A 317 5.54 15.50 -21.93
N GLN A 318 5.68 14.31 -21.35
CA GLN A 318 6.84 13.97 -20.52
C GLN A 318 7.85 13.07 -21.28
N THR A 319 7.33 12.10 -22.05
CA THR A 319 8.16 11.02 -22.67
C THR A 319 8.88 11.49 -23.92
N GLY A 320 8.50 12.67 -24.41
CA GLY A 320 8.93 13.11 -25.72
C GLY A 320 10.24 13.92 -25.70
N ILE A 321 10.62 14.42 -26.88
CA ILE A 321 11.86 15.10 -27.08
C ILE A 321 13.06 14.26 -26.60
N GLY A 322 12.98 12.94 -26.79
CA GLY A 322 14.17 12.12 -26.81
C GLY A 322 14.39 11.32 -25.55
N ARG A 323 13.70 11.70 -24.50
CA ARG A 323 14.03 11.21 -23.18
C ARG A 323 14.01 9.66 -23.11
N THR A 324 13.10 9.02 -23.86
CA THR A 324 13.01 7.52 -23.86
C THR A 324 14.08 6.90 -24.73
N GLY A 325 14.63 7.68 -25.66
CA GLY A 325 15.74 7.23 -26.50
C GLY A 325 15.33 7.11 -27.95
N ALA A 326 14.05 7.37 -28.20
CA ALA A 326 13.62 7.99 -29.45
C ALA A 326 12.97 9.32 -29.15
N PHE A 327 12.69 10.09 -30.19
CA PHE A 327 11.94 11.31 -30.03
C PHE A 327 10.60 11.00 -29.47
N PHE A 328 9.85 10.15 -30.16
CA PHE A 328 8.52 9.74 -29.69
C PHE A 328 8.59 8.40 -28.94
N GLY A 329 8.24 8.41 -27.65
CA GLY A 329 8.11 7.16 -26.86
C GLY A 329 7.12 6.18 -27.48
N SER A 330 6.02 6.70 -27.99
CA SER A 330 4.99 5.88 -28.68
C SER A 330 5.59 5.03 -29.85
N ALA A 331 6.53 5.60 -30.57
CA ALA A 331 7.15 4.93 -31.70
C ALA A 331 8.07 3.83 -31.22
N LEU A 332 8.88 4.15 -30.23
CA LEU A 332 9.62 3.14 -29.50
C LEU A 332 8.71 1.94 -29.17
N LEU A 333 7.54 2.23 -28.60
CA LEU A 333 6.74 1.19 -27.91
C LEU A 333 5.66 0.63 -28.78
N GLY A 334 5.42 1.25 -29.93
CA GLY A 334 4.49 0.71 -30.90
C GLY A 334 3.06 1.16 -30.70
N ILE A 335 2.87 2.32 -30.08
CA ILE A 335 1.51 2.89 -29.92
C ILE A 335 1.15 3.79 -31.10
N ARG A 336 0.24 3.31 -31.94
CA ARG A 336 -0.22 4.05 -33.09
C ARG A 336 -1.40 4.94 -32.73
N GLY A 337 -1.12 6.13 -32.25
CA GLY A 337 -2.18 7.09 -31.88
C GLY A 337 -2.69 7.86 -33.08
N ASP A 338 -3.76 8.63 -32.87
CA ASP A 338 -4.32 9.48 -33.91
C ASP A 338 -4.00 10.98 -33.62
N TYR A 339 -4.06 11.38 -32.32
CA TYR A 339 -3.48 12.72 -31.85
C TYR A 339 -2.28 12.48 -31.01
N TYR A 340 -1.31 13.40 -31.07
CA TYR A 340 -0.17 13.41 -30.14
C TYR A 340 -0.05 14.79 -29.51
N THR A 341 0.47 14.84 -28.30
CA THR A 341 0.76 16.11 -27.66
C THR A 341 2.15 16.12 -27.12
N LEU A 342 2.74 17.33 -27.03
CA LEU A 342 4.15 17.51 -26.61
C LEU A 342 4.28 18.81 -25.76
N ALA A 343 5.23 18.82 -24.81
CA ALA A 343 5.51 20.03 -24.02
C ALA A 343 6.89 19.94 -23.28
N LYS A 344 6.91 20.40 -22.03
CA LYS A 344 8.08 20.24 -21.12
C LYS A 344 9.44 20.63 -21.83
N ALA A 345 10.09 19.67 -22.45
CA ALA A 345 11.47 19.87 -22.91
C ALA A 345 11.54 20.75 -24.16
N ILE A 346 10.40 21.01 -24.78
CA ILE A 346 10.35 21.76 -26.03
C ILE A 346 10.50 23.25 -25.75
N GLY A 347 10.32 23.63 -24.49
CA GLY A 347 10.56 24.99 -24.07
C GLY A 347 12.02 25.25 -23.76
N GLY A 348 12.85 24.22 -23.87
CA GLY A 348 14.30 24.39 -23.83
C GLY A 348 14.83 24.64 -22.43
N GLY A 349 13.96 24.54 -21.45
CA GLY A 349 14.34 24.76 -20.06
C GLY A 349 14.20 26.20 -19.62
N ILE A 350 13.72 27.04 -20.51
CA ILE A 350 13.63 28.46 -20.20
C ILE A 350 12.25 29.07 -20.52
N VAL A 351 11.58 28.58 -21.55
CA VAL A 351 10.24 29.12 -21.91
C VAL A 351 9.14 28.04 -21.89
N LYS A 352 7.89 28.47 -22.13
CA LYS A 352 6.70 27.58 -22.00
C LYS A 352 6.02 27.42 -23.33
N ASN A 353 5.96 26.20 -23.81
CA ASN A 353 5.40 25.89 -25.12
C ASN A 353 4.84 24.45 -25.13
N SER A 354 3.87 24.21 -26.01
CA SER A 354 3.29 22.90 -26.16
C SER A 354 2.53 22.82 -27.47
N VAL A 355 2.24 21.62 -27.90
CA VAL A 355 1.65 21.43 -29.20
C VAL A 355 0.78 20.16 -29.24
N ALA A 356 -0.36 20.27 -29.91
CA ALA A 356 -1.15 19.11 -30.26
C ALA A 356 -0.95 18.79 -31.73
N LEU A 357 -0.67 17.52 -32.03
CA LEU A 357 -0.57 17.06 -33.41
C LEU A 357 -1.73 16.17 -33.71
N ILE A 358 -2.49 16.51 -34.74
CA ILE A 358 -3.73 15.81 -35.04
C ILE A 358 -3.73 15.41 -36.51
N ARG A 359 -4.08 14.18 -36.78
CA ARG A 359 -3.91 13.63 -38.10
C ARG A 359 -4.86 14.31 -39.07
N GLN A 360 -4.40 14.52 -40.28
CA GLN A 360 -4.99 15.50 -41.15
C GLN A 360 -6.24 14.96 -41.80
N ASP A 361 -6.37 13.64 -41.87
CA ASP A 361 -7.62 13.03 -42.35
C ASP A 361 -8.75 13.02 -41.27
N ARG A 362 -8.41 13.33 -40.04
CA ARG A 362 -9.40 13.50 -38.96
C ARG A 362 -9.65 14.97 -38.65
N PHE A 363 -8.75 15.83 -39.10
CA PHE A 363 -8.73 17.19 -38.63
C PHE A 363 -9.87 17.97 -39.17
N LEU A 364 -10.45 18.81 -38.33
CA LEU A 364 -11.59 19.56 -38.69
C LEU A 364 -11.26 21.01 -38.68
N PRO A 365 -11.43 21.68 -39.81
CA PRO A 365 -10.75 22.94 -40.06
C PRO A 365 -11.28 24.07 -39.17
N ALA A 366 -12.53 23.94 -38.71
CA ALA A 366 -13.11 24.85 -37.71
C ALA A 366 -12.14 25.09 -36.55
N MET A 367 -11.51 24.02 -36.08
CA MET A 367 -10.67 24.08 -34.89
C MET A 367 -9.61 25.20 -35.02
N GLU A 368 -9.16 25.45 -36.24
CA GLU A 368 -8.00 26.34 -36.49
C GLU A 368 -8.36 27.81 -36.32
N VAL A 369 -9.65 28.12 -36.40
CA VAL A 369 -10.13 29.51 -36.25
C VAL A 369 -11.09 29.72 -35.07
N ILE A 370 -11.52 28.62 -34.41
CA ILE A 370 -12.42 28.76 -33.21
C ILE A 370 -11.73 28.47 -31.92
N HIS A 371 -10.52 27.92 -32.00
CA HIS A 371 -9.64 27.90 -30.85
C HIS A 371 -8.47 28.85 -31.05
N SER A 372 -8.09 29.52 -29.98
CA SER A 372 -6.97 30.42 -29.98
C SER A 372 -6.53 30.68 -28.55
N SER A 373 -5.42 31.38 -28.39
CA SER A 373 -4.92 31.72 -27.06
C SER A 373 -3.89 32.82 -27.18
N THR A 374 -3.93 33.76 -26.26
CA THR A 374 -3.12 35.00 -26.39
C THR A 374 -1.63 34.69 -26.49
N PHE A 375 -1.14 33.82 -25.60
CA PHE A 375 0.28 33.54 -25.49
C PHE A 375 0.73 32.48 -26.51
N ALA A 376 -0.21 31.76 -27.07
CA ALA A 376 0.13 30.59 -27.84
C ALA A 376 0.69 31.00 -29.16
N LYS A 377 1.75 30.30 -29.58
CA LYS A 377 2.31 30.49 -30.94
C LYS A 377 3.18 31.76 -31.00
N ASP A 378 3.50 32.32 -29.81
CA ASP A 378 4.35 33.48 -29.74
C ASP A 378 5.66 33.21 -30.44
N GLY A 379 6.32 34.29 -30.89
CA GLY A 379 7.54 34.19 -31.69
C GLY A 379 8.74 33.66 -30.91
N LEU A 380 8.82 33.98 -29.62
CA LEU A 380 10.01 33.68 -28.85
C LEU A 380 10.09 32.19 -28.52
N SER A 381 8.98 31.63 -28.04
CA SER A 381 8.91 30.21 -27.78
C SER A 381 9.01 29.42 -29.09
N ALA A 382 8.38 29.92 -30.12
CA ALA A 382 8.52 29.33 -31.43
C ALA A 382 10.02 29.16 -31.79
N SER A 383 10.77 30.26 -31.77
CA SER A 383 12.20 30.23 -32.20
C SER A 383 13.01 29.25 -31.35
N ILE A 384 12.77 29.28 -30.07
CA ILE A 384 13.43 28.37 -29.17
C ILE A 384 13.03 26.90 -29.46
N ALA A 385 11.77 26.67 -29.85
CA ALA A 385 11.32 25.29 -30.27
C ALA A 385 12.12 24.78 -31.48
N LEU A 386 12.28 25.63 -32.49
CA LEU A 386 13.11 25.28 -33.64
C LEU A 386 14.52 24.97 -33.23
N LYS A 387 15.04 25.71 -32.25
CA LYS A 387 16.40 25.43 -31.73
C LYS A 387 16.48 24.05 -31.09
N VAL A 388 15.63 23.81 -30.09
CA VAL A 388 15.59 22.49 -29.41
C VAL A 388 15.50 21.31 -30.43
N LEU A 389 14.68 21.49 -31.48
CA LEU A 389 14.52 20.45 -32.50
C LEU A 389 15.77 20.28 -33.31
N GLU A 390 16.37 21.40 -33.69
CA GLU A 390 17.72 21.40 -34.25
C GLU A 390 18.66 20.52 -33.42
N MET A 391 18.67 20.73 -32.11
CA MET A 391 19.71 20.15 -31.24
C MET A 391 19.54 18.65 -31.04
N VAL A 392 18.30 18.20 -30.86
CA VAL A 392 18.03 16.77 -30.64
C VAL A 392 18.21 15.94 -31.95
N GLU A 393 18.09 16.59 -33.10
CA GLU A 393 18.22 15.91 -34.39
C GLU A 393 19.66 15.94 -34.92
N ALA A 394 20.52 16.72 -34.30
CA ALA A 394 21.86 17.00 -34.88
C ALA A 394 22.69 15.71 -35.07
N ASP A 395 23.58 15.75 -36.07
CA ASP A 395 24.61 14.73 -36.25
C ASP A 395 23.99 13.36 -36.39
N GLY A 396 23.07 13.24 -37.34
CA GLY A 396 22.56 11.94 -37.78
C GLY A 396 21.77 11.20 -36.72
N GLY A 397 21.38 11.93 -35.65
CA GLY A 397 20.61 11.32 -34.55
C GLY A 397 21.50 10.74 -33.45
N ARG A 398 22.65 11.36 -33.23
CA ARG A 398 23.61 10.85 -32.27
C ARG A 398 23.15 11.16 -30.82
N VAL A 399 22.23 12.11 -30.68
CA VAL A 399 21.74 12.53 -29.38
C VAL A 399 20.90 11.45 -28.74
N TYR A 400 20.06 10.79 -29.55
CA TYR A 400 19.24 9.66 -29.06
C TYR A 400 20.14 8.53 -28.63
N GLN A 401 21.23 8.33 -29.37
CA GLN A 401 22.17 7.25 -29.07
C GLN A 401 22.82 7.50 -27.75
N ARG A 402 23.11 8.77 -27.46
CA ARG A 402 23.66 9.16 -26.18
C ARG A 402 22.62 9.04 -25.04
N VAL A 403 21.36 9.39 -25.33
CA VAL A 403 20.26 9.18 -24.36
C VAL A 403 20.14 7.72 -24.00
N ARG A 404 20.25 6.85 -25.00
CA ARG A 404 20.05 5.43 -24.79
C ARG A 404 21.15 4.86 -23.91
N GLU A 405 22.42 5.23 -24.21
CA GLU A 405 23.58 4.63 -23.53
C GLU A 405 23.79 5.21 -22.14
N ARG A 406 23.49 6.52 -21.97
CA ARG A 406 23.42 7.13 -20.60
C ARG A 406 22.30 6.47 -19.76
N GLY A 407 21.15 6.23 -20.41
CA GLY A 407 20.03 5.53 -19.75
C GLY A 407 20.39 4.12 -19.34
N GLN A 408 21.13 3.40 -20.23
CA GLN A 408 21.57 2.02 -19.94
C GLN A 408 22.47 1.99 -18.72
N ARG A 409 23.45 2.90 -18.69
CA ARG A 409 24.33 3.03 -17.54
C ARG A 409 23.52 3.20 -16.24
N LEU A 410 22.60 4.14 -16.25
CA LEU A 410 21.87 4.54 -15.04
C LEU A 410 20.90 3.45 -14.59
N GLU A 411 20.34 2.72 -15.55
CA GLU A 411 19.44 1.61 -15.24
C GLU A 411 20.20 0.47 -14.59
N ALA A 412 21.46 0.30 -14.97
CA ALA A 412 22.26 -0.81 -14.50
C ALA A 412 22.62 -0.62 -13.05
N MET A 413 23.06 0.56 -12.69
CA MET A 413 23.45 0.82 -11.30
C MET A 413 22.23 0.86 -10.41
N LEU A 414 21.10 1.30 -10.96
CA LEU A 414 19.83 1.20 -10.28
C LEU A 414 19.45 -0.28 -10.05
N GLU A 415 19.57 -1.09 -11.10
CA GLU A 415 19.29 -2.54 -11.01
C GLU A 415 20.25 -3.22 -10.00
N SER A 416 21.48 -2.74 -9.94
CA SER A 416 22.50 -3.32 -9.07
C SER A 416 22.27 -2.93 -7.60
N VAL A 417 21.67 -1.76 -7.38
CA VAL A 417 21.29 -1.34 -6.02
C VAL A 417 20.09 -2.18 -5.52
N ARG A 418 19.07 -2.28 -6.35
CA ARG A 418 17.94 -3.19 -6.09
C ARG A 418 18.42 -4.54 -5.61
N ALA A 419 19.33 -5.15 -6.38
CA ALA A 419 19.78 -6.53 -6.12
C ALA A 419 20.32 -6.68 -4.70
N ASP A 420 21.01 -5.64 -4.21
CA ASP A 420 21.59 -5.68 -2.87
C ASP A 420 20.64 -5.12 -1.81
N HIS A 421 19.55 -4.52 -2.24
CA HIS A 421 18.61 -3.88 -1.33
C HIS A 421 17.17 -4.23 -1.69
N SER A 422 16.96 -5.46 -2.16
CA SER A 422 15.62 -5.91 -2.58
C SER A 422 14.63 -6.01 -1.40
N ASP A 423 15.15 -6.01 -0.18
CA ASP A 423 14.31 -5.97 1.02
C ASP A 423 13.59 -4.60 1.17
N VAL A 424 14.04 -3.60 0.40
CA VAL A 424 13.42 -2.26 0.45
C VAL A 424 13.02 -1.74 -0.97
N VAL A 425 13.71 -2.22 -2.00
CA VAL A 425 13.37 -1.88 -3.38
C VAL A 425 12.68 -3.08 -4.09
N SER A 426 11.51 -2.80 -4.70
CA SER A 426 10.71 -3.85 -5.36
C SER A 426 11.14 -4.06 -6.81
N ALA A 427 11.45 -2.96 -7.50
CA ALA A 427 11.51 -2.96 -8.94
C ALA A 427 12.25 -1.75 -9.47
N VAL A 428 12.86 -1.89 -10.65
CA VAL A 428 13.22 -0.74 -11.48
C VAL A 428 12.32 -0.66 -12.68
N TRP A 429 11.75 0.52 -12.90
CA TRP A 429 10.80 0.75 -14.00
C TRP A 429 11.34 1.84 -14.95
N GLY A 430 10.82 1.86 -16.17
CA GLY A 430 11.04 2.98 -17.09
C GLY A 430 11.90 2.57 -18.25
N THR A 431 12.33 3.55 -19.03
CA THR A 431 13.17 3.29 -20.17
C THR A 431 13.87 4.58 -20.60
N GLY A 432 15.05 4.44 -21.20
CA GLY A 432 15.87 5.61 -21.55
C GLY A 432 16.36 6.34 -20.32
N LEU A 433 16.30 7.68 -20.36
CA LEU A 433 16.63 8.51 -19.16
C LEU A 433 15.38 8.88 -18.39
N MET A 434 14.46 7.95 -18.28
CA MET A 434 13.22 8.16 -17.60
C MET A 434 12.88 6.97 -16.73
N LEU A 435 13.46 6.95 -15.53
CA LEU A 435 13.55 5.74 -14.74
C LEU A 435 13.02 5.99 -13.35
N ALA A 436 12.74 4.91 -12.61
CA ALA A 436 12.31 5.02 -11.20
C ALA A 436 12.59 3.74 -10.42
N LEU A 437 12.87 3.88 -9.10
CA LEU A 437 12.82 2.74 -8.14
C LEU A 437 11.48 2.67 -7.47
N GLU A 438 10.92 1.45 -7.34
CA GLU A 438 9.73 1.23 -6.53
C GLU A 438 10.13 0.82 -5.10
N LEU A 439 9.66 1.57 -4.10
CA LEU A 439 9.93 1.26 -2.69
C LEU A 439 8.90 0.26 -2.16
N ARG A 440 9.34 -0.64 -1.29
CA ARG A 440 8.42 -1.56 -0.60
C ARG A 440 7.66 -0.84 0.47
N ASP A 441 6.40 -1.23 0.66
CA ASP A 441 5.53 -0.57 1.63
C ASP A 441 6.19 -0.56 3.02
N GLN A 442 6.17 0.59 3.67
CA GLN A 442 6.79 0.77 4.98
C GLN A 442 5.75 1.15 6.03
N SER A 443 4.48 0.93 5.72
CA SER A 443 3.41 1.25 6.65
C SER A 443 3.47 0.35 7.90
N ASN A 444 4.15 -0.79 7.79
CA ASN A 444 4.34 -1.70 8.92
C ASN A 444 5.73 -1.59 9.53
N ALA A 445 6.37 -0.45 9.35
CA ALA A 445 7.78 -0.32 9.65
C ALA A 445 8.00 -0.30 11.14
N THR A 446 9.20 -0.73 11.56
CA THR A 446 9.56 -0.77 12.96
C THR A 446 9.56 0.62 13.54
N SER A 447 10.45 1.46 13.02
CA SER A 447 10.52 2.85 13.45
C SER A 447 9.15 3.48 13.40
N GLN A 448 8.74 4.08 14.50
CA GLN A 448 7.46 4.74 14.56
C GLN A 448 7.42 5.98 13.62
N ALA A 449 8.52 6.72 13.54
CA ALA A 449 8.56 7.95 12.76
C ALA A 449 8.51 7.66 11.25
N ILE A 450 9.18 6.59 10.84
CA ILE A 450 9.13 6.15 9.42
C ILE A 450 7.73 5.70 9.05
N ARG A 451 7.16 4.88 9.93
CA ARG A 451 5.87 4.25 9.67
C ARG A 451 4.76 5.30 9.59
N GLU A 452 4.83 6.29 10.46
CA GLU A 452 3.86 7.37 10.46
C GLU A 452 3.92 8.15 9.11
N LYS A 453 5.14 8.44 8.64
CA LYS A 453 5.31 9.12 7.34
C LYS A 453 4.74 8.26 6.20
N ALA A 454 5.08 6.98 6.21
CA ALA A 454 4.57 6.05 5.19
C ALA A 454 3.04 6.01 5.20
N ALA A 455 2.46 6.01 6.39
CA ALA A 455 0.99 6.01 6.53
C ALA A 455 0.40 7.27 5.92
N HIS A 456 1.07 8.40 6.12
CA HIS A 456 0.60 9.68 5.59
C HIS A 456 0.86 9.81 4.05
N GLY A 457 1.56 8.84 3.48
CA GLY A 457 1.92 8.87 2.04
C GLY A 457 3.19 9.69 1.73
N PHE A 458 3.98 10.01 2.77
CA PHE A 458 5.11 10.96 2.64
C PHE A 458 6.47 10.28 2.66
N LEU A 459 6.49 8.97 2.49
CA LEU A 459 7.73 8.21 2.65
C LEU A 459 8.79 8.69 1.67
N GLY A 460 8.44 8.76 0.38
CA GLY A 460 9.40 9.08 -0.68
C GLY A 460 10.02 10.46 -0.50
N TYR A 461 9.19 11.41 -0.10
CA TYR A 461 9.64 12.75 0.12
C TYR A 461 10.63 12.79 1.24
N VAL A 462 10.38 12.00 2.28
CA VAL A 462 11.29 11.91 3.43
C VAL A 462 12.66 11.36 3.00
N LEU A 463 12.64 10.30 2.20
CA LEU A 463 13.86 9.71 1.70
C LEU A 463 14.62 10.71 0.83
N ALA A 464 13.86 11.52 0.08
CA ALA A 464 14.48 12.53 -0.80
C ALA A 464 15.16 13.62 -0.01
N GLY A 465 14.65 13.88 1.18
CA GLY A 465 15.30 14.83 2.11
C GLY A 465 16.60 14.30 2.68
N PHE A 466 16.66 13.00 2.90
CA PHE A 466 17.90 12.36 3.33
C PHE A 466 18.94 12.51 2.24
N LEU A 467 18.58 12.12 1.03
CA LEU A 467 19.46 12.22 -0.11
C LEU A 467 20.00 13.65 -0.27
N LEU A 468 19.15 14.63 0.00
CA LEU A 468 19.54 16.02 -0.19
C LEU A 468 20.59 16.43 0.83
N ARG A 469 20.24 16.28 2.11
CA ARG A 469 21.01 16.92 3.19
C ARG A 469 22.32 16.17 3.48
N GLU A 470 22.39 14.89 3.09
CA GLU A 470 23.52 14.05 3.47
C GLU A 470 24.38 13.67 2.30
N HIS A 471 23.83 13.78 1.09
CA HIS A 471 24.59 13.45 -0.14
C HIS A 471 24.47 14.54 -1.24
N HIS A 472 23.79 15.64 -0.92
CA HIS A 472 23.63 16.72 -1.84
C HIS A 472 23.18 16.20 -3.21
N ILE A 473 22.13 15.41 -3.20
CA ILE A 473 21.50 14.97 -4.40
C ILE A 473 20.03 15.28 -4.35
N ARG A 474 19.50 15.80 -5.46
CA ARG A 474 18.07 16.18 -5.56
C ARG A 474 17.31 15.15 -6.36
N VAL A 475 16.53 14.35 -5.66
CA VAL A 475 15.58 13.48 -6.27
C VAL A 475 14.17 13.87 -5.79
N LEU A 476 13.16 13.62 -6.62
CA LEU A 476 11.76 13.75 -6.19
C LEU A 476 10.98 12.48 -6.42
N PRO A 477 10.04 12.17 -5.53
CA PRO A 477 9.24 10.96 -5.67
C PRO A 477 8.23 11.04 -6.80
N ALA A 478 7.74 9.89 -7.23
CA ALA A 478 6.54 9.80 -8.07
C ALA A 478 5.51 8.85 -7.45
N GLY A 479 4.31 8.85 -7.97
CA GLY A 479 3.31 7.87 -7.61
C GLY A 479 2.41 8.39 -6.54
N PRO A 480 1.24 7.74 -6.37
CA PRO A 480 0.11 8.28 -5.57
C PRO A 480 0.37 8.30 -4.04
N ARG A 481 1.23 7.39 -3.56
CA ARG A 481 1.64 7.38 -2.17
C ARG A 481 3.14 7.72 -2.06
N SER A 482 3.63 8.50 -3.01
CA SER A 482 5.05 8.87 -3.07
C SER A 482 5.92 7.63 -2.84
N GLY A 483 5.53 6.52 -3.49
CA GLY A 483 6.19 5.25 -3.27
C GLY A 483 7.22 4.92 -4.34
N PHE A 484 7.49 5.86 -5.23
CA PHE A 484 8.61 5.71 -6.19
C PHE A 484 9.59 6.88 -6.08
N LEU A 485 10.85 6.64 -6.46
CA LEU A 485 11.81 7.70 -6.62
C LEU A 485 12.15 7.85 -8.06
N ARG A 486 12.08 9.10 -8.56
CA ARG A 486 12.25 9.37 -9.98
C ARG A 486 13.71 9.68 -10.30
N PHE A 487 14.18 9.20 -11.44
CA PHE A 487 15.45 9.66 -12.01
C PHE A 487 15.25 9.99 -13.45
N SER A 488 15.32 11.27 -13.76
CA SER A 488 15.22 11.72 -15.13
C SER A 488 16.17 12.89 -15.34
N PRO A 489 17.48 12.64 -15.25
CA PRO A 489 18.52 13.66 -15.44
C PRO A 489 18.70 14.02 -16.89
N SER A 490 19.62 14.93 -17.16
CA SER A 490 19.93 15.32 -18.52
C SER A 490 20.86 14.32 -19.13
N LEU A 491 21.00 14.39 -20.44
CA LEU A 491 21.86 13.45 -21.17
C LEU A 491 23.37 13.72 -20.95
N TYR A 492 23.67 14.79 -20.19
CA TYR A 492 25.06 15.15 -19.89
C TYR A 492 25.49 14.57 -18.53
N ILE A 493 24.66 13.74 -17.94
CA ILE A 493 24.98 13.12 -16.65
C ILE A 493 26.27 12.29 -16.77
N THR A 494 27.23 12.56 -15.91
CA THR A 494 28.56 11.92 -16.02
C THR A 494 28.60 10.64 -15.21
N ASP A 495 29.55 9.77 -15.54
CA ASP A 495 29.74 8.50 -14.81
C ASP A 495 30.01 8.76 -13.32
N GLU A 496 30.79 9.79 -13.04
CA GLU A 496 31.14 10.13 -11.65
C GLU A 496 29.90 10.59 -10.89
N GLU A 497 28.99 11.27 -11.58
CA GLU A 497 27.71 11.68 -11.00
C GLU A 497 26.81 10.46 -10.76
N ILE A 498 26.86 9.51 -11.67
CA ILE A 498 26.09 8.28 -11.53
C ILE A 498 26.64 7.42 -10.38
N ASP A 499 27.98 7.45 -10.19
CA ASP A 499 28.65 6.77 -9.03
C ASP A 499 28.26 7.42 -7.71
N ARG A 500 28.30 8.73 -7.67
CA ARG A 500 27.92 9.49 -6.47
C ARG A 500 26.45 9.20 -6.09
N THR A 501 25.62 8.90 -7.09
CA THR A 501 24.23 8.55 -6.85
C THR A 501 24.11 7.11 -6.32
N GLU A 502 24.86 6.20 -6.90
CA GLU A 502 24.92 4.83 -6.38
C GLU A 502 25.33 4.79 -4.89
N THR A 503 26.40 5.52 -4.56
CA THR A 503 26.82 5.66 -3.14
C THR A 503 25.68 6.20 -2.29
N ALA A 504 25.02 7.25 -2.79
CA ALA A 504 23.94 7.92 -2.03
C ALA A 504 22.80 6.96 -1.73
N LEU A 505 22.45 6.14 -2.72
CA LEU A 505 21.29 5.25 -2.62
C LEU A 505 21.58 4.09 -1.68
N ARG A 506 22.72 3.44 -1.88
CA ARG A 506 23.16 2.35 -0.96
C ARG A 506 23.15 2.84 0.49
N SER A 507 23.66 4.04 0.71
CA SER A 507 23.60 4.66 2.05
C SER A 507 22.14 4.78 2.52
N LEU A 508 21.28 5.27 1.65
CA LEU A 508 19.88 5.50 2.02
C LEU A 508 19.19 4.20 2.40
N PHE A 509 19.38 3.19 1.56
CA PHE A 509 18.64 1.96 1.66
C PHE A 509 19.25 1.04 2.71
N THR A 510 20.44 1.40 3.20
CA THR A 510 21.01 0.76 4.40
C THR A 510 20.42 1.36 5.69
N ALA A 511 20.30 2.68 5.73
CA ALA A 511 19.60 3.34 6.82
C ALA A 511 18.13 2.89 6.91
N LEU A 512 17.47 2.73 5.76
CA LEU A 512 16.09 2.29 5.76
C LEU A 512 15.99 0.84 6.26
N ARG A 513 16.87 -0.02 5.75
CA ARG A 513 16.98 -1.39 6.27
C ARG A 513 17.13 -1.40 7.82
N ASP A 514 18.08 -0.63 8.32
CA ASP A 514 18.32 -0.54 9.76
C ASP A 514 17.14 0.13 10.51
N GLN A 515 16.23 0.72 9.75
CA GLN A 515 15.07 1.42 10.33
C GLN A 515 15.51 2.58 11.21
N ASP A 516 16.39 3.41 10.68
CA ASP A 516 17.03 4.47 11.47
C ASP A 516 16.26 5.79 11.33
N GLY A 517 15.05 5.82 11.89
CA GLY A 517 14.15 6.95 11.71
C GLY A 517 14.64 8.26 12.35
N ASP A 518 15.63 8.17 13.23
CA ASP A 518 16.34 9.37 13.73
C ASP A 518 17.08 10.07 12.58
N ARG A 519 17.62 9.29 11.67
CA ARG A 519 18.46 9.80 10.63
C ARG A 519 17.61 10.20 9.41
N LEU A 520 16.46 9.54 9.25
CA LEU A 520 15.67 9.66 8.04
C LEU A 520 14.60 10.70 8.21
N VAL A 521 13.94 10.67 9.35
CA VAL A 521 12.89 11.60 9.63
C VAL A 521 13.40 12.69 10.53
N LEU A 522 13.16 13.92 10.18
CA LEU A 522 13.57 15.05 11.06
C LEU A 522 12.61 15.24 12.23
N GLU B 7 0.43 22.15 -52.31
CA GLU B 7 1.59 21.46 -51.66
C GLU B 7 1.27 21.13 -50.18
N PRO B 8 2.06 20.20 -49.57
CA PRO B 8 1.87 19.83 -48.17
C PRO B 8 1.92 21.02 -47.22
N VAL B 9 1.14 20.94 -46.15
CA VAL B 9 0.93 22.04 -45.26
C VAL B 9 0.54 21.52 -43.87
N TYR B 10 1.31 21.95 -42.86
CA TYR B 10 1.36 21.27 -41.57
C TYR B 10 0.80 22.15 -40.42
N ALA B 11 0.38 23.37 -40.76
CA ALA B 11 -0.34 24.23 -39.84
C ALA B 11 -0.95 25.43 -40.59
N ASP B 12 -2.02 26.00 -40.03
CA ASP B 12 -2.38 27.39 -40.28
C ASP B 12 -3.03 27.59 -41.69
N ALA B 13 -3.17 26.52 -42.46
CA ALA B 13 -3.64 26.65 -43.85
C ALA B 13 -4.95 27.46 -43.91
N VAL B 14 -5.94 27.03 -43.15
CA VAL B 14 -7.24 27.67 -43.18
C VAL B 14 -7.15 29.06 -42.55
N LEU B 15 -6.51 29.14 -41.39
CA LEU B 15 -6.29 30.45 -40.72
C LEU B 15 -5.60 31.47 -41.67
N ASN B 16 -4.58 31.01 -42.38
CA ASN B 16 -3.86 31.88 -43.32
C ASN B 16 -4.69 32.26 -44.55
N GLY B 17 -5.39 31.29 -45.12
CA GLY B 17 -6.30 31.56 -46.23
C GLY B 17 -7.27 32.64 -45.86
N TRP B 18 -7.85 32.53 -44.68
CA TRP B 18 -8.84 33.47 -44.25
C TRP B 18 -8.24 34.89 -44.06
N LEU B 19 -7.08 34.97 -43.42
CA LEU B 19 -6.44 36.27 -43.15
C LEU B 19 -6.13 36.99 -44.45
N THR B 20 -5.70 36.23 -45.44
CA THR B 20 -5.35 36.81 -46.72
C THR B 20 -6.56 37.48 -47.38
N SER B 21 -7.69 36.79 -47.36
CA SER B 21 -8.90 37.32 -48.00
C SER B 21 -9.45 38.55 -47.26
N MET B 22 -9.25 38.59 -45.94
CA MET B 22 -9.62 39.78 -45.13
C MET B 22 -8.69 40.95 -45.43
N GLY B 23 -7.56 40.67 -46.10
CA GLY B 23 -6.53 41.68 -46.38
C GLY B 23 -5.50 41.77 -45.28
N LEU B 24 -5.32 40.68 -44.54
CA LEU B 24 -4.48 40.70 -43.32
C LEU B 24 -3.36 39.67 -43.38
N GLY B 25 -3.16 39.08 -44.55
CA GLY B 25 -2.10 38.14 -44.74
C GLY B 25 -0.77 38.83 -44.81
N VAL B 26 -0.12 38.96 -43.66
CA VAL B 26 1.17 39.58 -43.60
C VAL B 26 2.01 38.96 -42.46
N GLU B 27 3.32 38.93 -42.66
CA GLU B 27 4.22 38.42 -41.68
C GLU B 27 5.07 39.55 -41.15
N TYR B 28 4.98 39.76 -39.83
CA TYR B 28 5.79 40.75 -39.17
C TYR B 28 7.12 40.12 -38.74
N VAL B 29 8.23 40.78 -39.07
CA VAL B 29 9.55 40.18 -38.89
C VAL B 29 10.32 40.79 -37.74
N ARG B 30 9.90 41.98 -37.32
CA ARG B 30 10.58 42.69 -36.25
C ARG B 30 9.60 43.64 -35.56
N ALA B 31 9.87 43.97 -34.31
CA ALA B 31 8.97 44.81 -33.55
C ALA B 31 9.72 45.57 -32.51
N GLU B 32 9.37 46.85 -32.38
CA GLU B 32 9.98 47.70 -31.44
C GLU B 32 8.98 48.82 -31.09
N GLY B 33 8.81 49.11 -29.81
CA GLY B 33 7.85 50.08 -29.37
C GLY B 33 6.46 49.76 -29.85
N ASN B 34 5.84 50.74 -30.50
CA ASN B 34 4.47 50.63 -30.96
C ASN B 34 4.44 50.28 -32.40
N THR B 35 5.55 49.78 -32.91
CA THR B 35 5.69 49.55 -34.33
C THR B 35 6.10 48.12 -34.59
N VAL B 36 5.43 47.50 -35.54
CA VAL B 36 5.88 46.22 -36.08
C VAL B 36 6.19 46.38 -37.56
N TYR B 37 7.10 45.55 -38.07
CA TYR B 37 7.61 45.70 -39.46
C TYR B 37 7.32 44.43 -40.30
N TYR B 38 6.84 44.62 -41.52
CA TYR B 38 6.89 43.54 -42.54
C TYR B 38 7.79 43.92 -43.71
N LEU B 39 8.09 42.95 -44.56
CA LEU B 39 8.90 43.18 -45.74
C LEU B 39 8.02 43.33 -46.97
N ASP B 40 8.27 44.39 -47.76
CA ASP B 40 7.52 44.60 -49.03
C ASP B 40 8.08 43.71 -50.14
N ASP B 41 7.53 43.84 -51.35
CA ASP B 41 7.95 43.02 -52.49
C ASP B 41 9.47 43.08 -52.70
N GLU B 42 10.05 44.27 -52.46
CA GLU B 42 11.47 44.52 -52.77
C GLU B 42 12.39 44.22 -51.57
N GLY B 43 11.79 43.82 -50.43
CA GLY B 43 12.57 43.37 -49.25
C GLY B 43 12.80 44.50 -48.21
N ARG B 44 12.18 45.65 -48.44
CA ARG B 44 12.29 46.80 -47.48
C ARG B 44 11.36 46.59 -46.26
N GLU B 45 11.84 47.00 -45.08
CA GLU B 45 11.03 47.04 -43.90
C GLU B 45 10.04 48.16 -43.96
N VAL B 46 8.76 47.81 -43.84
CA VAL B 46 7.70 48.81 -43.77
C VAL B 46 7.18 48.92 -42.32
N PRO B 47 7.22 50.14 -41.75
CA PRO B 47 6.74 50.33 -40.38
C PRO B 47 5.20 50.37 -40.33
N VAL B 48 4.61 49.58 -39.42
CA VAL B 48 3.18 49.60 -39.18
C VAL B 48 2.92 49.98 -37.73
N LEU B 49 1.98 50.89 -37.51
CA LEU B 49 1.56 51.26 -36.14
C LEU B 49 0.63 50.18 -35.55
N ASP B 50 0.96 49.67 -34.36
CA ASP B 50 0.23 48.52 -33.76
C ASP B 50 -0.74 49.00 -32.68
N HIS B 51 -2.04 48.91 -32.96
CA HIS B 51 -3.09 49.26 -31.97
C HIS B 51 -3.64 48.02 -31.28
N ALA B 52 -3.32 46.85 -31.81
CA ALA B 52 -3.75 45.57 -31.19
C ALA B 52 -2.85 45.22 -29.95
N CYS B 53 -1.55 45.13 -30.17
CA CYS B 53 -0.56 45.05 -29.08
C CYS B 53 -0.77 43.83 -28.20
N GLY B 54 -0.90 42.68 -28.82
CA GLY B 54 -1.09 41.44 -28.07
C GLY B 54 -2.40 41.43 -27.32
N PHE B 55 -3.40 42.11 -27.88
CA PHE B 55 -4.70 42.24 -27.25
C PHE B 55 -4.60 42.89 -25.87
N GLY B 56 -3.61 43.75 -25.70
CA GLY B 56 -3.44 44.51 -24.43
C GLY B 56 -2.18 44.09 -23.62
N SER B 57 -1.49 43.04 -24.09
CA SER B 57 -0.30 42.50 -23.37
C SER B 57 0.87 43.55 -23.30
N LEU B 58 0.92 44.47 -24.26
CA LEU B 58 2.11 45.30 -24.44
C LEU B 58 1.88 46.72 -23.94
N ILE B 59 1.70 46.85 -22.65
CA ILE B 59 1.48 48.16 -22.04
C ILE B 59 2.73 49.07 -22.19
N PHE B 60 3.90 48.45 -22.26
CA PHE B 60 5.17 49.16 -22.45
C PHE B 60 5.71 48.97 -23.88
N GLY B 61 4.85 48.54 -24.80
CA GLY B 61 5.27 48.30 -26.21
C GLY B 61 5.97 46.96 -26.42
N HIS B 62 6.18 46.60 -27.68
CA HIS B 62 7.02 45.42 -28.04
C HIS B 62 8.45 45.63 -27.56
N ASN B 63 9.00 44.60 -26.92
CA ASN B 63 10.43 44.52 -26.73
C ASN B 63 11.01 45.79 -26.12
N HIS B 64 10.44 46.21 -25.01
CA HIS B 64 10.94 47.32 -24.29
C HIS B 64 12.33 47.01 -23.83
N PRO B 65 13.31 47.92 -24.15
CA PRO B 65 14.74 47.71 -23.83
C PRO B 65 14.97 47.30 -22.39
N GLU B 66 14.31 47.99 -21.47
CA GLU B 66 14.51 47.73 -20.02
C GLU B 66 14.08 46.29 -19.64
N ILE B 67 13.04 45.77 -20.32
CA ILE B 67 12.56 44.41 -20.04
C ILE B 67 13.45 43.40 -20.70
N ILE B 68 13.95 43.74 -21.90
CA ILE B 68 14.89 42.82 -22.64
C ILE B 68 16.22 42.68 -21.89
N ALA B 69 16.78 43.80 -21.49
CA ALA B 69 17.99 43.80 -20.67
C ALA B 69 17.81 42.90 -19.46
N HIS B 70 16.70 43.08 -18.73
CA HIS B 70 16.44 42.27 -17.50
C HIS B 70 16.41 40.80 -17.81
N ALA B 71 15.78 40.44 -18.88
CA ALA B 71 15.66 39.05 -19.25
C ALA B 71 17.02 38.47 -19.57
N LYS B 72 17.81 39.21 -20.33
CA LYS B 72 19.17 38.76 -20.70
C LYS B 72 20.07 38.61 -19.48
N ALA B 73 19.98 39.54 -18.56
CA ALA B 73 20.71 39.45 -17.31
C ALA B 73 20.28 38.20 -16.50
N ALA B 74 18.96 37.99 -16.39
CA ALA B 74 18.43 36.83 -15.68
C ALA B 74 18.97 35.54 -16.28
N LEU B 75 18.96 35.45 -17.62
CA LEU B 75 19.51 34.28 -18.34
C LEU B 75 21.02 34.14 -18.06
N ASP B 76 21.73 35.27 -18.09
CA ASP B 76 23.19 35.30 -17.87
C ASP B 76 23.57 34.89 -16.43
N ALA B 77 22.70 35.18 -15.47
CA ALA B 77 22.95 34.79 -14.03
C ALA B 77 22.63 33.29 -13.76
N GLY B 78 22.16 32.58 -14.77
CA GLY B 78 21.77 31.17 -14.58
C GLY B 78 20.63 31.02 -13.60
N THR B 79 19.65 31.93 -13.70
CA THR B 79 18.39 31.79 -13.00
C THR B 79 17.87 30.33 -13.03
N VAL B 80 17.34 29.88 -11.90
CA VAL B 80 16.72 28.57 -11.83
C VAL B 80 15.31 28.64 -12.33
N VAL B 81 15.09 28.12 -13.51
CA VAL B 81 13.81 28.20 -14.12
C VAL B 81 12.93 27.04 -13.61
N HIS B 82 13.47 25.82 -13.62
CA HIS B 82 12.76 24.64 -13.11
C HIS B 82 13.28 24.22 -11.75
N ALA B 83 12.51 24.53 -10.73
CA ALA B 83 12.92 24.33 -9.37
C ALA B 83 11.75 23.83 -8.55
N GLN B 84 11.01 22.89 -9.12
CA GLN B 84 9.72 22.52 -8.56
C GLN B 84 9.91 21.88 -7.19
N LEU B 85 8.98 22.16 -6.29
CA LEU B 85 9.01 21.63 -4.93
C LEU B 85 10.29 22.05 -4.22
N SER B 86 10.57 23.35 -4.27
CA SER B 86 11.60 23.95 -3.47
C SER B 86 11.16 25.31 -3.06
N ARG B 87 11.95 25.99 -2.25
CA ARG B 87 11.60 27.33 -1.81
C ARG B 87 11.85 28.33 -2.94
N GLN B 88 10.76 28.94 -3.42
CA GLN B 88 10.83 29.95 -4.44
C GLN B 88 10.21 31.27 -3.91
N PRO B 89 10.97 32.00 -3.09
CA PRO B 89 10.46 33.17 -2.37
C PRO B 89 9.99 34.34 -3.30
N ARG B 90 10.34 34.27 -4.56
CA ARG B 90 9.95 35.31 -5.49
C ARG B 90 8.42 35.35 -5.69
N ALA B 91 7.75 34.20 -5.54
CA ALA B 91 6.31 34.15 -5.64
C ALA B 91 5.71 34.98 -4.55
N ASN B 92 6.14 34.71 -3.32
CA ASN B 92 5.72 35.49 -2.16
C ASN B 92 5.99 36.98 -2.35
N GLN B 93 7.13 37.30 -2.92
CA GLN B 93 7.52 38.69 -3.16
C GLN B 93 6.54 39.39 -4.18
N ILE B 94 6.30 38.73 -5.29
CA ILE B 94 5.33 39.20 -6.26
C ILE B 94 3.94 39.44 -5.61
N SER B 95 3.47 38.44 -4.86
CA SER B 95 2.11 38.52 -4.26
C SER B 95 2.03 39.64 -3.25
N ARG B 96 3.13 39.87 -2.55
CA ARG B 96 3.20 40.95 -1.57
C ARG B 96 3.00 42.31 -2.24
N ILE B 97 3.63 42.51 -3.38
CA ILE B 97 3.54 43.75 -4.10
C ILE B 97 2.11 43.99 -4.61
N LEU B 98 1.52 42.97 -5.22
CA LEU B 98 0.13 43.05 -5.69
C LEU B 98 -0.83 43.39 -4.54
N ASN B 99 -0.64 42.72 -3.41
CA ASN B 99 -1.42 43.01 -2.17
C ASN B 99 -1.33 44.49 -1.74
N ASP B 100 -0.12 45.05 -1.77
CA ASP B 100 0.09 46.46 -1.41
C ASP B 100 -0.62 47.39 -2.38
N ILE B 101 -0.44 47.14 -3.67
CA ILE B 101 -1.10 47.94 -4.71
C ILE B 101 -2.64 47.92 -4.52
N MET B 102 -3.18 46.73 -4.26
CA MET B 102 -4.63 46.56 -4.09
C MET B 102 -5.15 47.38 -2.88
N ARG B 103 -4.43 47.33 -1.78
CA ARG B 103 -4.79 48.11 -0.59
C ARG B 103 -4.85 49.59 -0.93
N ARG B 104 -3.82 50.07 -1.64
CA ARG B 104 -3.68 51.47 -1.92
C ARG B 104 -4.76 51.99 -2.87
N GLU B 105 -5.29 51.11 -3.71
CA GLU B 105 -6.24 51.51 -4.73
C GLU B 105 -7.71 51.31 -4.27
N THR B 106 -7.94 50.40 -3.34
CA THR B 106 -9.31 50.10 -2.85
C THR B 106 -9.57 50.73 -1.49
N GLY B 107 -8.50 51.11 -0.80
CA GLY B 107 -8.59 51.44 0.62
C GLY B 107 -8.73 50.21 1.53
N ARG B 108 -9.20 49.09 0.98
CA ARG B 108 -9.48 47.91 1.78
C ARG B 108 -8.18 47.25 2.26
N ASP B 109 -8.25 46.61 3.40
CA ASP B 109 -7.08 46.06 4.03
C ASP B 109 -7.16 44.55 4.04
N ASP B 110 -7.62 43.98 2.93
CA ASP B 110 -7.72 42.53 2.78
C ASP B 110 -6.40 41.98 2.32
N ARG B 111 -6.12 40.73 2.71
CA ARG B 111 -4.88 40.05 2.28
C ARG B 111 -5.20 38.87 1.33
N TYR B 112 -4.28 38.61 0.38
CA TYR B 112 -4.55 37.67 -0.73
C TYR B 112 -3.45 36.68 -0.87
N ASN B 113 -3.82 35.44 -1.13
CA ASN B 113 -2.89 34.42 -1.45
C ASN B 113 -2.76 34.29 -2.92
N ALA B 114 -1.56 33.95 -3.39
CA ALA B 114 -1.29 33.88 -4.83
C ALA B 114 -1.01 32.44 -5.26
N ILE B 115 -1.72 32.01 -6.30
CA ILE B 115 -1.37 30.82 -7.05
C ILE B 115 -1.05 31.20 -8.46
N PHE B 116 0.12 30.78 -8.93
CA PHE B 116 0.63 31.20 -10.25
C PHE B 116 0.35 30.19 -11.29
N ALA B 117 0.10 30.65 -12.51
CA ALA B 117 -0.13 29.72 -13.65
C ALA B 117 0.56 30.26 -14.93
N ASN B 118 0.17 29.73 -16.09
CA ASN B 118 0.89 30.04 -17.35
C ASN B 118 0.07 30.85 -18.32
N SER B 119 -1.21 31.03 -18.03
CA SER B 119 -2.11 31.80 -18.93
C SER B 119 -3.32 32.29 -18.19
N GLY B 120 -4.04 33.22 -18.80
CA GLY B 120 -5.23 33.81 -18.19
C GLY B 120 -6.32 32.79 -17.97
N ALA B 121 -6.46 31.86 -18.91
CA ALA B 121 -7.45 30.81 -18.80
C ALA B 121 -7.10 29.86 -17.66
N GLU B 122 -5.80 29.61 -17.46
CA GLU B 122 -5.34 28.77 -16.37
C GLU B 122 -5.53 29.45 -15.04
N ALA B 123 -5.35 30.78 -15.02
CA ALA B 123 -5.61 31.56 -13.80
C ALA B 123 -7.10 31.45 -13.40
N ASN B 124 -7.98 31.71 -14.35
CA ASN B 124 -9.39 31.64 -14.09
C ASN B 124 -9.86 30.24 -13.66
N GLU B 125 -9.20 29.22 -14.17
CA GLU B 125 -9.63 27.84 -13.87
C GLU B 125 -9.12 27.36 -12.52
N ILE B 126 -7.98 27.88 -12.08
CA ILE B 126 -7.62 27.85 -10.65
C ILE B 126 -8.77 28.40 -9.76
N CYS B 127 -9.33 29.52 -10.16
CA CYS B 127 -10.40 30.16 -9.40
C CYS B 127 -11.69 29.31 -9.46
N MET B 128 -12.04 28.82 -10.63
CA MET B 128 -13.13 27.87 -10.79
C MET B 128 -12.96 26.71 -9.81
N LYS B 129 -11.76 26.14 -9.78
CA LYS B 129 -11.49 24.96 -8.97
C LYS B 129 -11.61 25.27 -7.48
N HIS B 130 -11.13 26.41 -7.08
CA HIS B 130 -11.15 26.77 -5.71
C HIS B 130 -12.55 27.09 -5.27
N ALA B 131 -13.32 27.66 -6.17
CA ALA B 131 -14.75 27.95 -5.89
C ALA B 131 -15.52 26.69 -5.63
N GLU B 132 -15.20 25.65 -6.40
CA GLU B 132 -15.82 24.37 -6.23
C GLU B 132 -15.39 23.71 -4.96
N LEU B 133 -14.18 24.01 -4.50
CA LEU B 133 -13.74 23.55 -3.17
C LEU B 133 -14.57 24.21 -2.06
N GLU B 134 -14.84 25.49 -2.22
CA GLU B 134 -15.71 26.21 -1.29
C GLU B 134 -17.11 25.63 -1.31
N ARG B 135 -17.59 25.29 -2.50
CA ARG B 135 -18.94 24.76 -2.64
C ARG B 135 -19.08 23.38 -1.98
N GLN B 136 -18.06 22.54 -2.13
CA GLN B 136 -18.07 21.21 -1.52
C GLN B 136 -18.10 21.32 0.01
N GLU B 137 -17.35 22.29 0.57
CA GLU B 137 -17.41 22.55 2.03
C GLU B 137 -18.81 22.95 2.46
N ARG B 138 -19.45 23.87 1.72
CA ARG B 138 -20.86 24.21 1.96
C ARG B 138 -21.71 22.95 1.95
N ILE B 139 -21.55 22.14 0.91
CA ILE B 139 -22.35 20.96 0.74
C ILE B 139 -22.18 19.95 1.90
N THR B 140 -20.94 19.70 2.31
CA THR B 140 -20.66 18.80 3.43
C THR B 140 -21.35 19.29 4.71
N ALA B 141 -21.33 20.59 4.93
CA ALA B 141 -21.90 21.17 6.15
C ALA B 141 -23.44 21.01 6.17
N LEU B 142 -24.08 21.29 5.03
CA LEU B 142 -25.53 21.17 4.91
C LEU B 142 -25.95 19.71 5.10
N PHE B 143 -25.32 18.81 4.36
CA PHE B 143 -25.65 17.37 4.43
C PHE B 143 -25.44 16.80 5.82
N ALA B 144 -24.45 17.30 6.52
CA ALA B 144 -24.23 16.93 7.92
C ALA B 144 -25.43 17.33 8.79
N GLU B 145 -25.85 18.59 8.66
CA GLU B 145 -27.06 19.07 9.38
C GLU B 145 -28.27 18.21 9.06
N ILE B 146 -28.46 17.93 7.76
CA ILE B 146 -29.64 17.21 7.30
C ILE B 146 -29.74 15.82 7.94
N ASP B 147 -28.59 15.17 8.12
CA ASP B 147 -28.53 13.91 8.84
C ASP B 147 -29.07 14.08 10.23
N ALA B 148 -28.53 15.05 10.96
CA ALA B 148 -28.93 15.26 12.37
C ALA B 148 -30.41 15.66 12.49
N GLU B 149 -30.94 16.31 11.45
CA GLU B 149 -32.38 16.63 11.38
C GLU B 149 -33.20 15.35 11.09
N LEU B 150 -32.62 14.42 10.33
CA LEU B 150 -33.22 13.12 10.11
C LEU B 150 -33.18 12.28 11.38
N ASP B 151 -31.98 12.12 11.96
CA ASP B 151 -31.81 11.38 13.23
C ASP B 151 -32.87 11.79 14.24
N THR B 152 -32.97 13.10 14.48
CA THR B 152 -33.86 13.64 15.50
C THR B 152 -35.34 13.35 15.18
N ALA B 153 -35.69 13.41 13.90
CA ALA B 153 -37.07 13.20 13.48
C ALA B 153 -37.48 11.75 13.67
N ARG B 154 -36.52 10.83 13.47
CA ARG B 154 -36.80 9.38 13.53
C ARG B 154 -36.95 8.91 14.98
N GLU B 155 -36.04 9.37 15.86
CA GLU B 155 -36.09 9.03 17.28
C GLU B 155 -37.20 9.78 18.01
N ALA B 156 -37.89 10.65 17.30
CA ALA B 156 -39.13 11.21 17.79
C ALA B 156 -40.32 10.47 17.19
N LEU B 157 -40.17 10.00 15.96
CA LEU B 157 -41.28 9.36 15.23
C LEU B 157 -41.52 7.92 15.74
N THR B 158 -40.43 7.23 16.09
CA THR B 158 -40.51 5.81 16.49
C THR B 158 -40.61 5.68 18.01
N THR B 159 -39.91 6.56 18.75
CA THR B 159 -40.22 6.82 20.17
C THR B 159 -41.39 7.82 20.31
N GLY B 160 -42.61 7.29 20.20
CA GLY B 160 -43.79 8.00 20.70
C GLY B 160 -44.11 9.29 19.97
N THR B 161 -43.23 10.29 20.10
CA THR B 161 -43.66 11.61 20.55
C THR B 161 -44.13 12.55 19.38
N ALA B 162 -44.18 12.02 18.15
CA ALA B 162 -44.55 12.86 16.97
C ALA B 162 -45.13 12.02 15.82
N THR B 163 -45.95 12.67 14.98
CA THR B 163 -46.55 12.02 13.81
C THR B 163 -46.17 12.76 12.51
N LEU B 164 -46.15 12.02 11.40
CA LEU B 164 -45.64 12.51 10.13
C LEU B 164 -46.82 13.06 9.26
N ASP B 165 -46.77 14.36 8.94
CA ASP B 165 -47.89 15.03 8.26
C ASP B 165 -47.89 14.66 6.78
N THR B 166 -48.94 13.96 6.36
CA THR B 166 -48.90 13.22 5.11
C THR B 166 -49.25 14.11 3.91
N ALA B 167 -49.64 15.35 4.19
CA ALA B 167 -49.84 16.35 3.14
C ALA B 167 -48.49 16.75 2.49
N SER B 168 -47.39 16.50 3.21
CA SER B 168 -46.07 16.93 2.76
C SER B 168 -45.48 15.98 1.70
N LEU B 169 -46.17 14.86 1.44
CA LEU B 169 -45.50 13.64 0.93
C LEU B 169 -45.31 13.61 -0.62
N PRO B 170 -46.07 14.44 -1.37
CA PRO B 170 -45.86 14.44 -2.82
C PRO B 170 -44.48 15.05 -3.25
N LEU B 171 -43.70 15.55 -2.28
CA LEU B 171 -42.26 15.88 -2.52
C LEU B 171 -41.40 14.61 -2.70
N VAL B 172 -41.90 13.48 -2.19
CA VAL B 172 -41.11 12.25 -2.15
C VAL B 172 -41.99 11.03 -2.42
N ASP B 178 -44.52 5.28 6.16
CA ASP B 178 -43.50 4.20 6.12
C ASP B 178 -42.31 4.52 7.08
N VAL B 179 -42.01 5.81 7.20
CA VAL B 179 -40.82 6.32 7.90
C VAL B 179 -39.49 5.96 7.22
N ASP B 180 -38.95 4.77 7.52
CA ASP B 180 -37.64 4.36 6.99
C ASP B 180 -37.61 4.48 5.46
N GLY B 181 -38.74 4.16 4.82
CA GLY B 181 -38.86 4.26 3.37
C GLY B 181 -38.69 5.69 2.88
N VAL B 182 -39.26 6.64 3.61
CA VAL B 182 -39.16 8.06 3.26
C VAL B 182 -37.69 8.58 3.43
N ILE B 183 -37.04 8.16 4.52
CA ILE B 183 -35.62 8.51 4.74
C ILE B 183 -34.76 8.08 3.55
N ALA B 184 -34.99 6.86 3.08
CA ALA B 184 -34.25 6.32 1.96
C ALA B 184 -34.48 7.15 0.69
N ASP B 185 -35.75 7.51 0.44
CA ASP B 185 -36.13 8.24 -0.78
C ASP B 185 -35.63 9.68 -0.75
N ILE B 186 -35.49 10.21 0.46
CA ILE B 186 -34.85 11.49 0.65
C ILE B 186 -33.34 11.40 0.38
N HIS B 187 -32.69 10.41 1.00
CA HIS B 187 -31.24 10.15 0.72
C HIS B 187 -30.97 9.93 -0.75
N ARG B 188 -31.82 9.11 -1.37
CA ARG B 188 -31.77 8.93 -2.83
C ARG B 188 -31.79 10.31 -3.51
N HIS B 189 -32.83 11.07 -3.23
CA HIS B 189 -33.05 12.34 -3.91
C HIS B 189 -31.83 13.29 -3.75
N ASN B 190 -31.35 13.42 -2.53
CA ASN B 190 -30.35 14.38 -2.22
C ASN B 190 -29.03 14.04 -2.90
N ASP B 191 -28.77 12.74 -3.08
CA ASP B 191 -27.49 12.28 -3.65
C ASP B 191 -27.44 12.53 -5.15
N GLU B 192 -28.59 12.38 -5.82
CA GLU B 192 -28.72 12.79 -7.23
C GLU B 192 -28.36 14.24 -7.37
N ARG B 193 -29.00 15.08 -6.55
CA ARG B 193 -28.76 16.52 -6.54
C ARG B 193 -27.26 16.83 -6.24
N ARG B 194 -26.70 16.16 -5.22
CA ARG B 194 -25.36 16.47 -4.75
C ARG B 194 -24.33 16.30 -5.85
N ALA B 195 -24.60 15.36 -6.75
CA ALA B 195 -23.61 14.98 -7.78
C ALA B 195 -23.91 15.67 -9.07
N GLU B 196 -25.03 16.38 -9.12
CA GLU B 196 -25.32 17.26 -10.23
C GLU B 196 -24.21 18.28 -10.38
N ARG B 197 -24.12 18.87 -11.54
CA ARG B 197 -23.00 19.71 -11.85
C ARG B 197 -23.30 21.16 -11.50
N PRO B 198 -22.28 21.90 -11.05
CA PRO B 198 -22.44 23.27 -10.63
C PRO B 198 -22.75 24.22 -11.76
N LEU B 199 -23.17 25.42 -11.42
CA LEU B 199 -23.45 26.44 -12.36
C LEU B 199 -22.52 27.66 -12.12
N PHE B 200 -22.01 28.24 -13.17
CA PHE B 200 -21.29 29.50 -13.07
C PHE B 200 -22.11 30.61 -13.66
N LEU B 201 -22.09 31.78 -13.02
CA LEU B 201 -22.69 32.95 -13.56
C LEU B 201 -21.64 33.80 -14.22
N THR B 202 -21.95 34.30 -15.39
CA THR B 202 -21.09 35.23 -16.08
C THR B 202 -21.95 36.28 -16.77
N LEU B 203 -21.31 37.22 -17.43
CA LEU B 203 -22.04 38.32 -18.06
C LEU B 203 -22.15 38.11 -19.54
N ASP B 204 -23.16 38.74 -20.12
CA ASP B 204 -23.37 38.67 -21.54
C ASP B 204 -22.17 39.23 -22.29
N GLY B 205 -21.64 38.45 -23.24
CA GLY B 205 -20.50 38.88 -24.03
C GLY B 205 -19.19 38.62 -23.32
N SER B 206 -19.24 37.85 -22.25
CA SER B 206 -18.06 37.59 -21.44
C SER B 206 -17.05 36.79 -22.23
N PHE B 207 -15.79 37.06 -21.99
CA PHE B 207 -14.72 36.21 -22.47
C PHE B 207 -13.78 35.90 -21.32
N HIS B 208 -13.68 34.63 -20.97
CA HIS B 208 -12.87 34.21 -19.80
C HIS B 208 -11.83 33.14 -20.14
N GLY B 209 -11.73 32.80 -21.43
CA GLY B 209 -10.82 31.76 -21.87
C GLY B 209 -11.45 30.77 -22.83
N LYS B 210 -10.62 29.87 -23.36
CA LYS B 210 -11.04 28.98 -24.39
C LYS B 210 -10.62 27.52 -24.09
N LEU B 211 -10.27 27.24 -22.84
CA LEU B 211 -10.02 25.88 -22.42
C LEU B 211 -11.33 25.18 -22.03
N VAL B 212 -11.25 23.86 -21.76
CA VAL B 212 -12.45 23.01 -21.62
C VAL B 212 -13.41 23.58 -20.56
N GLY B 213 -12.85 23.98 -19.40
CA GLY B 213 -13.63 24.68 -18.38
C GLY B 213 -13.99 26.10 -18.79
N SER B 214 -12.98 26.88 -19.11
CA SER B 214 -13.15 28.32 -19.25
C SER B 214 -13.95 28.70 -20.50
N ILE B 215 -13.94 27.82 -21.52
CA ILE B 215 -14.73 28.09 -22.76
C ILE B 215 -16.23 28.15 -22.48
N GLN B 216 -16.70 27.31 -21.55
CA GLN B 216 -18.11 27.35 -21.12
C GLN B 216 -18.49 28.77 -20.61
N LEU B 217 -17.48 29.51 -20.12
CA LEU B 217 -17.71 30.84 -19.53
C LEU B 217 -17.57 31.95 -20.57
N THR B 218 -17.32 31.56 -21.82
CA THR B 218 -17.13 32.52 -22.89
C THR B 218 -18.35 32.54 -23.82
N GLN B 219 -18.94 33.74 -23.96
CA GLN B 219 -20.23 33.91 -24.67
C GLN B 219 -20.16 33.39 -26.10
N ASN B 220 -19.11 33.81 -26.83
CA ASN B 220 -19.10 33.68 -28.28
C ASN B 220 -19.55 32.28 -28.71
N GLU B 221 -20.56 32.22 -29.58
CA GLU B 221 -21.37 31.03 -29.75
C GLU B 221 -20.66 29.92 -30.57
N PRO B 222 -20.05 30.30 -31.72
CA PRO B 222 -19.28 29.29 -32.48
C PRO B 222 -18.05 28.78 -31.73
N TRP B 223 -17.54 29.56 -30.77
CA TRP B 223 -16.39 29.12 -29.92
C TRP B 223 -16.85 28.15 -28.83
N ARG B 224 -18.08 28.33 -28.35
CA ARG B 224 -18.57 27.61 -27.17
C ARG B 224 -19.41 26.38 -27.52
N THR B 225 -20.41 26.57 -28.36
CA THR B 225 -21.57 25.65 -28.40
C THR B 225 -21.18 24.22 -28.87
N PRO B 226 -20.09 24.11 -29.69
CA PRO B 226 -19.59 22.79 -30.06
C PRO B 226 -19.15 21.93 -28.83
N PHE B 227 -18.80 22.59 -27.71
CA PHE B 227 -18.11 21.93 -26.59
C PHE B 227 -18.99 21.87 -25.37
N THR B 228 -20.27 22.14 -25.56
CA THR B 228 -21.19 22.36 -24.46
C THR B 228 -21.24 21.17 -23.50
N ALA B 229 -21.18 19.97 -24.04
CA ALA B 229 -21.42 18.76 -23.24
C ALA B 229 -20.24 18.47 -22.27
N LEU B 230 -19.08 19.09 -22.53
CA LEU B 230 -17.82 18.73 -21.83
C LEU B 230 -17.85 19.14 -20.36
N SER B 231 -18.23 20.39 -20.10
CA SER B 231 -17.99 21.02 -18.78
C SER B 231 -19.24 21.77 -18.28
N SER B 232 -19.26 22.08 -16.98
CA SER B 232 -20.34 22.81 -16.38
C SER B 232 -20.68 24.06 -17.14
N PRO B 233 -21.99 24.33 -17.31
CA PRO B 233 -22.43 25.50 -18.05
C PRO B 233 -22.34 26.78 -17.22
N ALA B 234 -22.42 27.92 -17.91
CA ALA B 234 -22.63 29.20 -17.27
C ALA B 234 -23.90 29.83 -17.79
N ARG B 235 -24.60 30.58 -16.93
CA ARG B 235 -25.67 31.45 -17.40
C ARG B 235 -25.13 32.83 -17.63
N PHE B 236 -25.42 33.38 -18.79
CA PHE B 236 -24.95 34.64 -19.17
C PHE B 236 -25.97 35.68 -18.88
N LEU B 237 -25.72 36.46 -17.84
CA LEU B 237 -26.68 37.44 -17.39
C LEU B 237 -26.56 38.72 -18.20
N PRO B 238 -27.68 39.39 -18.45
CA PRO B 238 -27.71 40.57 -19.31
C PRO B 238 -27.26 41.83 -18.61
N ALA B 239 -26.22 42.47 -19.14
CA ALA B 239 -25.53 43.55 -18.43
C ALA B 239 -26.35 44.84 -18.41
N ASP B 240 -27.08 45.10 -19.50
CA ASP B 240 -27.84 46.37 -19.64
C ASP B 240 -29.15 46.34 -18.85
N GLU B 241 -29.60 45.12 -18.49
CA GLU B 241 -30.89 44.93 -17.82
C GLU B 241 -30.71 44.16 -16.49
N PRO B 242 -30.09 44.82 -15.48
CA PRO B 242 -29.88 44.20 -14.16
C PRO B 242 -31.17 43.67 -13.54
N GLU B 243 -32.29 44.27 -13.89
CA GLU B 243 -33.56 43.91 -13.29
C GLU B 243 -34.01 42.49 -13.71
N LEU B 244 -33.52 42.02 -14.86
CA LEU B 244 -33.82 40.62 -15.34
C LEU B 244 -32.96 39.56 -14.61
N ILE B 245 -31.86 40.01 -13.99
CA ILE B 245 -30.85 39.09 -13.47
C ILE B 245 -31.38 38.36 -12.22
N GLY B 246 -32.09 39.08 -11.36
CA GLY B 246 -32.68 38.50 -10.16
C GLY B 246 -33.55 37.30 -10.46
N LYS B 247 -34.42 37.45 -11.44
CA LYS B 247 -35.35 36.38 -11.83
C LYS B 247 -34.60 35.17 -12.36
N ILE B 248 -33.60 35.43 -13.20
CA ILE B 248 -32.85 34.33 -13.87
C ILE B 248 -32.12 33.45 -12.85
N VAL B 249 -31.59 34.07 -11.81
CA VAL B 249 -30.87 33.34 -10.78
C VAL B 249 -31.84 32.59 -9.88
N GLU B 250 -33.03 33.15 -9.69
CA GLU B 250 -34.13 32.45 -8.96
C GLU B 250 -34.51 31.15 -9.65
N ASP B 251 -34.70 31.22 -10.96
CA ASP B 251 -35.02 30.00 -11.78
C ASP B 251 -34.04 28.89 -11.53
N GLU B 252 -32.87 29.23 -11.02
CA GLU B 252 -31.80 28.28 -10.89
C GLU B 252 -31.68 27.68 -9.49
N ARG B 253 -32.49 28.17 -8.57
CA ARG B 253 -32.61 27.54 -7.28
C ARG B 253 -32.87 26.06 -7.41
N ARG B 254 -32.19 25.27 -6.58
CA ARG B 254 -32.52 23.86 -6.40
C ARG B 254 -32.48 23.53 -4.91
N SER B 255 -33.41 22.67 -4.46
CA SER B 255 -33.51 22.34 -3.06
C SER B 255 -33.09 20.92 -2.81
N VAL B 256 -32.76 20.62 -1.57
CA VAL B 256 -32.68 19.26 -1.09
C VAL B 256 -33.78 19.01 -0.06
N LEU B 257 -34.01 17.74 0.25
CA LEU B 257 -35.10 17.36 1.14
C LEU B 257 -34.56 16.99 2.49
N THR B 258 -35.33 17.33 3.51
CA THR B 258 -35.00 16.95 4.87
C THR B 258 -36.30 16.81 5.70
N LEU B 259 -36.15 16.37 6.97
CA LEU B 259 -37.28 16.25 7.89
C LEU B 259 -37.18 17.29 9.01
N SER B 260 -38.21 18.14 9.12
CA SER B 260 -38.24 19.22 10.11
C SER B 260 -39.24 18.91 11.22
N LEU B 261 -38.77 18.97 12.47
CA LEU B 261 -39.62 18.66 13.64
C LEU B 261 -40.22 19.92 14.22
N ASP B 262 -41.52 19.87 14.51
CA ASP B 262 -42.19 20.95 15.24
C ASP B 262 -42.72 20.42 16.60
N LYS B 263 -41.78 19.98 17.46
CA LYS B 263 -42.10 19.11 18.64
C LYS B 263 -43.17 18.00 18.34
N ASP B 264 -44.43 18.41 18.16
CA ASP B 264 -45.53 17.44 18.04
C ASP B 264 -45.60 16.78 16.62
N THR B 265 -45.34 17.58 15.59
CA THR B 265 -45.59 17.16 14.19
C THR B 265 -44.29 17.18 13.35
N VAL B 266 -44.19 16.25 12.39
CA VAL B 266 -42.98 16.11 11.54
C VAL B 266 -43.35 16.23 10.07
N ARG B 267 -42.59 17.06 9.34
CA ARG B 267 -42.87 17.32 7.92
C ARG B 267 -41.60 17.23 7.09
N VAL B 268 -41.71 16.66 5.88
CA VAL B 268 -40.66 16.79 4.87
C VAL B 268 -40.76 18.13 4.20
N VAL B 269 -39.60 18.75 3.96
CA VAL B 269 -39.55 20.12 3.48
C VAL B 269 -38.38 20.32 2.55
N GLU B 270 -38.51 21.31 1.67
CA GLU B 270 -37.41 21.70 0.79
C GLU B 270 -36.41 22.59 1.54
N ARG B 271 -35.18 22.59 1.08
CA ARG B 271 -34.10 23.29 1.74
C ARG B 271 -33.03 23.65 0.70
N ASP B 272 -32.49 24.88 0.78
CA ASP B 272 -31.73 25.45 -0.38
C ASP B 272 -30.45 24.63 -0.64
N PHE B 273 -30.15 24.41 -1.90
CA PHE B 273 -28.89 23.77 -2.30
C PHE B 273 -28.01 24.78 -3.02
N PRO B 274 -26.70 24.80 -2.69
CA PRO B 274 -25.76 25.69 -3.41
C PRO B 274 -25.36 25.12 -4.76
N VAL B 275 -25.96 25.66 -5.83
CA VAL B 275 -25.66 25.21 -7.21
C VAL B 275 -24.64 26.11 -7.85
N VAL B 276 -24.64 27.40 -7.49
CA VAL B 276 -23.74 28.37 -8.11
C VAL B 276 -22.36 28.33 -7.43
N ALA B 277 -21.32 27.92 -8.18
CA ALA B 277 -19.95 27.80 -7.64
C ALA B 277 -19.24 29.15 -7.59
N ALA B 278 -19.41 29.97 -8.64
CA ALA B 278 -18.83 31.32 -8.65
C ALA B 278 -19.50 32.22 -9.65
N ILE B 279 -19.30 33.55 -9.45
CA ILE B 279 -19.71 34.59 -10.42
C ILE B 279 -18.45 35.25 -11.05
N PHE B 280 -18.36 35.23 -12.39
CA PHE B 280 -17.19 35.86 -13.10
C PHE B 280 -17.58 37.17 -13.73
N VAL B 281 -16.64 38.16 -13.68
CA VAL B 281 -16.90 39.51 -14.29
C VAL B 281 -15.61 40.15 -14.76
N GLU B 282 -15.68 40.82 -15.92
CA GLU B 282 -14.58 41.67 -16.40
C GLU B 282 -14.90 43.12 -16.19
N PRO B 283 -14.00 43.86 -15.52
CA PRO B 283 -14.16 45.31 -15.36
C PRO B 283 -14.40 46.03 -16.67
N VAL B 284 -13.77 45.54 -17.73
CA VAL B 284 -14.03 46.04 -19.08
C VAL B 284 -14.11 44.86 -20.03
N ARG B 285 -15.19 44.81 -20.79
CA ARG B 285 -15.64 43.57 -21.35
C ARG B 285 -15.30 43.51 -22.86
N GLY B 286 -14.21 42.78 -23.19
CA GLY B 286 -13.79 42.61 -24.59
C GLY B 286 -14.93 42.21 -25.52
N GLY B 287 -15.61 41.11 -25.19
CA GLY B 287 -16.55 40.47 -26.13
C GLY B 287 -17.84 41.25 -26.32
N SER B 288 -18.13 42.18 -25.40
CA SER B 288 -19.22 43.18 -25.60
C SER B 288 -18.70 44.44 -26.29
N GLY B 289 -17.38 44.53 -26.43
CA GLY B 289 -16.77 45.63 -27.19
C GLY B 289 -16.23 46.74 -26.29
N MET B 290 -15.48 46.34 -25.25
CA MET B 290 -14.85 47.32 -24.32
C MET B 290 -15.88 48.13 -23.55
N LYS B 291 -16.97 47.49 -23.19
CA LYS B 291 -17.96 48.13 -22.36
C LYS B 291 -17.59 47.94 -20.88
N THR B 292 -17.55 49.04 -20.15
CA THR B 292 -17.21 49.01 -18.73
C THR B 292 -18.45 48.63 -17.90
N VAL B 293 -18.21 47.96 -16.77
CA VAL B 293 -19.26 47.65 -15.84
C VAL B 293 -19.80 48.92 -15.20
N THR B 294 -21.12 49.09 -15.27
CA THR B 294 -21.77 50.24 -14.71
C THR B 294 -21.91 50.07 -13.20
N PRO B 295 -21.98 51.19 -12.46
CA PRO B 295 -22.26 51.09 -11.02
C PRO B 295 -23.50 50.27 -10.73
N GLU B 296 -24.53 50.40 -11.56
CA GLU B 296 -25.76 49.62 -11.39
C GLU B 296 -25.47 48.15 -11.40
N LEU B 297 -24.67 47.71 -12.36
CA LEU B 297 -24.44 46.27 -12.54
C LEU B 297 -23.51 45.73 -11.41
N ALA B 298 -22.48 46.49 -11.07
CA ALA B 298 -21.58 46.12 -9.95
C ALA B 298 -22.39 45.84 -8.72
N GLU B 299 -23.44 46.61 -8.51
CA GLU B 299 -24.23 46.49 -7.30
C GLU B 299 -25.09 45.25 -7.34
N GLU B 300 -25.62 44.95 -8.50
CA GLU B 300 -26.32 43.70 -8.70
C GLU B 300 -25.40 42.48 -8.44
N LEU B 301 -24.16 42.55 -8.93
CA LEU B 301 -23.19 41.45 -8.74
C LEU B 301 -22.84 41.27 -7.27
N HIS B 302 -22.74 42.38 -6.55
CA HIS B 302 -22.47 42.34 -5.09
C HIS B 302 -23.65 41.73 -4.34
N ARG B 303 -24.87 42.11 -4.72
CA ARG B 303 -26.05 41.47 -4.20
C ARG B 303 -25.98 39.97 -4.39
N LEU B 304 -25.82 39.54 -5.64
CA LEU B 304 -25.80 38.11 -5.94
C LEU B 304 -24.80 37.38 -5.06
N ARG B 305 -23.62 37.95 -4.94
CA ARG B 305 -22.51 37.30 -4.24
C ARG B 305 -22.80 37.16 -2.76
N ASP B 306 -23.28 38.25 -2.15
CA ASP B 306 -23.79 38.20 -0.76
C ASP B 306 -24.94 37.17 -0.64
N THR B 307 -25.85 37.19 -1.59
CA THR B 307 -27.04 36.35 -1.53
C THR B 307 -26.71 34.85 -1.64
N LEU B 308 -25.82 34.50 -2.58
CA LEU B 308 -25.62 33.05 -2.95
C LEU B 308 -24.52 32.38 -2.09
N GLY B 309 -23.66 33.20 -1.48
CA GLY B 309 -22.58 32.70 -0.64
C GLY B 309 -21.35 32.27 -1.44
N CYS B 310 -21.39 32.44 -2.77
CA CYS B 310 -20.24 32.09 -3.64
C CYS B 310 -19.34 33.30 -3.85
N PRO B 311 -18.07 33.06 -4.23
CA PRO B 311 -17.12 34.13 -4.57
C PRO B 311 -17.49 34.87 -5.83
N LEU B 312 -17.26 36.18 -5.83
CA LEU B 312 -17.21 36.96 -7.04
C LEU B 312 -15.78 37.00 -7.60
N VAL B 313 -15.58 36.38 -8.79
CA VAL B 313 -14.26 36.33 -9.43
C VAL B 313 -14.11 37.45 -10.46
N VAL B 314 -13.10 38.32 -10.24
CA VAL B 314 -12.86 39.46 -11.13
C VAL B 314 -11.75 39.15 -12.07
N ASP B 315 -12.10 38.93 -13.34
CA ASP B 315 -11.13 38.61 -14.38
C ASP B 315 -10.43 39.90 -14.89
N GLU B 316 -9.17 40.09 -14.49
CA GLU B 316 -8.38 41.32 -14.92
C GLU B 316 -7.24 40.92 -15.84
N VAL B 317 -7.38 39.78 -16.46
CA VAL B 317 -6.37 39.28 -17.37
C VAL B 317 -6.03 40.34 -18.44
N GLN B 318 -7.02 41.11 -18.88
CA GLN B 318 -6.84 42.11 -19.93
C GLN B 318 -6.75 43.57 -19.36
N THR B 319 -7.60 43.85 -18.36
CA THR B 319 -7.79 45.24 -17.85
C THR B 319 -6.67 45.66 -16.90
N GLY B 320 -5.85 44.71 -16.49
CA GLY B 320 -4.92 44.93 -15.39
C GLY B 320 -3.55 45.45 -15.85
N ILE B 321 -2.64 45.58 -14.88
CA ILE B 321 -1.32 46.17 -15.11
C ILE B 321 -1.41 47.55 -15.78
N GLY B 322 -2.42 48.31 -15.42
CA GLY B 322 -2.38 49.76 -15.60
C GLY B 322 -3.21 50.24 -16.76
N ARG B 323 -3.59 49.34 -17.63
CA ARG B 323 -4.13 49.72 -18.92
C ARG B 323 -5.37 50.67 -18.79
N THR B 324 -6.19 50.45 -17.74
CA THR B 324 -7.38 51.30 -17.52
C THR B 324 -7.02 52.63 -16.88
N GLY B 325 -5.85 52.69 -16.24
CA GLY B 325 -5.32 53.96 -15.67
C GLY B 325 -5.26 53.89 -14.17
N ALA B 326 -5.74 52.77 -13.62
CA ALA B 326 -5.20 52.22 -12.40
C ALA B 326 -4.62 50.84 -12.69
N PHE B 327 -3.92 50.28 -11.73
CA PHE B 327 -3.43 48.93 -11.85
C PHE B 327 -4.59 47.99 -11.99
N PHE B 328 -5.50 48.02 -11.03
CA PHE B 328 -6.70 47.19 -11.07
C PHE B 328 -7.90 47.99 -11.64
N GLY B 329 -8.43 47.54 -12.76
CA GLY B 329 -9.69 48.13 -13.31
C GLY B 329 -10.87 48.04 -12.34
N SER B 330 -10.96 46.91 -11.63
CA SER B 330 -11.99 46.71 -10.61
C SER B 330 -12.00 47.84 -9.56
N ALA B 331 -10.81 48.33 -9.20
CA ALA B 331 -10.68 49.38 -8.18
C ALA B 331 -11.14 50.70 -8.73
N LEU B 332 -10.70 51.00 -9.93
CA LEU B 332 -11.27 52.09 -10.70
C LEU B 332 -12.82 52.09 -10.62
N LEU B 333 -13.41 50.94 -10.89
CA LEU B 333 -14.84 50.88 -11.20
C LEU B 333 -15.68 50.48 -10.00
N GLY B 334 -15.03 50.07 -8.92
CA GLY B 334 -15.71 49.80 -7.66
C GLY B 334 -16.27 48.39 -7.57
N ILE B 335 -15.63 47.44 -8.25
CA ILE B 335 -16.01 46.01 -8.14
C ILE B 335 -15.22 45.33 -7.02
N ARG B 336 -15.90 45.03 -5.92
CA ARG B 336 -15.29 44.37 -4.78
C ARG B 336 -15.39 42.83 -4.93
N GLY B 337 -14.43 42.24 -5.62
CA GLY B 337 -14.40 40.80 -5.83
C GLY B 337 -13.77 40.09 -4.66
N ASP B 338 -13.84 38.76 -4.68
CA ASP B 338 -13.23 37.93 -3.64
C ASP B 338 -11.94 37.22 -4.19
N TYR B 339 -11.99 36.76 -5.47
CA TYR B 339 -10.76 36.34 -6.25
C TYR B 339 -10.49 37.30 -7.34
N TYR B 340 -9.20 37.49 -7.65
CA TYR B 340 -8.77 38.26 -8.86
C TYR B 340 -7.81 37.44 -9.66
N THR B 341 -7.79 37.66 -10.96
CA THR B 341 -6.79 36.99 -11.81
C THR B 341 -6.13 37.99 -12.70
N LEU B 342 -4.88 37.68 -13.09
CA LEU B 342 -4.04 38.59 -13.89
C LEU B 342 -3.20 37.78 -14.90
N ALA B 343 -2.89 38.39 -16.04
CA ALA B 343 -1.98 37.77 -17.03
C ALA B 343 -1.47 38.81 -18.08
N LYS B 344 -1.43 38.39 -19.34
CA LYS B 344 -1.12 39.28 -20.48
C LYS B 344 0.16 40.17 -20.21
N ALA B 345 -0.04 41.36 -19.66
CA ALA B 345 1.02 42.36 -19.62
C ALA B 345 2.07 42.02 -18.57
N ILE B 346 1.78 41.05 -17.71
CA ILE B 346 2.68 40.70 -16.61
C ILE B 346 3.84 39.89 -17.11
N GLY B 347 3.70 39.36 -18.30
CA GLY B 347 4.79 38.64 -18.94
C GLY B 347 5.73 39.56 -19.66
N GLY B 348 5.43 40.85 -19.64
CA GLY B 348 6.40 41.87 -20.10
C GLY B 348 6.52 41.96 -21.60
N GLY B 349 5.67 41.20 -22.30
CA GLY B 349 5.68 41.17 -23.74
C GLY B 349 6.58 40.09 -24.30
N ILE B 350 7.22 39.33 -23.44
CA ILE B 350 8.19 38.34 -23.90
C ILE B 350 7.99 36.94 -23.33
N VAL B 351 7.48 36.85 -22.10
CA VAL B 351 7.22 35.54 -21.49
C VAL B 351 5.75 35.35 -21.06
N LYS B 352 5.43 34.16 -20.57
CA LYS B 352 4.03 33.77 -20.24
C LYS B 352 3.87 33.51 -18.76
N ASN B 353 3.00 34.30 -18.13
CA ASN B 353 2.77 34.21 -16.72
C ASN B 353 1.34 34.67 -16.36
N SER B 354 0.82 34.17 -15.24
CA SER B 354 -0.49 34.56 -14.78
C SER B 354 -0.63 34.23 -13.34
N VAL B 355 -1.63 34.80 -12.70
CA VAL B 355 -1.79 34.63 -11.25
C VAL B 355 -3.24 34.74 -10.82
N ALA B 356 -3.66 33.87 -9.91
CA ALA B 356 -4.90 34.02 -9.21
C ALA B 356 -4.63 34.56 -7.81
N LEU B 357 -5.37 35.58 -7.43
CA LEU B 357 -5.30 36.14 -6.07
C LEU B 357 -6.58 35.82 -5.36
N ILE B 358 -6.49 35.15 -4.22
CA ILE B 358 -7.65 34.64 -3.52
C ILE B 358 -7.59 35.07 -2.09
N ARG B 359 -8.71 35.58 -1.57
CA ARG B 359 -8.67 36.21 -0.28
C ARG B 359 -8.46 35.22 0.79
N GLN B 360 -7.71 35.59 1.80
CA GLN B 360 -7.09 34.62 2.67
C GLN B 360 -8.06 34.07 3.70
N ASP B 361 -9.14 34.80 3.95
CA ASP B 361 -10.23 34.29 4.81
C ASP B 361 -11.15 33.27 4.08
N ARG B 362 -11.04 33.21 2.76
CA ARG B 362 -11.77 32.19 1.96
C ARG B 362 -10.87 31.04 1.55
N PHE B 363 -9.56 31.25 1.64
CA PHE B 363 -8.61 30.37 0.99
C PHE B 363 -8.54 29.08 1.72
N LEU B 364 -8.45 28.01 0.97
CA LEU B 364 -8.42 26.71 1.53
C LEU B 364 -7.08 26.08 1.24
N PRO B 365 -6.36 25.72 2.28
CA PRO B 365 -4.94 25.48 2.18
C PRO B 365 -4.60 24.25 1.33
N ALA B 366 -5.54 23.31 1.24
CA ALA B 366 -5.41 22.17 0.33
C ALA B 366 -4.96 22.62 -1.08
N MET B 367 -5.56 23.69 -1.58
CA MET B 367 -5.34 24.14 -2.93
C MET B 367 -3.83 24.30 -3.24
N GLU B 368 -3.07 24.67 -2.26
CA GLU B 368 -1.70 25.09 -2.53
C GLU B 368 -0.72 23.85 -2.59
N VAL B 369 -1.21 22.66 -2.20
CA VAL B 369 -0.44 21.40 -2.38
C VAL B 369 -1.14 20.37 -3.32
N ILE B 370 -2.41 20.63 -3.71
CA ILE B 370 -3.13 19.68 -4.63
C ILE B 370 -3.28 20.23 -6.02
N HIS B 371 -3.01 21.52 -6.20
CA HIS B 371 -2.83 22.08 -7.53
C HIS B 371 -1.37 22.42 -7.78
N SER B 372 -0.92 22.15 -8.98
CA SER B 372 0.42 22.44 -9.37
C SER B 372 0.50 22.42 -10.91
N SER B 373 1.64 22.81 -11.44
CA SER B 373 1.84 22.82 -12.86
C SER B 373 3.34 22.94 -13.15
N THR B 374 3.81 22.20 -14.14
CA THR B 374 5.24 22.06 -14.40
C THR B 374 5.89 23.42 -14.67
N PHE B 375 5.26 24.22 -15.53
CA PHE B 375 5.85 25.49 -15.99
C PHE B 375 5.55 26.65 -15.00
N ALA B 376 4.60 26.45 -14.11
CA ALA B 376 4.08 27.53 -13.30
C ALA B 376 5.07 27.91 -12.25
N LYS B 377 5.24 29.21 -12.04
CA LYS B 377 6.05 29.72 -10.97
C LYS B 377 7.57 29.61 -11.29
N ASP B 378 7.88 29.35 -12.56
CA ASP B 378 9.24 29.30 -13.01
C ASP B 378 9.98 30.58 -12.66
N GLY B 379 11.30 30.47 -12.55
CA GLY B 379 12.15 31.59 -12.09
C GLY B 379 12.24 32.73 -13.08
N LEU B 380 12.20 32.41 -14.37
CA LEU B 380 12.45 33.42 -15.38
C LEU B 380 11.27 34.36 -15.51
N SER B 381 10.08 33.80 -15.61
CA SER B 381 8.87 34.61 -15.66
C SER B 381 8.67 35.34 -14.35
N ALA B 382 8.96 34.68 -13.25
CA ALA B 382 8.94 35.33 -11.97
C ALA B 382 9.76 36.64 -11.99
N SER B 383 11.04 36.53 -12.34
CA SER B 383 11.97 37.70 -12.29
C SER B 383 11.45 38.82 -13.20
N ILE B 384 10.99 38.45 -14.37
CA ILE B 384 10.42 39.42 -15.29
C ILE B 384 9.14 40.06 -14.72
N ALA B 385 8.33 39.28 -13.99
CA ALA B 385 7.12 39.83 -13.29
C ALA B 385 7.51 40.91 -12.27
N LEU B 386 8.53 40.65 -11.46
CA LEU B 386 9.04 41.67 -10.52
C LEU B 386 9.49 42.92 -11.26
N LYS B 387 10.11 42.73 -12.42
CA LYS B 387 10.54 43.88 -13.24
C LYS B 387 9.36 44.72 -13.70
N VAL B 388 8.42 44.09 -14.40
CA VAL B 388 7.20 44.78 -14.86
C VAL B 388 6.51 45.56 -13.70
N LEU B 389 6.44 44.95 -12.51
CA LEU B 389 5.79 45.60 -11.36
C LEU B 389 6.61 46.77 -10.90
N GLU B 390 7.93 46.60 -10.84
CA GLU B 390 8.86 47.71 -10.66
C GLU B 390 8.50 48.87 -11.58
N MET B 391 8.31 48.58 -12.86
CA MET B 391 8.23 49.63 -13.88
C MET B 391 6.94 50.40 -13.81
N VAL B 392 5.82 49.70 -13.60
CA VAL B 392 4.50 50.35 -13.56
C VAL B 392 4.31 51.17 -12.26
N GLU B 393 5.06 50.81 -11.22
CA GLU B 393 4.96 51.52 -9.92
C GLU B 393 5.95 52.68 -9.79
N ALA B 394 6.89 52.79 -10.73
CA ALA B 394 8.02 53.72 -10.57
C ALA B 394 7.56 55.18 -10.44
N ASP B 395 8.37 55.98 -9.75
CA ASP B 395 8.22 57.46 -9.72
C ASP B 395 6.86 57.86 -9.26
N GLY B 396 6.47 57.35 -8.08
CA GLY B 396 5.30 57.84 -7.36
C GLY B 396 4.00 57.54 -8.06
N GLY B 397 4.04 56.64 -9.05
CA GLY B 397 2.83 56.26 -9.82
C GLY B 397 2.59 57.15 -11.04
N ARG B 398 3.68 57.62 -11.65
CA ARG B 398 3.58 58.54 -12.78
C ARG B 398 3.15 57.80 -14.05
N VAL B 399 3.32 56.48 -14.04
CA VAL B 399 3.01 55.67 -15.21
C VAL B 399 1.48 55.61 -15.45
N TYR B 400 0.72 55.47 -14.38
CA TYR B 400 -0.74 55.47 -14.48
C TYR B 400 -1.22 56.83 -14.96
N GLN B 401 -0.55 57.88 -14.51
CA GLN B 401 -0.91 59.24 -14.91
C GLN B 401 -0.71 59.43 -16.39
N ARG B 402 0.34 58.83 -16.90
CA ARG B 402 0.61 58.85 -18.33
C ARG B 402 -0.38 57.97 -19.11
N VAL B 403 -0.75 56.82 -18.56
CA VAL B 403 -1.80 55.97 -19.17
C VAL B 403 -3.11 56.74 -19.29
N ARG B 404 -3.44 57.48 -18.23
CA ARG B 404 -4.70 58.20 -18.19
C ARG B 404 -4.75 59.29 -19.24
N GLU B 405 -3.65 60.07 -19.34
CA GLU B 405 -3.63 61.25 -20.23
C GLU B 405 -3.43 60.88 -21.69
N ARG B 406 -2.65 59.81 -21.95
CA ARG B 406 -2.58 59.20 -23.31
C ARG B 406 -3.97 58.63 -23.73
N GLY B 407 -4.64 57.98 -22.79
CA GLY B 407 -5.98 57.46 -23.03
C GLY B 407 -6.99 58.57 -23.32
N GLN B 408 -6.88 59.70 -22.57
CA GLN B 408 -7.77 60.86 -22.78
C GLN B 408 -7.60 61.41 -24.17
N ARG B 409 -6.36 61.60 -24.59
CA ARG B 409 -6.06 62.05 -25.93
C ARG B 409 -6.74 61.16 -26.98
N LEU B 410 -6.54 59.85 -26.85
CA LEU B 410 -6.97 58.89 -27.87
C LEU B 410 -8.49 58.76 -27.90
N GLU B 411 -9.13 58.89 -26.74
CA GLU B 411 -10.58 58.84 -26.65
C GLU B 411 -11.21 60.07 -27.33
N ALA B 412 -10.50 61.19 -27.27
CA ALA B 412 -11.02 62.44 -27.80
C ALA B 412 -11.07 62.41 -29.30
N MET B 413 -9.98 61.99 -29.92
CA MET B 413 -9.94 61.94 -31.38
C MET B 413 -10.84 60.86 -31.90
N LEU B 414 -11.01 59.78 -31.13
CA LEU B 414 -12.01 58.77 -31.46
C LEU B 414 -13.43 59.35 -31.38
N GLU B 415 -13.71 60.08 -30.29
CA GLU B 415 -15.01 60.73 -30.11
C GLU B 415 -15.27 61.80 -31.26
N SER B 416 -14.20 62.45 -31.69
CA SER B 416 -14.29 63.48 -32.72
C SER B 416 -14.51 62.86 -34.11
N VAL B 417 -14.00 61.65 -34.32
CA VAL B 417 -14.26 60.93 -35.58
C VAL B 417 -15.71 60.46 -35.63
N ARG B 418 -16.17 59.83 -34.56
CA ARG B 418 -17.59 59.49 -34.40
C ARG B 418 -18.48 60.63 -34.81
N ALA B 419 -18.23 61.81 -34.23
CA ALA B 419 -19.11 62.98 -34.42
C ALA B 419 -19.29 63.31 -35.91
N ASP B 420 -18.22 63.14 -36.70
CA ASP B 420 -18.26 63.45 -38.12
C ASP B 420 -18.65 62.23 -38.96
N HIS B 421 -18.69 61.06 -38.33
CA HIS B 421 -18.98 59.82 -39.04
C HIS B 421 -19.98 58.98 -38.27
N SER B 422 -20.94 59.64 -37.60
CA SER B 422 -21.95 58.94 -36.78
C SER B 422 -22.90 58.08 -37.64
N ASP B 423 -22.92 58.33 -38.93
CA ASP B 423 -23.68 57.49 -39.88
C ASP B 423 -23.09 56.07 -40.01
N VAL B 424 -21.86 55.90 -39.52
CA VAL B 424 -21.19 54.57 -39.58
C VAL B 424 -20.63 54.12 -38.20
N VAL B 425 -20.33 55.08 -37.33
CA VAL B 425 -19.90 54.79 -35.96
C VAL B 425 -21.03 55.08 -34.94
N SER B 426 -21.33 54.08 -34.09
CA SER B 426 -22.43 54.19 -33.10
C SER B 426 -21.96 54.85 -31.81
N ALA B 427 -20.77 54.49 -31.37
CA ALA B 427 -20.35 54.74 -29.99
C ALA B 427 -18.85 54.62 -29.84
N VAL B 428 -18.30 55.31 -28.86
CA VAL B 428 -17.00 54.99 -28.32
C VAL B 428 -17.14 54.38 -26.95
N TRP B 429 -16.48 53.25 -26.74
CA TRP B 429 -16.54 52.53 -25.47
C TRP B 429 -15.14 52.40 -24.85
N GLY B 430 -15.10 52.14 -23.55
CA GLY B 430 -13.85 51.74 -22.88
C GLY B 430 -13.35 52.79 -21.96
N THR B 431 -12.14 52.60 -21.45
CA THR B 431 -11.54 53.55 -20.55
C THR B 431 -10.03 53.36 -20.50
N GLY B 432 -9.30 54.44 -20.20
CA GLY B 432 -7.83 54.41 -20.23
C GLY B 432 -7.30 54.19 -21.62
N LEU B 433 -6.30 53.33 -21.74
CA LEU B 433 -5.80 52.91 -23.08
C LEU B 433 -6.44 51.62 -23.54
N MET B 434 -7.72 51.49 -23.28
CA MET B 434 -8.45 50.28 -23.64
C MET B 434 -9.79 50.65 -24.24
N LEU B 435 -9.80 50.95 -25.52
CA LEU B 435 -10.89 51.67 -26.14
C LEU B 435 -11.38 50.93 -27.36
N ALA B 436 -12.58 51.29 -27.85
CA ALA B 436 -13.11 50.71 -29.10
C ALA B 436 -14.16 51.62 -29.75
N LEU B 437 -14.24 51.57 -31.10
CA LEU B 437 -15.42 52.12 -31.85
C LEU B 437 -16.42 51.03 -32.15
N GLU B 438 -17.71 51.33 -31.96
CA GLU B 438 -18.77 50.44 -32.41
C GLU B 438 -19.24 50.82 -33.82
N LEU B 439 -19.19 49.85 -34.73
CA LEU B 439 -19.65 50.08 -36.12
C LEU B 439 -21.17 49.84 -36.23
N ARG B 440 -21.84 50.63 -37.05
CA ARG B 440 -23.25 50.41 -37.35
C ARG B 440 -23.41 49.21 -38.28
N ASP B 441 -24.48 48.45 -38.07
CA ASP B 441 -24.75 47.23 -38.86
C ASP B 441 -24.74 47.55 -40.37
N GLN B 442 -24.01 46.74 -41.14
CA GLN B 442 -23.87 46.95 -42.57
C GLN B 442 -24.43 45.77 -43.35
N SER B 443 -25.25 44.96 -42.69
CA SER B 443 -25.87 43.80 -43.35
C SER B 443 -26.86 44.24 -44.44
N ASN B 444 -27.32 45.48 -44.37
CA ASN B 444 -28.21 46.03 -45.39
C ASN B 444 -27.50 46.98 -46.33
N ALA B 445 -26.20 46.81 -46.46
CA ALA B 445 -25.39 47.80 -47.13
C ALA B 445 -25.63 47.75 -48.62
N THR B 446 -25.39 48.89 -49.28
CA THR B 446 -25.58 49.00 -50.70
C THR B 446 -24.64 48.08 -51.43
N SER B 447 -23.34 48.32 -51.28
CA SER B 447 -22.35 47.48 -51.91
C SER B 447 -22.62 46.02 -51.58
N GLN B 448 -22.67 45.20 -52.61
CA GLN B 448 -22.91 43.77 -52.43
C GLN B 448 -21.72 43.09 -51.67
N ALA B 449 -20.51 43.50 -51.98
CA ALA B 449 -19.32 42.87 -51.41
C ALA B 449 -19.19 43.22 -49.91
N ILE B 450 -19.53 44.46 -49.55
CA ILE B 450 -19.52 44.88 -48.12
C ILE B 450 -20.57 44.13 -47.35
N ARG B 451 -21.76 44.06 -47.92
CA ARG B 451 -22.93 43.48 -47.27
C ARG B 451 -22.72 41.99 -47.03
N GLU B 452 -22.13 41.32 -48.01
CA GLU B 452 -21.85 39.89 -47.90
C GLU B 452 -20.86 39.62 -46.75
N LYS B 453 -19.82 40.45 -46.63
CA LYS B 453 -18.86 40.33 -45.53
C LYS B 453 -19.56 40.57 -44.17
N ALA B 454 -20.35 41.63 -44.10
CA ALA B 454 -21.10 41.93 -42.88
C ALA B 454 -22.02 40.77 -42.49
N ALA B 455 -22.67 40.17 -43.48
CA ALA B 455 -23.54 39.02 -43.22
C ALA B 455 -22.76 37.85 -42.63
N HIS B 456 -21.54 37.63 -43.13
CA HIS B 456 -20.70 36.54 -42.67
C HIS B 456 -20.04 36.87 -41.30
N GLY B 457 -20.24 38.10 -40.82
CA GLY B 457 -19.63 38.54 -39.53
C GLY B 457 -18.18 39.07 -39.68
N PHE B 458 -17.76 39.33 -40.92
CA PHE B 458 -16.32 39.64 -41.21
C PHE B 458 -16.06 41.13 -41.49
N LEU B 459 -17.03 41.99 -41.17
CA LEU B 459 -16.94 43.39 -41.53
C LEU B 459 -15.69 44.04 -40.94
N GLY B 460 -15.51 43.88 -39.63
CA GLY B 460 -14.42 44.56 -38.91
C GLY B 460 -13.07 44.15 -39.41
N TYR B 461 -12.91 42.86 -39.71
CA TYR B 461 -11.65 42.36 -40.21
C TYR B 461 -11.35 42.98 -41.56
N VAL B 462 -12.38 43.13 -42.38
CA VAL B 462 -12.23 43.76 -43.71
C VAL B 462 -11.75 45.21 -43.57
N LEU B 463 -12.37 45.96 -42.67
CA LEU B 463 -12.00 47.32 -42.44
C LEU B 463 -10.56 47.40 -41.93
N ALA B 464 -10.16 46.43 -41.12
CA ALA B 464 -8.80 46.39 -40.58
C ALA B 464 -7.77 46.14 -41.66
N GLY B 465 -8.18 45.42 -42.71
CA GLY B 465 -7.33 45.22 -43.89
C GLY B 465 -7.14 46.50 -44.71
N PHE B 466 -8.18 47.33 -44.77
CA PHE B 466 -8.06 48.63 -45.41
C PHE B 466 -7.06 49.49 -44.67
N LEU B 467 -7.25 49.61 -43.36
CA LEU B 467 -6.37 50.38 -42.52
C LEU B 467 -4.91 49.92 -42.68
N LEU B 468 -4.70 48.63 -42.85
CA LEU B 468 -3.38 48.08 -42.95
C LEU B 468 -2.72 48.51 -44.26
N ARG B 469 -3.37 48.17 -45.37
CA ARG B 469 -2.72 48.23 -46.69
C ARG B 469 -2.63 49.67 -47.23
N GLU B 470 -3.46 50.58 -46.70
CA GLU B 470 -3.57 51.92 -47.25
C GLU B 470 -3.06 52.98 -46.30
N HIS B 471 -2.97 52.64 -45.02
CA HIS B 471 -2.47 53.59 -44.01
C HIS B 471 -1.43 52.96 -43.07
N HIS B 472 -1.05 51.71 -43.34
CA HIS B 472 -0.05 51.02 -42.54
C HIS B 472 -0.35 51.16 -41.05
N ILE B 473 -1.57 50.85 -40.68
CA ILE B 473 -1.95 50.79 -39.31
C ILE B 473 -2.58 49.44 -39.01
N ARG B 474 -2.17 48.85 -37.88
CA ARG B 474 -2.67 47.51 -37.45
C ARG B 474 -3.68 47.68 -36.36
N VAL B 475 -4.94 47.47 -36.72
CA VAL B 475 -6.00 47.34 -35.77
C VAL B 475 -6.63 45.94 -35.91
N LEU B 476 -7.19 45.42 -34.82
CA LEU B 476 -7.99 44.20 -34.88
C LEU B 476 -9.36 44.42 -34.30
N PRO B 477 -10.35 43.76 -34.86
CA PRO B 477 -11.73 43.92 -34.35
C PRO B 477 -11.96 43.23 -33.04
N ALA B 478 -13.03 43.63 -32.36
CA ALA B 478 -13.55 42.86 -31.23
C ALA B 478 -15.07 42.58 -31.45
N GLY B 479 -15.61 41.71 -30.63
CA GLY B 479 -17.03 41.50 -30.58
C GLY B 479 -17.43 40.33 -31.45
N PRO B 480 -18.65 39.80 -31.21
CA PRO B 480 -19.08 38.48 -31.73
C PRO B 480 -19.35 38.48 -33.26
N ARG B 481 -19.68 39.65 -33.83
CA ARG B 481 -19.80 39.79 -35.27
C ARG B 481 -18.71 40.72 -35.81
N SER B 482 -17.58 40.75 -35.13
CA SER B 482 -16.47 41.62 -35.50
C SER B 482 -16.99 43.04 -35.77
N GLY B 483 -17.90 43.51 -34.92
CA GLY B 483 -18.56 44.78 -35.12
C GLY B 483 -17.95 45.92 -34.32
N PHE B 484 -16.81 45.66 -33.67
CA PHE B 484 -16.05 46.73 -33.03
C PHE B 484 -14.60 46.77 -33.54
N LEU B 485 -13.97 47.94 -33.48
CA LEU B 485 -12.53 48.06 -33.71
C LEU B 485 -11.85 48.42 -32.44
N ARG B 486 -10.79 47.67 -32.10
CA ARG B 486 -10.11 47.80 -30.82
C ARG B 486 -8.95 48.80 -30.94
N PHE B 487 -8.75 49.59 -29.92
CA PHE B 487 -7.52 50.36 -29.77
C PHE B 487 -6.99 50.19 -28.40
N SER B 488 -5.87 49.49 -28.28
CA SER B 488 -5.21 49.32 -26.99
C SER B 488 -3.69 49.36 -27.17
N PRO B 489 -3.17 50.53 -27.55
CA PRO B 489 -1.73 50.71 -27.78
C PRO B 489 -0.96 50.82 -26.50
N SER B 490 0.35 50.99 -26.62
CA SER B 490 1.19 51.15 -25.45
C SER B 490 1.10 52.58 -24.98
N LEU B 491 1.60 52.83 -23.78
CA LEU B 491 1.55 54.16 -23.20
C LEU B 491 2.57 55.12 -23.85
N TYR B 492 3.36 54.60 -24.79
CA TYR B 492 4.37 55.41 -25.50
C TYR B 492 3.82 55.93 -26.82
N ILE B 493 2.53 55.72 -27.04
CA ILE B 493 1.90 56.19 -28.27
C ILE B 493 2.05 57.71 -28.37
N THR B 494 2.59 58.17 -29.48
CA THR B 494 2.89 59.60 -29.65
C THR B 494 1.70 60.33 -30.27
N ASP B 495 1.66 61.66 -30.08
CA ASP B 495 0.59 62.50 -30.67
C ASP B 495 0.55 62.36 -32.19
N GLU B 496 1.72 62.27 -32.81
CA GLU B 496 1.81 62.14 -34.25
C GLU B 496 1.24 60.83 -34.72
N GLU B 497 1.42 59.80 -33.91
CA GLU B 497 0.85 58.49 -34.18
C GLU B 497 -0.67 58.52 -34.01
N ILE B 498 -1.13 59.26 -33.03
CA ILE B 498 -2.56 59.41 -32.81
C ILE B 498 -3.22 60.23 -33.94
N ASP B 499 -2.48 61.23 -34.46
CA ASP B 499 -2.94 62.01 -35.66
C ASP B 499 -3.00 61.13 -36.90
N ARG B 500 -1.98 60.34 -37.12
CA ARG B 500 -1.94 59.42 -38.27
C ARG B 500 -3.10 58.42 -38.22
N THR B 501 -3.55 58.08 -37.00
CA THR B 501 -4.69 57.18 -36.83
C THR B 501 -6.00 57.90 -37.11
N GLU B 502 -6.13 59.13 -36.63
CA GLU B 502 -7.29 59.97 -36.96
C GLU B 502 -7.47 60.13 -38.50
N THR B 503 -6.39 60.45 -39.20
CA THR B 503 -6.40 60.52 -40.68
C THR B 503 -6.87 59.18 -41.27
N ALA B 504 -6.31 58.09 -40.77
CA ALA B 504 -6.62 56.74 -41.29
C ALA B 504 -8.11 56.42 -41.15
N LEU B 505 -8.68 56.78 -40.01
CA LEU B 505 -10.04 56.42 -39.69
C LEU B 505 -11.03 57.25 -40.52
N ARG B 506 -10.83 58.56 -40.54
CA ARG B 506 -11.64 59.46 -41.39
C ARG B 506 -11.66 58.97 -42.85
N SER B 507 -10.50 58.59 -43.34
CA SER B 507 -10.41 57.98 -44.68
C SER B 507 -11.28 56.73 -44.78
N LEU B 508 -11.19 55.85 -43.78
CA LEU B 508 -11.91 54.57 -43.79
C LEU B 508 -13.38 54.80 -43.80
N PHE B 509 -13.84 55.69 -42.92
CA PHE B 509 -15.24 55.85 -42.66
C PHE B 509 -15.89 56.75 -43.71
N THR B 510 -15.04 57.40 -44.52
CA THR B 510 -15.53 58.09 -45.75
C THR B 510 -15.72 57.09 -46.90
N ALA B 511 -14.78 56.17 -47.07
CA ALA B 511 -14.96 55.06 -48.03
C ALA B 511 -16.20 54.19 -47.67
N LEU B 512 -16.41 53.93 -46.40
CA LEU B 512 -17.56 53.12 -45.96
C LEU B 512 -18.88 53.88 -46.24
N ARG B 513 -18.91 55.18 -45.88
CA ARG B 513 -20.02 56.07 -46.24
C ARG B 513 -20.36 55.97 -47.73
N ASP B 514 -19.34 56.16 -48.57
CA ASP B 514 -19.50 56.10 -50.02
C ASP B 514 -19.87 54.68 -50.50
N GLN B 515 -19.74 53.70 -49.61
CA GLN B 515 -20.02 52.28 -49.94
C GLN B 515 -19.10 51.79 -51.05
N ASP B 516 -17.80 52.03 -50.88
CA ASP B 516 -16.83 51.77 -51.94
C ASP B 516 -16.21 50.37 -51.77
N GLY B 517 -17.03 49.35 -52.00
CA GLY B 517 -16.63 47.96 -51.74
C GLY B 517 -15.50 47.45 -52.64
N ASP B 518 -15.23 48.17 -53.73
CA ASP B 518 -14.03 47.92 -54.54
C ASP B 518 -12.76 48.21 -53.73
N ARG B 519 -12.83 49.22 -52.91
CA ARG B 519 -11.66 49.71 -52.20
C ARG B 519 -11.51 48.96 -50.86
N LEU B 520 -12.63 48.50 -50.31
CA LEU B 520 -12.68 47.96 -48.99
C LEU B 520 -12.53 46.47 -49.01
N VAL B 521 -13.24 45.82 -49.92
CA VAL B 521 -13.20 44.37 -50.01
C VAL B 521 -12.29 43.98 -51.12
N LEU B 522 -11.38 43.07 -50.85
CA LEU B 522 -10.48 42.59 -51.85
C LEU B 522 -10.47 41.08 -51.87
N GLU C 7 -13.37 -2.38 35.34
CA GLU C 7 -13.36 -3.54 36.30
C GLU C 7 -12.20 -4.52 35.97
N PRO C 8 -11.84 -5.40 36.95
CA PRO C 8 -10.80 -6.41 36.74
C PRO C 8 -11.05 -7.29 35.52
N VAL C 9 -9.97 -7.72 34.87
CA VAL C 9 -10.05 -8.37 33.59
C VAL C 9 -8.82 -9.25 33.38
N TYR C 10 -9.07 -10.53 33.11
CA TYR C 10 -8.06 -11.58 33.29
C TYR C 10 -7.64 -12.21 31.93
N ALA C 11 -8.23 -11.73 30.84
CA ALA C 11 -7.81 -12.08 29.51
C ALA C 11 -8.48 -11.18 28.47
N ASP C 12 -7.84 -11.02 27.32
CA ASP C 12 -8.57 -10.67 26.07
C ASP C 12 -9.01 -9.18 26.02
N ALA C 13 -8.68 -8.42 27.05
CA ALA C 13 -9.17 -7.04 27.14
C ALA C 13 -8.87 -6.25 25.85
N VAL C 14 -7.59 -6.22 25.48
CA VAL C 14 -7.17 -5.47 24.31
C VAL C 14 -7.71 -6.10 23.04
N LEU C 15 -7.58 -7.42 22.93
CA LEU C 15 -8.12 -8.17 21.79
C LEU C 15 -9.63 -7.88 21.60
N ASN C 16 -10.38 -7.90 22.70
CA ASN C 16 -11.82 -7.64 22.65
C ASN C 16 -12.16 -6.18 22.30
N GLY C 17 -11.44 -5.25 22.92
CA GLY C 17 -11.59 -3.84 22.59
C GLY C 17 -11.44 -3.61 21.11
N TRP C 18 -10.40 -4.19 20.55
CA TRP C 18 -10.11 -3.99 19.16
C TRP C 18 -11.22 -4.59 18.25
N LEU C 19 -11.64 -5.81 18.56
CA LEU C 19 -12.65 -6.49 17.74
C LEU C 19 -13.94 -5.70 17.72
N THR C 20 -14.29 -5.12 18.86
CA THR C 20 -15.51 -4.36 18.97
C THR C 20 -15.49 -3.14 18.04
N SER C 21 -14.39 -2.42 18.02
CA SER C 21 -14.27 -1.22 17.22
C SER C 21 -14.25 -1.54 15.72
N MET C 22 -13.69 -2.72 15.36
CA MET C 22 -13.75 -3.22 13.95
C MET C 22 -15.18 -3.61 13.55
N GLY C 23 -16.05 -3.74 14.54
CA GLY C 23 -17.44 -4.22 14.32
C GLY C 23 -17.58 -5.74 14.42
N LEU C 24 -16.65 -6.37 15.15
CA LEU C 24 -16.56 -7.84 15.18
C LEU C 24 -16.69 -8.39 16.61
N GLY C 25 -17.07 -7.54 17.54
CA GLY C 25 -17.29 -7.96 18.89
C GLY C 25 -18.58 -8.76 19.00
N VAL C 26 -18.47 -10.08 18.86
CA VAL C 26 -19.61 -10.95 18.97
C VAL C 26 -19.19 -12.31 19.54
N GLU C 27 -20.11 -12.94 20.27
CA GLU C 27 -19.86 -14.25 20.82
C GLU C 27 -20.75 -15.24 20.14
N TYR C 28 -20.13 -16.24 19.52
CA TYR C 28 -20.84 -17.34 18.93
C TYR C 28 -21.09 -18.44 19.97
N VAL C 29 -22.35 -18.89 20.08
CA VAL C 29 -22.74 -19.81 21.17
C VAL C 29 -22.97 -21.20 20.69
N ARG C 30 -23.14 -21.36 19.39
CA ARG C 30 -23.40 -22.68 18.81
C ARG C 30 -22.94 -22.70 17.34
N ALA C 31 -22.64 -23.88 16.82
CA ALA C 31 -22.17 -24.01 15.46
C ALA C 31 -22.52 -25.33 14.87
N GLU C 32 -22.96 -25.33 13.61
CA GLU C 32 -23.15 -26.54 12.86
C GLU C 32 -23.13 -26.27 11.42
N GLY C 33 -22.56 -27.19 10.66
CA GLY C 33 -22.34 -26.99 9.27
C GLY C 33 -21.56 -25.73 9.00
N ASN C 34 -22.09 -24.89 8.10
CA ASN C 34 -21.43 -23.69 7.66
C ASN C 34 -21.93 -22.50 8.40
N THR C 35 -22.61 -22.75 9.52
CA THR C 35 -23.29 -21.70 10.22
C THR C 35 -22.87 -21.66 11.66
N VAL C 36 -22.58 -20.45 12.14
CA VAL C 36 -22.40 -20.22 13.55
C VAL C 36 -23.48 -19.25 14.04
N TYR C 37 -23.82 -19.34 15.33
CA TYR C 37 -24.98 -18.55 15.90
C TYR C 37 -24.53 -17.63 17.05
N TYR C 38 -24.98 -16.38 17.03
CA TYR C 38 -24.93 -15.53 18.25
C TYR C 38 -26.32 -15.21 18.74
N LEU C 39 -26.40 -14.64 19.95
CA LEU C 39 -27.67 -14.22 20.51
C LEU C 39 -27.86 -12.72 20.33
N ASP C 40 -29.05 -12.32 19.84
CA ASP C 40 -29.37 -10.88 19.72
C ASP C 40 -29.79 -10.28 21.08
N ASP C 41 -30.12 -8.99 21.08
CA ASP C 41 -30.52 -8.30 22.32
C ASP C 41 -31.63 -9.04 23.06
N GLU C 42 -32.55 -9.64 22.29
CA GLU C 42 -33.76 -10.27 22.88
C GLU C 42 -33.55 -11.78 23.19
N GLY C 43 -32.34 -12.29 22.88
CA GLY C 43 -31.97 -13.69 23.26
C GLY C 43 -32.19 -14.73 22.15
N ARG C 44 -32.59 -14.26 20.97
CA ARG C 44 -32.81 -15.13 19.80
C ARG C 44 -31.45 -15.52 19.12
N GLU C 45 -31.38 -16.77 18.66
CA GLU C 45 -30.26 -17.22 17.86
C GLU C 45 -30.31 -16.65 16.47
N VAL C 46 -29.25 -15.95 16.09
CA VAL C 46 -29.13 -15.43 14.75
C VAL C 46 -28.11 -16.29 13.95
N PRO C 47 -28.53 -16.84 12.80
CA PRO C 47 -27.59 -17.62 11.98
C PRO C 47 -26.63 -16.71 11.17
N VAL C 48 -25.32 -17.01 11.25
CA VAL C 48 -24.31 -16.33 10.47
C VAL C 48 -23.60 -17.33 9.58
N LEU C 49 -23.42 -16.99 8.31
CA LEU C 49 -22.64 -17.85 7.37
C LEU C 49 -21.15 -17.65 7.59
N ASP C 50 -20.42 -18.77 7.79
CA ASP C 50 -19.01 -18.73 8.17
C ASP C 50 -18.12 -19.04 6.97
N HIS C 51 -17.40 -18.01 6.49
CA HIS C 51 -16.45 -18.18 5.38
C HIS C 51 -15.01 -18.31 5.88
N ALA C 52 -14.80 -18.02 7.16
CA ALA C 52 -13.48 -18.17 7.78
C ALA C 52 -13.18 -19.65 8.13
N CYS C 53 -14.06 -20.25 8.92
CA CYS C 53 -14.05 -21.73 9.12
C CYS C 53 -12.74 -22.23 9.71
N GLY C 54 -12.30 -21.59 10.76
CA GLY C 54 -11.07 -21.98 11.43
C GLY C 54 -9.86 -21.80 10.54
N PHE C 55 -9.92 -20.78 9.68
CA PHE C 55 -8.86 -20.51 8.72
C PHE C 55 -8.60 -21.71 7.82
N GLY C 56 -9.64 -22.50 7.56
CA GLY C 56 -9.54 -23.64 6.63
C GLY C 56 -9.65 -25.02 7.35
N SER C 57 -9.71 -25.00 8.68
CA SER C 57 -9.77 -26.25 9.47
C SER C 57 -11.06 -27.09 9.18
N LEU C 58 -12.13 -26.42 8.77
CA LEU C 58 -13.46 -27.05 8.75
C LEU C 58 -13.87 -27.40 7.34
N ILE C 59 -13.15 -28.34 6.74
CA ILE C 59 -13.46 -28.76 5.37
C ILE C 59 -14.82 -29.46 5.31
N PHE C 60 -15.22 -30.07 6.44
CA PHE C 60 -16.53 -30.75 6.55
C PHE C 60 -17.52 -29.95 7.41
N GLY C 61 -17.21 -28.66 7.63
CA GLY C 61 -18.06 -27.78 8.47
C GLY C 61 -17.85 -27.96 9.95
N HIS C 62 -18.42 -27.05 10.75
CA HIS C 62 -18.45 -27.21 12.23
C HIS C 62 -19.19 -28.50 12.62
N ASN C 63 -18.61 -29.26 13.52
CA ASN C 63 -19.34 -30.28 14.25
C ASN C 63 -20.11 -31.20 13.33
N HIS C 64 -19.41 -31.76 12.35
CA HIS C 64 -20.00 -32.72 11.47
C HIS C 64 -20.43 -33.91 12.26
N PRO C 65 -21.73 -34.31 12.12
CA PRO C 65 -22.32 -35.43 12.87
C PRO C 65 -21.48 -36.70 12.85
N GLU C 66 -21.00 -37.06 11.68
CA GLU C 66 -20.22 -38.28 11.52
C GLU C 66 -18.90 -38.23 12.34
N ILE C 67 -18.32 -37.05 12.47
CA ILE C 67 -17.08 -36.88 13.25
C ILE C 67 -17.37 -36.85 14.75
N ILE C 68 -18.48 -36.24 15.12
CA ILE C 68 -18.91 -36.18 16.52
C ILE C 68 -19.26 -37.60 17.04
N ALA C 69 -20.07 -38.32 16.26
CA ALA C 69 -20.38 -39.71 16.57
C ALA C 69 -19.11 -40.52 16.83
N HIS C 70 -18.15 -40.43 15.92
CA HIS C 70 -16.90 -41.18 16.04
C HIS C 70 -16.18 -40.82 17.33
N ALA C 71 -16.13 -39.54 17.66
CA ALA C 71 -15.45 -39.12 18.81
C ALA C 71 -16.11 -39.67 20.05
N LYS C 72 -17.44 -39.60 20.09
CA LYS C 72 -18.20 -40.10 21.23
C LYS C 72 -18.00 -41.62 21.40
N ALA C 73 -18.00 -42.33 20.30
CA ALA C 73 -17.73 -43.78 20.34
C ALA C 73 -16.33 -44.06 20.88
N ALA C 74 -15.33 -43.34 20.38
CA ALA C 74 -13.95 -43.52 20.83
C ALA C 74 -13.85 -43.29 22.35
N LEU C 75 -14.48 -42.22 22.83
CA LEU C 75 -14.52 -41.94 24.29
C LEU C 75 -15.23 -43.08 25.05
N ASP C 76 -16.34 -43.56 24.49
CA ASP C 76 -17.13 -44.61 25.12
C ASP C 76 -16.38 -45.96 25.16
N ALA C 77 -15.52 -46.21 24.20
CA ALA C 77 -14.73 -47.49 24.16
C ALA C 77 -13.48 -47.43 25.12
N GLY C 78 -13.30 -46.32 25.81
CA GLY C 78 -12.14 -46.15 26.68
C GLY C 78 -10.84 -46.23 25.91
N THR C 79 -10.82 -45.59 24.74
CA THR C 79 -9.60 -45.36 24.02
C THR C 79 -8.44 -44.93 24.97
N VAL C 80 -7.27 -45.46 24.73
CA VAL C 80 -6.09 -45.06 25.47
C VAL C 80 -5.53 -43.80 24.87
N VAL C 81 -5.73 -42.69 25.56
CA VAL C 81 -5.31 -41.42 25.06
C VAL C 81 -3.82 -41.20 25.38
N HIS C 82 -3.44 -41.45 26.64
CA HIS C 82 -2.05 -41.33 27.08
C HIS C 82 -1.41 -42.70 27.25
N ALA C 83 -0.57 -43.05 26.29
CA ALA C 83 0.02 -44.34 26.23
C ALA C 83 1.47 -44.22 25.78
N GLN C 84 2.18 -43.26 26.34
CA GLN C 84 3.47 -42.89 25.82
C GLN C 84 4.44 -44.05 26.02
N LEU C 85 5.33 -44.23 25.06
CA LEU C 85 6.33 -45.32 25.12
C LEU C 85 5.65 -46.66 25.18
N SER C 86 4.71 -46.88 24.26
CA SER C 86 4.14 -48.17 24.03
C SER C 86 3.86 -48.30 22.57
N ARG C 87 3.42 -49.49 22.15
CA ARG C 87 3.12 -49.71 20.76
C ARG C 87 1.76 -49.05 20.40
N GLN C 88 1.82 -48.03 19.54
CA GLN C 88 0.62 -47.33 19.07
C GLN C 88 0.49 -47.44 17.54
N PRO C 89 0.01 -48.58 17.06
CA PRO C 89 0.03 -48.90 15.62
C PRO C 89 -0.84 -47.96 14.76
N ARG C 90 -1.69 -47.19 15.40
CA ARG C 90 -2.54 -46.26 14.67
C ARG C 90 -1.72 -45.18 13.94
N ALA C 91 -0.56 -44.83 14.49
CA ALA C 91 0.32 -43.86 13.85
C ALA C 91 0.78 -44.40 12.52
N ASN C 92 1.32 -45.62 12.54
CA ASN C 92 1.70 -46.31 11.33
C ASN C 92 0.54 -46.42 10.31
N GLN C 93 -0.65 -46.68 10.81
CA GLN C 93 -1.83 -46.81 9.97
C GLN C 93 -2.18 -45.48 9.27
N ILE C 94 -2.22 -44.40 10.04
CA ILE C 94 -2.39 -43.07 9.48
C ILE C 94 -1.31 -42.75 8.39
N SER C 95 -0.04 -43.00 8.71
CA SER C 95 1.07 -42.65 7.79
C SER C 95 1.00 -43.47 6.52
N ARG C 96 0.52 -44.73 6.65
CA ARG C 96 0.34 -45.60 5.51
C ARG C 96 -0.66 -45.02 4.53
N ILE C 97 -1.75 -44.51 5.04
CA ILE C 97 -2.81 -43.95 4.21
C ILE C 97 -2.32 -42.69 3.49
N LEU C 98 -1.69 -41.79 4.22
CA LEU C 98 -1.11 -40.57 3.61
C LEU C 98 -0.10 -40.93 2.49
N ASN C 99 0.76 -41.91 2.76
CA ASN C 99 1.72 -42.43 1.75
C ASN C 99 1.03 -42.91 0.46
N ASP C 100 -0.08 -43.66 0.61
CA ASP C 100 -0.83 -44.13 -0.54
C ASP C 100 -1.42 -42.99 -1.32
N ILE C 101 -2.06 -42.08 -0.62
CA ILE C 101 -2.66 -40.90 -1.25
C ILE C 101 -1.60 -40.11 -2.05
N MET C 102 -0.44 -39.92 -1.45
CA MET C 102 0.65 -39.17 -2.08
C MET C 102 1.13 -39.86 -3.39
N ARG C 103 1.28 -41.17 -3.35
CA ARG C 103 1.67 -41.94 -4.55
C ARG C 103 0.65 -41.73 -5.66
N ARG C 104 -0.64 -41.82 -5.31
CA ARG C 104 -1.69 -41.78 -6.27
C ARG C 104 -1.83 -40.41 -6.90
N GLU C 105 -1.43 -39.36 -6.19
CA GLU C 105 -1.61 -38.00 -6.69
C GLU C 105 -0.36 -37.46 -7.42
N THR C 106 0.81 -38.00 -7.07
CA THR C 106 2.11 -37.53 -7.68
C THR C 106 2.61 -38.50 -8.74
N GLY C 107 2.09 -39.71 -8.74
CA GLY C 107 2.68 -40.79 -9.50
C GLY C 107 3.96 -41.36 -8.87
N ARG C 108 4.61 -40.58 -8.03
CA ARG C 108 5.91 -40.98 -7.45
C ARG C 108 5.74 -42.11 -6.44
N ASP C 109 6.75 -42.94 -6.32
CA ASP C 109 6.66 -44.12 -5.50
C ASP C 109 7.59 -44.01 -4.30
N ASP C 110 7.62 -42.82 -3.70
CA ASP C 110 8.45 -42.55 -2.55
C ASP C 110 7.72 -42.96 -1.30
N ARG C 111 8.47 -43.35 -0.28
CA ARG C 111 7.89 -43.69 1.02
C ARG C 111 8.29 -42.65 2.10
N TYR C 112 7.39 -42.44 3.07
CA TYR C 112 7.54 -41.34 4.06
C TYR C 112 7.37 -41.85 5.45
N ASN C 113 8.18 -41.32 6.36
CA ASN C 113 8.03 -41.58 7.78
C ASN C 113 7.27 -40.50 8.40
N ALA C 114 6.46 -40.84 9.42
CA ALA C 114 5.58 -39.86 10.08
C ALA C 114 6.01 -39.58 11.52
N ILE C 115 6.16 -38.29 11.83
CA ILE C 115 6.25 -37.84 13.19
C ILE C 115 5.09 -36.94 13.50
N PHE C 116 4.37 -37.26 14.60
CA PHE C 116 3.11 -36.56 14.91
C PHE C 116 3.34 -35.50 15.92
N ALA C 117 2.60 -34.41 15.80
CA ALA C 117 2.68 -33.30 16.79
C ALA C 117 1.27 -32.73 17.08
N ASN C 118 1.21 -31.54 17.68
CA ASN C 118 -0.08 -30.99 18.20
C ASN C 118 -0.55 -29.77 17.46
N SER C 119 0.30 -29.23 16.59
CA SER C 119 -0.06 -28.04 15.82
C SER C 119 0.80 -27.93 14.58
N GLY C 120 0.40 -27.06 13.67
CA GLY C 120 1.11 -26.87 12.41
C GLY C 120 2.51 -26.32 12.62
N ALA C 121 2.66 -25.43 13.60
CA ALA C 121 3.94 -24.86 13.92
C ALA C 121 4.86 -25.92 14.50
N GLU C 122 4.30 -26.84 15.28
CA GLU C 122 5.07 -27.93 15.85
C GLU C 122 5.49 -28.92 14.78
N ALA C 123 4.62 -29.14 13.80
CA ALA C 123 4.95 -29.98 12.65
C ALA C 123 6.15 -29.38 11.87
N ASN C 124 6.06 -28.11 11.53
CA ASN C 124 7.11 -27.46 10.81
C ASN C 124 8.45 -27.45 11.57
N GLU C 125 8.39 -27.38 12.88
CA GLU C 125 9.59 -27.27 13.69
C GLU C 125 10.26 -28.62 13.91
N ILE C 126 9.48 -29.68 13.91
CA ILE C 126 10.02 -31.02 13.66
C ILE C 126 10.88 -31.07 12.36
N CYS C 127 10.36 -30.49 11.29
CA CYS C 127 11.05 -30.49 10.01
C CYS C 127 12.31 -29.62 10.08
N MET C 128 12.20 -28.43 10.67
CA MET C 128 13.35 -27.59 10.94
C MET C 128 14.44 -28.39 11.66
N LYS C 129 14.05 -29.10 12.69
CA LYS C 129 15.00 -29.83 13.53
C LYS C 129 15.66 -30.95 12.75
N HIS C 130 14.88 -31.64 11.94
CA HIS C 130 15.41 -32.75 11.21
C HIS C 130 16.31 -32.28 10.11
N ALA C 131 15.99 -31.12 9.57
CA ALA C 131 16.84 -30.50 8.51
C ALA C 131 18.19 -30.16 9.05
N GLU C 132 18.23 -29.69 10.29
CA GLU C 132 19.47 -29.38 10.96
C GLU C 132 20.24 -30.61 11.29
N LEU C 133 19.55 -31.71 11.52
CA LEU C 133 20.24 -33.01 11.70
C LEU C 133 20.92 -33.44 10.40
N GLU C 134 20.24 -33.21 9.26
CA GLU C 134 20.83 -33.47 7.96
C GLU C 134 22.02 -32.58 7.72
N ARG C 135 21.91 -31.32 8.13
CA ARG C 135 23.00 -30.36 7.92
C ARG C 135 24.26 -30.72 8.77
N GLN C 136 24.05 -31.18 9.98
CA GLN C 136 25.15 -31.61 10.83
C GLN C 136 25.89 -32.83 10.24
N GLU C 137 25.14 -33.76 9.67
CA GLU C 137 25.75 -34.90 8.96
C GLU C 137 26.60 -34.41 7.77
N ARG C 138 26.04 -33.49 6.97
CA ARG C 138 26.82 -32.85 5.88
C ARG C 138 28.07 -32.27 6.43
N ILE C 139 27.96 -31.49 7.50
CA ILE C 139 29.10 -30.81 8.09
C ILE C 139 30.19 -31.79 8.59
N THR C 140 29.77 -32.84 9.30
CA THR C 140 30.72 -33.84 9.79
C THR C 140 31.48 -34.49 8.62
N ALA C 141 30.78 -34.75 7.52
CA ALA C 141 31.39 -35.44 6.37
C ALA C 141 32.44 -34.54 5.70
N LEU C 142 32.10 -33.27 5.52
CA LEU C 142 33.01 -32.30 4.92
C LEU C 142 34.24 -32.13 5.79
N PHE C 143 34.03 -31.85 7.08
CA PHE C 143 35.15 -31.63 8.02
C PHE C 143 36.05 -32.85 8.13
N ALA C 144 35.48 -34.02 8.02
CA ALA C 144 36.27 -35.25 7.97
C ALA C 144 37.21 -35.25 6.76
N GLU C 145 36.64 -34.98 5.59
CA GLU C 145 37.45 -34.87 4.36
C GLU C 145 38.57 -33.84 4.52
N ILE C 146 38.21 -32.66 5.04
CA ILE C 146 39.15 -31.54 5.16
C ILE C 146 40.37 -31.93 6.00
N ASP C 147 40.14 -32.71 7.06
CA ASP C 147 41.23 -33.26 7.86
C ASP C 147 42.16 -34.06 7.00
N ALA C 148 41.61 -35.03 6.28
CA ALA C 148 42.42 -35.93 5.45
C ALA C 148 43.15 -35.18 4.34
N GLU C 149 42.57 -34.07 3.87
CA GLU C 149 43.24 -33.18 2.90
C GLU C 149 44.37 -32.39 3.58
N LEU C 150 44.19 -32.07 4.86
CA LEU C 150 45.25 -31.45 5.64
C LEU C 150 46.36 -32.45 5.93
N ASP C 151 46.00 -33.61 6.49
CA ASP C 151 46.99 -34.68 6.77
C ASP C 151 47.91 -34.88 5.57
N THR C 152 47.30 -35.11 4.41
CA THR C 152 48.05 -35.45 3.20
C THR C 152 48.97 -34.30 2.77
N ALA C 153 48.51 -33.07 2.94
CA ALA C 153 49.27 -31.91 2.53
C ALA C 153 50.50 -31.72 3.41
N ARG C 154 50.37 -32.07 4.69
CA ARG C 154 51.44 -31.86 5.69
C ARG C 154 52.55 -32.91 5.55
N GLU C 155 52.16 -34.17 5.37
CA GLU C 155 53.12 -35.26 5.19
C GLU C 155 53.70 -35.26 3.76
N ALA C 156 53.24 -34.33 2.93
CA ALA C 156 53.91 -34.01 1.68
C ALA C 156 54.79 -32.78 1.83
N LEU C 157 54.37 -31.85 2.68
CA LEU C 157 55.09 -30.57 2.84
C LEU C 157 56.34 -30.74 3.71
N THR C 158 56.26 -31.62 4.72
CA THR C 158 57.38 -31.82 5.67
C THR C 158 58.28 -32.98 5.26
N THR C 159 57.67 -34.04 4.69
CA THR C 159 58.41 -34.99 3.86
C THR C 159 58.53 -34.38 2.46
N GLY C 160 59.35 -33.30 2.37
CA GLY C 160 59.18 -32.24 1.35
C GLY C 160 59.21 -32.73 -0.06
N THR C 161 58.16 -33.41 -0.46
CA THR C 161 57.86 -33.61 -1.87
C THR C 161 57.00 -32.45 -2.49
N ALA C 162 56.73 -31.38 -1.71
CA ALA C 162 55.87 -30.27 -2.19
C ALA C 162 56.15 -28.94 -1.46
N THR C 163 55.85 -27.83 -2.13
CA THR C 163 56.01 -26.50 -1.55
C THR C 163 54.68 -25.73 -1.54
N LEU C 164 54.56 -24.80 -0.60
CA LEU C 164 53.30 -24.09 -0.35
C LEU C 164 53.26 -22.76 -1.11
N ASP C 165 52.30 -22.61 -2.00
CA ASP C 165 52.23 -21.43 -2.89
C ASP C 165 51.71 -20.22 -2.13
N THR C 166 52.58 -19.21 -1.97
CA THR C 166 52.38 -18.19 -0.97
C THR C 166 51.45 -17.08 -1.48
N ALA C 167 51.06 -17.16 -2.75
CA ALA C 167 50.03 -16.26 -3.31
C ALA C 167 48.64 -16.56 -2.71
N SER C 168 48.48 -17.76 -2.16
CA SER C 168 47.19 -18.21 -1.68
C SER C 168 46.87 -17.63 -0.28
N LEU C 169 47.85 -16.95 0.33
CA LEU C 169 47.93 -16.85 1.80
C LEU C 169 47.06 -15.72 2.43
N PRO C 170 46.66 -14.71 1.61
CA PRO C 170 45.79 -13.66 2.18
C PRO C 170 44.35 -14.17 2.56
N LEU C 171 44.05 -15.44 2.26
CA LEU C 171 42.83 -16.12 2.82
C LEU C 171 42.99 -16.39 4.33
N VAL C 172 44.24 -16.45 4.81
CA VAL C 172 44.52 -16.86 6.18
C VAL C 172 45.71 -16.05 6.76
N VAL C 179 53.82 -23.52 8.09
CA VAL C 179 53.02 -24.76 7.89
C VAL C 179 52.04 -25.00 9.04
N ASP C 180 52.56 -25.48 10.17
CA ASP C 180 51.72 -25.79 11.34
C ASP C 180 50.88 -24.58 11.74
N GLY C 181 51.44 -23.39 11.61
CA GLY C 181 50.73 -22.15 11.92
C GLY C 181 49.50 -21.94 11.03
N VAL C 182 49.65 -22.25 9.75
CA VAL C 182 48.55 -22.11 8.79
C VAL C 182 47.41 -23.14 9.09
N ILE C 183 47.80 -24.37 9.42
CA ILE C 183 46.82 -25.41 9.79
C ILE C 183 45.97 -24.93 10.96
N ALA C 184 46.61 -24.34 11.96
CA ALA C 184 45.91 -23.84 13.13
C ALA C 184 44.94 -22.73 12.75
N ASP C 185 45.38 -21.81 11.89
CA ASP C 185 44.55 -20.65 11.51
C ASP C 185 43.39 -21.07 10.62
N ILE C 186 43.58 -22.16 9.88
CA ILE C 186 42.51 -22.77 9.15
C ILE C 186 41.49 -23.45 10.09
N HIS C 187 42.00 -24.28 11.01
CA HIS C 187 41.14 -24.89 12.06
C HIS C 187 40.37 -23.85 12.84
N ARG C 188 41.07 -22.79 13.25
CA ARG C 188 40.41 -21.65 13.87
C ARG C 188 39.25 -21.18 13.00
N HIS C 189 39.56 -20.84 11.75
CA HIS C 189 38.59 -20.25 10.85
C HIS C 189 37.36 -21.15 10.69
N ASN C 190 37.60 -22.42 10.44
CA ASN C 190 36.53 -23.33 10.11
C ASN C 190 35.58 -23.55 11.28
N ASP C 191 36.12 -23.48 12.50
CA ASP C 191 35.32 -23.75 13.70
C ASP C 191 34.37 -22.58 14.02
N GLU C 192 34.84 -21.35 13.76
CA GLU C 192 33.97 -20.16 13.83
C GLU C 192 32.80 -20.35 12.92
N ARG C 193 33.10 -20.70 11.67
CA ARG C 193 32.09 -20.96 10.68
C ARG C 193 31.13 -22.10 11.11
N ARG C 194 31.69 -23.19 11.59
CA ARG C 194 30.91 -24.40 11.89
C ARG C 194 29.83 -24.12 12.91
N ALA C 195 30.10 -23.17 13.80
CA ALA C 195 29.22 -22.91 14.93
C ALA C 195 28.33 -21.73 14.68
N GLU C 196 28.54 -21.07 13.56
CA GLU C 196 27.59 -20.06 13.08
C GLU C 196 26.21 -20.66 12.90
N ARG C 197 25.20 -19.82 12.86
CA ARG C 197 23.83 -20.29 12.87
C ARG C 197 23.33 -20.47 11.45
N PRO C 198 22.48 -21.49 11.23
CA PRO C 198 21.98 -21.81 9.91
C PRO C 198 21.03 -20.77 9.36
N LEU C 199 20.75 -20.88 8.07
CA LEU C 199 19.82 -20.03 7.42
C LEU C 199 18.66 -20.85 6.83
N PHE C 200 17.44 -20.35 6.95
CA PHE C 200 16.31 -20.95 6.26
C PHE C 200 15.85 -20.04 5.13
N LEU C 201 15.49 -20.64 4.00
CA LEU C 201 14.88 -19.90 2.94
C LEU C 201 13.39 -20.07 2.98
N THR C 202 12.68 -18.99 2.81
CA THR C 202 11.23 -19.04 2.69
C THR C 202 10.79 -18.04 1.64
N LEU C 203 9.49 -17.95 1.42
CA LEU C 203 8.98 -17.07 0.38
C LEU C 203 8.41 -15.80 0.96
N ASP C 204 8.38 -14.77 0.15
CA ASP C 204 7.83 -13.49 0.55
C ASP C 204 6.35 -13.66 0.94
N GLY C 205 5.99 -13.18 2.13
CA GLY C 205 4.61 -13.27 2.59
C GLY C 205 4.30 -14.62 3.23
N SER C 206 5.35 -15.40 3.49
CA SER C 206 5.19 -16.73 4.03
C SER C 206 4.62 -16.68 5.42
N PHE C 207 3.79 -17.65 5.75
CA PHE C 207 3.37 -17.86 7.10
C PHE C 207 3.56 -19.32 7.47
N HIS C 208 4.44 -19.59 8.43
CA HIS C 208 4.80 -20.97 8.79
C HIS C 208 4.59 -21.27 10.29
N GLY C 209 4.06 -20.30 11.01
CA GLY C 209 3.85 -20.44 12.46
C GLY C 209 4.33 -19.23 13.25
N LYS C 210 4.07 -19.27 14.55
CA LYS C 210 4.32 -18.13 15.40
C LYS C 210 5.08 -18.54 16.70
N LEU C 211 5.68 -19.72 16.70
CA LEU C 211 6.55 -20.13 17.79
C LEU C 211 7.98 -19.59 17.57
N VAL C 212 8.84 -19.79 18.58
CA VAL C 212 10.17 -19.11 18.61
C VAL C 212 10.98 -19.40 17.35
N GLY C 213 10.99 -20.68 16.93
CA GLY C 213 11.61 -21.06 15.65
C GLY C 213 10.79 -20.62 14.47
N SER C 214 9.52 -21.02 14.44
CA SER C 214 8.70 -20.90 13.23
C SER C 214 8.31 -19.44 12.93
N ILE C 215 8.30 -18.58 13.96
CA ILE C 215 7.98 -17.14 13.75
C ILE C 215 9.03 -16.45 12.87
N GLN C 216 10.30 -16.85 13.01
CA GLN C 216 11.37 -16.33 12.14
C GLN C 216 11.04 -16.60 10.65
N LEU C 217 10.25 -17.64 10.40
CA LEU C 217 9.92 -18.05 9.02
C LEU C 217 8.63 -17.38 8.54
N THR C 218 8.06 -16.51 9.38
CA THR C 218 6.82 -15.85 9.04
C THR C 218 7.08 -14.37 8.70
N GLN C 219 6.67 -13.96 7.50
CA GLN C 219 6.98 -12.65 6.95
C GLN C 219 6.49 -11.52 7.84
N ASN C 220 5.22 -11.60 8.25
CA ASN C 220 4.52 -10.46 8.82
C ASN C 220 5.39 -9.75 9.87
N GLU C 221 5.59 -8.46 9.69
CA GLU C 221 6.72 -7.76 10.30
C GLU C 221 6.48 -7.48 11.82
N PRO C 222 5.27 -6.96 12.19
CA PRO C 222 4.98 -6.75 13.62
C PRO C 222 4.90 -8.08 14.42
N TRP C 223 4.63 -9.20 13.72
CA TRP C 223 4.62 -10.53 14.37
C TRP C 223 6.05 -11.06 14.58
N ARG C 224 6.96 -10.70 13.68
CA ARG C 224 8.32 -11.29 13.65
C ARG C 224 9.37 -10.42 14.35
N THR C 225 9.45 -9.15 13.96
CA THR C 225 10.67 -8.35 14.15
C THR C 225 11.02 -8.12 15.64
N PRO C 226 9.97 -8.14 16.53
CA PRO C 226 10.23 -8.10 17.97
C PRO C 226 11.11 -9.26 18.48
N PHE C 227 11.09 -10.41 17.74
CA PHE C 227 11.66 -11.67 18.25
C PHE C 227 12.88 -12.08 17.46
N THR C 228 13.40 -11.16 16.67
CA THR C 228 14.42 -11.47 15.68
C THR C 228 15.65 -12.12 16.30
N ALA C 229 16.04 -11.65 17.49
CA ALA C 229 17.31 -12.04 18.09
C ALA C 229 17.29 -13.50 18.58
N LEU C 230 16.06 -14.06 18.73
CA LEU C 230 15.88 -15.37 19.42
C LEU C 230 16.45 -16.53 18.59
N SER C 231 16.06 -16.60 17.33
CA SER C 231 16.24 -17.84 16.53
C SER C 231 16.83 -17.55 15.16
N SER C 232 17.36 -18.59 14.51
CA SER C 232 17.97 -18.47 13.17
C SER C 232 17.03 -17.74 12.22
N PRO C 233 17.59 -16.84 11.41
CA PRO C 233 16.78 -16.05 10.49
C PRO C 233 16.40 -16.83 9.24
N ALA C 234 15.42 -16.32 8.51
CA ALA C 234 15.13 -16.77 7.17
C ALA C 234 15.27 -15.64 6.20
N ARG C 235 15.71 -15.94 4.98
CA ARG C 235 15.62 -14.98 3.88
C ARG C 235 14.37 -15.19 3.11
N PHE C 236 13.63 -14.13 2.90
CA PHE C 236 12.38 -14.20 2.24
C PHE C 236 12.56 -13.87 0.79
N LEU C 237 12.49 -14.89 -0.05
CA LEU C 237 12.75 -14.73 -1.46
C LEU C 237 11.49 -14.24 -2.17
N PRO C 238 11.66 -13.42 -3.20
CA PRO C 238 10.54 -12.77 -3.86
C PRO C 238 9.88 -13.68 -4.89
N ALA C 239 8.59 -13.91 -4.71
CA ALA C 239 7.88 -14.96 -5.47
C ALA C 239 7.64 -14.54 -6.93
N ASP C 240 7.40 -13.26 -7.16
CA ASP C 240 7.04 -12.75 -8.50
C ASP C 240 8.29 -12.58 -9.38
N GLU C 241 9.46 -12.54 -8.74
CA GLU C 241 10.73 -12.28 -9.45
C GLU C 241 11.75 -13.40 -9.16
N PRO C 242 11.49 -14.62 -9.70
CA PRO C 242 12.42 -15.77 -9.51
C PRO C 242 13.85 -15.43 -9.93
N GLU C 243 13.98 -14.49 -10.86
CA GLU C 243 15.24 -14.12 -11.41
C GLU C 243 16.18 -13.47 -10.36
N LEU C 244 15.59 -12.84 -9.34
CA LEU C 244 16.37 -12.23 -8.22
C LEU C 244 16.82 -13.27 -7.18
N ILE C 245 16.20 -14.44 -7.20
CA ILE C 245 16.38 -15.42 -6.13
C ILE C 245 17.77 -16.06 -6.20
N GLY C 246 18.22 -16.35 -7.42
CA GLY C 246 19.56 -16.92 -7.63
C GLY C 246 20.66 -16.08 -7.00
N LYS C 247 20.61 -14.80 -7.24
CA LYS C 247 21.61 -13.88 -6.73
C LYS C 247 21.60 -13.83 -5.21
N ILE C 248 20.39 -13.77 -4.64
CA ILE C 248 20.23 -13.61 -3.19
C ILE C 248 20.82 -14.82 -2.45
N VAL C 249 20.66 -16.01 -3.00
CA VAL C 249 21.16 -17.22 -2.36
C VAL C 249 22.66 -17.33 -2.55
N GLU C 250 23.15 -16.81 -3.67
CA GLU C 250 24.59 -16.74 -3.93
C GLU C 250 25.30 -15.89 -2.89
N ASP C 251 24.80 -14.72 -2.63
CA ASP C 251 25.50 -13.87 -1.71
C ASP C 251 25.47 -14.47 -0.26
N GLU C 252 24.74 -15.60 -0.08
CA GLU C 252 24.68 -16.27 1.22
C GLU C 252 25.68 -17.46 1.29
N ARG C 253 26.35 -17.76 0.18
CA ARG C 253 27.44 -18.74 0.21
C ARG C 253 28.41 -18.37 1.27
N ARG C 254 28.89 -19.38 1.98
CA ARG C 254 30.04 -19.24 2.86
C ARG C 254 30.97 -20.44 2.65
N SER C 255 32.28 -20.21 2.69
CA SER C 255 33.24 -21.27 2.44
C SER C 255 33.97 -21.62 3.70
N VAL C 256 34.57 -22.78 3.70
CA VAL C 256 35.58 -23.13 4.67
C VAL C 256 36.93 -23.30 3.97
N LEU C 257 38.00 -23.33 4.75
CA LEU C 257 39.33 -23.39 4.21
C LEU C 257 39.91 -24.77 4.33
N THR C 258 40.70 -25.16 3.34
CA THR C 258 41.42 -26.42 3.37
C THR C 258 42.73 -26.31 2.55
N LEU C 259 43.51 -27.39 2.58
CA LEU C 259 44.75 -27.47 1.78
C LEU C 259 44.62 -28.49 0.65
N SER C 260 44.80 -28.03 -0.58
CA SER C 260 44.68 -28.90 -1.76
C SER C 260 46.04 -29.18 -2.39
N LEU C 261 46.34 -30.46 -2.60
CA LEU C 261 47.64 -30.88 -3.16
C LEU C 261 47.53 -31.09 -4.66
N ASP C 262 48.51 -30.55 -5.39
CA ASP C 262 48.63 -30.81 -6.83
C ASP C 262 49.96 -31.56 -7.11
N LYS C 263 50.08 -32.76 -6.55
CA LYS C 263 51.38 -33.48 -6.41
C LYS C 263 52.57 -32.53 -6.00
N ASP C 264 53.02 -31.67 -6.91
CA ASP C 264 54.23 -30.86 -6.68
C ASP C 264 53.95 -29.64 -5.76
N THR C 265 52.79 -29.01 -5.92
CA THR C 265 52.50 -27.72 -5.28
C THR C 265 51.26 -27.80 -4.33
N VAL C 266 51.28 -27.03 -3.24
CA VAL C 266 50.20 -27.05 -2.23
C VAL C 266 49.62 -25.64 -2.04
N ARG C 267 48.29 -25.54 -2.07
CA ARG C 267 47.61 -24.24 -1.94
C ARG C 267 46.44 -24.32 -0.96
N VAL C 268 46.24 -23.25 -0.20
CA VAL C 268 45.00 -23.08 0.57
C VAL C 268 43.89 -22.55 -0.32
N VAL C 269 42.70 -23.09 -0.14
CA VAL C 269 41.61 -22.82 -1.05
C VAL C 269 40.29 -22.77 -0.29
N GLU C 270 39.32 -22.04 -0.86
CA GLU C 270 37.97 -22.00 -0.32
C GLU C 270 37.18 -23.25 -0.74
N ARG C 271 36.19 -23.61 0.05
CA ARG C 271 35.43 -24.81 -0.16
C ARG C 271 34.03 -24.63 0.46
N ASP C 272 33.00 -25.08 -0.24
CA ASP C 272 31.60 -24.68 0.09
C ASP C 272 31.19 -25.15 1.45
N PHE C 273 30.50 -24.29 2.20
CA PHE C 273 29.91 -24.66 3.49
C PHE C 273 28.38 -24.67 3.38
N PRO C 274 27.72 -25.70 3.95
CA PRO C 274 26.26 -25.74 3.97
C PRO C 274 25.69 -24.85 5.08
N VAL C 275 25.20 -23.67 4.69
CA VAL C 275 24.59 -22.73 5.65
C VAL C 275 23.07 -22.86 5.67
N VAL C 276 22.49 -23.23 4.51
CA VAL C 276 21.05 -23.34 4.38
C VAL C 276 20.58 -24.73 4.90
N ALA C 277 19.77 -24.72 5.99
CA ALA C 277 19.27 -25.96 6.59
C ALA C 277 18.06 -26.51 5.84
N ALA C 278 17.14 -25.62 5.43
CA ALA C 278 15.98 -26.04 4.63
C ALA C 278 15.35 -24.89 3.87
N ILE C 279 14.55 -25.26 2.84
CA ILE C 279 13.68 -24.30 2.10
C ILE C 279 12.22 -24.60 2.39
N PHE C 280 11.47 -23.60 2.87
CA PHE C 280 9.99 -23.78 3.18
C PHE C 280 9.13 -23.13 2.12
N VAL C 281 8.01 -23.79 1.77
CA VAL C 281 7.06 -23.24 0.76
C VAL C 281 5.63 -23.68 1.04
N GLU C 282 4.67 -22.76 0.84
CA GLU C 282 3.24 -23.09 0.85
C GLU C 282 2.71 -23.14 -0.55
N PRO C 283 2.05 -24.27 -0.93
CA PRO C 283 1.39 -24.39 -2.22
C PRO C 283 0.45 -23.23 -2.51
N VAL C 284 -0.21 -22.73 -1.46
CA VAL C 284 -1.04 -21.54 -1.56
C VAL C 284 -0.79 -20.67 -0.34
N ARG C 285 -0.49 -19.41 -0.58
CA ARG C 285 0.23 -18.60 0.38
C ARG C 285 -0.72 -17.63 1.07
N GLY C 286 -1.14 -17.98 2.30
CA GLY C 286 -2.06 -17.12 3.08
C GLY C 286 -1.60 -15.65 3.13
N GLY C 287 -0.35 -15.44 3.58
CA GLY C 287 0.13 -14.09 3.93
C GLY C 287 0.38 -13.19 2.72
N SER C 288 0.48 -13.80 1.52
CA SER C 288 0.46 -13.05 0.24
C SER C 288 -0.97 -12.89 -0.31
N GLY C 289 -1.93 -13.57 0.32
CA GLY C 289 -3.34 -13.42 -0.02
C GLY C 289 -3.85 -14.53 -0.93
N MET C 290 -3.55 -15.79 -0.57
CA MET C 290 -4.02 -16.96 -1.33
C MET C 290 -3.46 -17.01 -2.74
N LYS C 291 -2.21 -16.60 -2.88
CA LYS C 291 -1.54 -16.71 -4.14
C LYS C 291 -0.90 -18.07 -4.27
N THR C 292 -1.18 -18.75 -5.38
CA THR C 292 -0.63 -20.06 -5.64
C THR C 292 0.79 -19.97 -6.21
N VAL C 293 1.62 -20.96 -5.91
CA VAL C 293 2.94 -21.06 -6.49
C VAL C 293 2.84 -21.32 -7.99
N THR C 294 3.52 -20.48 -8.77
CA THR C 294 3.54 -20.63 -10.22
C THR C 294 4.51 -21.74 -10.61
N PRO C 295 4.28 -22.36 -11.77
CA PRO C 295 5.27 -23.32 -12.28
C PRO C 295 6.68 -22.75 -12.33
N GLU C 296 6.81 -21.48 -12.69
CA GLU C 296 8.10 -20.81 -12.75
C GLU C 296 8.80 -20.89 -11.40
N LEU C 297 8.07 -20.57 -10.34
CA LEU C 297 8.67 -20.49 -9.01
C LEU C 297 9.00 -21.91 -8.45
N ALA C 298 8.09 -22.85 -8.66
CA ALA C 298 8.33 -24.23 -8.28
C ALA C 298 9.66 -24.73 -8.84
N GLU C 299 9.96 -24.33 -10.05
CA GLU C 299 11.14 -24.83 -10.72
C GLU C 299 12.40 -24.17 -10.17
N GLU C 300 12.30 -22.89 -9.81
CA GLU C 300 13.36 -22.23 -9.10
C GLU C 300 13.63 -22.94 -7.74
N LEU C 301 12.56 -23.29 -7.02
CA LEU C 301 12.70 -23.95 -5.70
C LEU C 301 13.37 -25.32 -5.84
N HIS C 302 13.02 -26.03 -6.91
CA HIS C 302 13.65 -27.34 -7.21
C HIS C 302 15.12 -27.18 -7.53
N ARG C 303 15.46 -26.18 -8.33
CA ARG C 303 16.84 -25.85 -8.59
C ARG C 303 17.59 -25.64 -7.28
N LEU C 304 17.11 -24.72 -6.46
CA LEU C 304 17.77 -24.40 -5.20
C LEU C 304 18.02 -25.66 -4.39
N ARG C 305 16.99 -26.52 -4.31
CA ARG C 305 17.05 -27.70 -3.46
C ARG C 305 18.07 -28.69 -3.96
N ASP C 306 18.05 -28.94 -5.26
CA ASP C 306 19.13 -29.73 -5.92
C ASP C 306 20.51 -29.08 -5.70
N THR C 307 20.58 -27.77 -5.87
CA THR C 307 21.84 -27.06 -5.80
C THR C 307 22.45 -27.07 -4.38
N LEU C 308 21.62 -26.83 -3.36
CA LEU C 308 22.13 -26.57 -1.96
C LEU C 308 22.30 -27.87 -1.16
N GLY C 309 21.58 -28.93 -1.59
CA GLY C 309 21.63 -30.23 -0.91
C GLY C 309 20.72 -30.32 0.31
N CYS C 310 19.96 -29.24 0.58
CA CYS C 310 19.00 -29.22 1.70
C CYS C 310 17.64 -29.67 1.24
N PRO C 311 16.79 -30.13 2.20
CA PRO C 311 15.39 -30.49 1.91
C PRO C 311 14.53 -29.30 1.53
N LEU C 312 13.63 -29.52 0.60
CA LEU C 312 12.50 -28.62 0.36
C LEU C 312 11.29 -29.06 1.21
N VAL C 313 10.92 -28.20 2.18
CA VAL C 313 9.79 -28.50 3.07
C VAL C 313 8.52 -27.85 2.58
N VAL C 314 7.52 -28.66 2.33
CA VAL C 314 6.22 -28.18 1.82
C VAL C 314 5.24 -28.07 2.91
N ASP C 315 4.92 -26.85 3.30
CA ASP C 315 3.96 -26.60 4.38
C ASP C 315 2.49 -26.70 3.82
N GLU C 316 1.79 -27.79 4.17
CA GLU C 316 0.37 -28.00 3.71
C GLU C 316 -0.59 -27.93 4.90
N VAL C 317 -0.15 -27.30 5.96
CA VAL C 317 -0.96 -27.16 7.14
C VAL C 317 -2.35 -26.58 6.82
N GLN C 318 -2.40 -25.69 5.84
CA GLN C 318 -3.67 -25.02 5.45
C GLN C 318 -4.26 -25.62 4.14
N THR C 319 -3.37 -25.92 3.17
CA THR C 319 -3.80 -26.29 1.80
C THR C 319 -4.24 -27.74 1.70
N GLY C 320 -4.00 -28.51 2.74
CA GLY C 320 -4.13 -29.95 2.67
C GLY C 320 -5.53 -30.46 3.10
N ILE C 321 -5.67 -31.78 3.12
CA ILE C 321 -6.94 -32.42 3.37
C ILE C 321 -8.04 -31.92 2.44
N GLY C 322 -7.67 -31.65 1.19
CA GLY C 322 -8.64 -31.62 0.10
C GLY C 322 -9.02 -30.22 -0.33
N ARG C 323 -8.70 -29.24 0.49
CA ARG C 323 -9.26 -27.92 0.32
C ARG C 323 -8.96 -27.32 -1.08
N THR C 324 -7.79 -27.65 -1.66
CA THR C 324 -7.43 -27.14 -3.00
C THR C 324 -8.10 -27.95 -4.10
N GLY C 325 -8.54 -29.17 -3.77
CA GLY C 325 -9.30 -30.02 -4.71
C GLY C 325 -8.52 -31.25 -5.12
N ALA C 326 -7.29 -31.34 -4.63
CA ALA C 326 -6.67 -32.60 -4.30
C ALA C 326 -6.38 -32.64 -2.81
N PHE C 327 -5.99 -33.80 -2.32
CA PHE C 327 -5.54 -33.91 -0.94
C PHE C 327 -4.35 -33.03 -0.72
N PHE C 328 -3.31 -33.24 -1.51
CA PHE C 328 -2.09 -32.43 -1.42
C PHE C 328 -2.11 -31.30 -2.49
N GLY C 329 -2.11 -30.05 -2.03
CA GLY C 329 -1.96 -28.88 -2.93
C GLY C 329 -0.68 -28.94 -3.76
N SER C 330 0.40 -29.38 -3.13
CA SER C 330 1.69 -29.55 -3.80
C SER C 330 1.57 -30.44 -5.07
N ALA C 331 0.77 -31.48 -4.98
CA ALA C 331 0.61 -32.42 -6.08
C ALA C 331 -0.17 -31.78 -7.22
N LEU C 332 -1.25 -31.11 -6.86
CA LEU C 332 -1.95 -30.24 -7.77
C LEU C 332 -0.96 -29.37 -8.56
N LEU C 333 -0.05 -28.71 -7.84
CA LEU C 333 0.71 -27.58 -8.39
C LEU C 333 2.08 -27.99 -8.86
N GLY C 334 2.48 -29.23 -8.56
CA GLY C 334 3.71 -29.78 -9.09
C GLY C 334 4.94 -29.48 -8.23
N ILE C 335 4.74 -29.26 -6.93
CA ILE C 335 5.88 -29.05 -5.99
C ILE C 335 6.36 -30.36 -5.41
N ARG C 336 7.52 -30.81 -5.86
CA ARG C 336 8.14 -32.03 -5.37
C ARG C 336 9.01 -31.76 -4.14
N GLY C 337 8.40 -31.76 -2.98
CA GLY C 337 9.12 -31.54 -1.73
C GLY C 337 9.79 -32.80 -1.21
N ASP C 338 10.59 -32.66 -0.16
CA ASP C 338 11.24 -33.80 0.48
C ASP C 338 10.58 -34.10 1.86
N TYR C 339 10.21 -33.01 2.61
CA TYR C 339 9.29 -33.13 3.82
C TYR C 339 7.97 -32.49 3.52
N TYR C 340 6.89 -33.05 4.11
CA TYR C 340 5.57 -32.40 4.09
C TYR C 340 5.02 -32.31 5.49
N THR C 341 4.21 -31.30 5.73
CA THR C 341 3.54 -31.17 7.02
C THR C 341 2.09 -30.95 6.83
N LEU C 342 1.30 -31.38 7.82
CA LEU C 342 -0.20 -31.31 7.75
C LEU C 342 -0.77 -30.96 9.14
N ALA C 343 -1.92 -30.28 9.18
CA ALA C 343 -2.63 -30.02 10.44
C ALA C 343 -4.11 -29.56 10.20
N LYS C 344 -4.55 -28.55 10.96
CA LYS C 344 -5.87 -27.88 10.75
C LYS C 344 -7.03 -28.93 10.59
N ALA C 345 -7.31 -29.33 9.36
CA ALA C 345 -8.52 -30.05 9.06
C ALA C 345 -8.44 -31.51 9.51
N ILE C 346 -7.25 -31.95 9.86
CA ILE C 346 -7.03 -33.36 10.23
C ILE C 346 -7.52 -33.63 11.62
N GLY C 347 -7.74 -32.57 12.37
CA GLY C 347 -8.34 -32.68 13.69
C GLY C 347 -9.85 -32.74 13.65
N GLY C 348 -10.41 -32.64 12.44
CA GLY C 348 -11.83 -32.92 12.24
C GLY C 348 -12.75 -31.81 12.71
N GLY C 349 -12.14 -30.70 13.11
CA GLY C 349 -12.90 -29.56 13.61
C GLY C 349 -13.11 -29.59 15.11
N ILE C 350 -12.59 -30.63 15.78
CA ILE C 350 -12.85 -30.80 17.19
C ILE C 350 -11.58 -31.04 18.03
N VAL C 351 -10.59 -31.71 17.46
CA VAL C 351 -9.34 -31.97 18.19
C VAL C 351 -8.10 -31.40 17.48
N LYS C 352 -6.95 -31.52 18.13
CA LYS C 352 -5.70 -30.89 17.65
C LYS C 352 -4.68 -31.94 17.32
N ASN C 353 -4.27 -31.97 16.06
CA ASN C 353 -3.34 -32.95 15.57
C ASN C 353 -2.53 -32.38 14.37
N SER C 354 -1.35 -32.91 14.16
CA SER C 354 -0.50 -32.50 13.06
C SER C 354 0.54 -33.52 12.81
N VAL C 355 1.16 -33.45 11.64
CA VAL C 355 2.11 -34.48 11.25
C VAL C 355 3.18 -33.95 10.31
N ALA C 356 4.41 -34.39 10.52
CA ALA C 356 5.47 -34.19 9.55
C ALA C 356 5.72 -35.49 8.82
N LEU C 357 5.77 -35.41 7.49
CA LEU C 357 6.11 -36.56 6.65
C LEU C 357 7.46 -36.33 6.04
N ILE C 358 8.38 -37.25 6.28
CA ILE C 358 9.77 -37.06 5.86
C ILE C 358 10.23 -38.27 5.09
N ARG C 359 10.87 -38.04 3.96
CA ARG C 359 11.14 -39.13 3.04
C ARG C 359 12.16 -40.05 3.63
N GLN C 360 12.00 -41.33 3.38
CA GLN C 360 12.61 -42.34 4.20
C GLN C 360 14.08 -42.54 3.84
N ASP C 361 14.45 -42.14 2.63
CA ASP C 361 15.87 -42.15 2.24
C ASP C 361 16.67 -40.94 2.81
N ARG C 362 15.96 -39.95 3.35
CA ARG C 362 16.60 -38.81 4.07
C ARG C 362 16.49 -38.96 5.58
N PHE C 363 15.60 -39.83 6.03
CA PHE C 363 15.19 -39.86 7.42
C PHE C 363 16.27 -40.38 8.28
N LEU C 364 16.45 -39.78 9.44
CA LEU C 364 17.50 -40.15 10.33
C LEU C 364 16.90 -40.68 11.59
N PRO C 365 17.22 -41.92 11.91
CA PRO C 365 16.41 -42.70 12.84
C PRO C 365 16.48 -42.15 14.27
N ALA C 366 17.57 -41.44 14.59
CA ALA C 366 17.68 -40.71 15.88
C ALA C 366 16.40 -39.89 16.17
N MET C 367 15.90 -39.22 15.17
CA MET C 367 14.78 -38.30 15.34
C MET C 367 13.59 -39.00 16.07
N GLU C 368 13.43 -40.30 15.85
CA GLU C 368 12.24 -41.04 16.27
C GLU C 368 12.26 -41.32 17.78
N VAL C 369 13.46 -41.25 18.37
CA VAL C 369 13.62 -41.49 19.82
C VAL C 369 14.17 -40.28 20.60
N ILE C 370 14.60 -39.21 19.89
CA ILE C 370 15.12 -38.00 20.58
C ILE C 370 14.17 -36.83 20.49
N HIS C 371 13.15 -36.95 19.65
CA HIS C 371 12.03 -36.05 19.72
C HIS C 371 10.78 -36.78 20.25
N SER C 372 10.02 -36.08 21.07
CA SER C 372 8.81 -36.60 21.60
C SER C 372 7.98 -35.43 22.15
N SER C 373 6.75 -35.72 22.57
CA SER C 373 5.86 -34.70 23.12
C SER C 373 4.71 -35.37 23.84
N THR C 374 4.32 -34.82 24.97
CA THR C 374 3.39 -35.48 25.87
C THR C 374 2.03 -35.77 25.17
N PHE C 375 1.50 -34.77 24.47
CA PHE C 375 0.19 -34.85 23.89
C PHE C 375 0.23 -35.53 22.50
N ALA C 376 1.41 -35.64 21.92
CA ALA C 376 1.52 -36.03 20.53
C ALA C 376 1.23 -37.50 20.38
N LYS C 377 0.48 -37.85 19.34
CA LYS C 377 0.25 -39.24 18.98
C LYS C 377 -0.80 -39.91 19.91
N ASP C 378 -1.51 -39.09 20.67
CA ASP C 378 -2.54 -39.55 21.53
C ASP C 378 -3.56 -40.37 20.76
N GLY C 379 -4.25 -41.27 21.46
CA GLY C 379 -5.18 -42.21 20.84
C GLY C 379 -6.42 -41.54 20.27
N LEU C 380 -6.89 -40.48 20.92
CA LEU C 380 -8.17 -39.88 20.55
C LEU C 380 -8.06 -39.10 19.26
N SER C 381 -7.04 -38.25 19.15
CA SER C 381 -6.78 -37.53 17.93
C SER C 381 -6.39 -38.48 16.81
N ALA C 382 -5.63 -39.49 17.14
CA ALA C 382 -5.31 -40.54 16.19
C ALA C 382 -6.60 -41.10 15.55
N SER C 383 -7.52 -41.59 16.39
CA SER C 383 -8.76 -42.24 15.87
C SER C 383 -9.55 -41.30 15.00
N ILE C 384 -9.67 -40.06 15.44
CA ILE C 384 -10.35 -39.04 14.68
C ILE C 384 -9.64 -38.75 13.33
N ALA C 385 -8.31 -38.80 13.33
CA ALA C 385 -7.52 -38.66 12.07
C ALA C 385 -7.86 -39.75 11.07
N LEU C 386 -7.91 -40.99 11.52
CA LEU C 386 -8.32 -42.12 10.64
C LEU C 386 -9.73 -41.89 10.10
N LYS C 387 -10.62 -41.32 10.91
CA LYS C 387 -11.98 -41.01 10.46
C LYS C 387 -11.97 -39.97 9.34
N VAL C 388 -11.39 -38.80 9.62
CA VAL C 388 -11.28 -37.73 8.61
C VAL C 388 -10.69 -38.27 7.26
N LEU C 389 -9.69 -39.14 7.35
CA LEU C 389 -9.06 -39.71 6.13
C LEU C 389 -10.01 -40.64 5.43
N GLU C 390 -10.69 -41.47 6.20
CA GLU C 390 -11.83 -42.24 5.69
C GLU C 390 -12.76 -41.35 4.87
N MET C 391 -13.15 -40.20 5.44
CA MET C 391 -14.26 -39.41 4.88
C MET C 391 -13.86 -38.70 3.58
N VAL C 392 -12.62 -38.14 3.52
CA VAL C 392 -12.19 -37.43 2.28
C VAL C 392 -11.88 -38.41 1.13
N GLU C 393 -11.58 -39.66 1.47
CA GLU C 393 -11.26 -40.68 0.45
C GLU C 393 -12.49 -41.46 -0.03
N ALA C 394 -13.62 -41.29 0.64
CA ALA C 394 -14.78 -42.16 0.42
C ALA C 394 -15.28 -42.08 -1.03
N ASP C 395 -15.90 -43.17 -1.51
CA ASP C 395 -16.65 -43.17 -2.79
C ASP C 395 -15.76 -42.73 -3.95
N GLY C 396 -14.62 -43.41 -4.09
CA GLY C 396 -13.81 -43.29 -5.29
C GLY C 396 -13.17 -41.93 -5.48
N GLY C 397 -13.19 -41.12 -4.42
CA GLY C 397 -12.61 -39.76 -4.46
C GLY C 397 -13.63 -38.69 -4.90
N ARG C 398 -14.89 -38.91 -4.55
CA ARG C 398 -15.96 -38.01 -4.99
C ARG C 398 -15.94 -36.70 -4.20
N VAL C 399 -15.28 -36.72 -3.05
CA VAL C 399 -15.24 -35.55 -2.17
C VAL C 399 -14.38 -34.44 -2.78
N TYR C 400 -13.24 -34.82 -3.38
CA TYR C 400 -12.40 -33.85 -4.08
C TYR C 400 -13.14 -33.24 -5.25
N GLN C 401 -13.94 -34.06 -5.92
CA GLN C 401 -14.71 -33.60 -7.07
C GLN C 401 -15.73 -32.56 -6.65
N ARG C 402 -16.30 -32.77 -5.48
CA ARG C 402 -17.23 -31.82 -4.91
C ARG C 402 -16.51 -30.54 -4.43
N VAL C 403 -15.31 -30.69 -3.85
CA VAL C 403 -14.48 -29.52 -3.48
C VAL C 403 -14.19 -28.67 -4.73
N ARG C 404 -13.86 -29.33 -5.83
CA ARG C 404 -13.47 -28.63 -7.05
C ARG C 404 -14.62 -27.86 -7.61
N GLU C 405 -15.82 -28.49 -7.67
CA GLU C 405 -16.98 -27.87 -8.34
C GLU C 405 -17.65 -26.82 -7.46
N ARG C 406 -17.66 -27.04 -6.14
CA ARG C 406 -18.05 -25.96 -5.17
C ARG C 406 -17.08 -24.76 -5.27
N GLY C 407 -15.78 -25.05 -5.37
CA GLY C 407 -14.77 -24.00 -5.54
C GLY C 407 -14.94 -23.24 -6.84
N GLN C 408 -15.28 -23.97 -7.93
CA GLN C 408 -15.52 -23.33 -9.25
C GLN C 408 -16.67 -22.36 -9.18
N ARG C 409 -17.77 -22.82 -8.57
CA ARG C 409 -18.93 -21.96 -8.34
C ARG C 409 -18.54 -20.67 -7.62
N LEU C 410 -17.83 -20.80 -6.53
CA LEU C 410 -17.54 -19.67 -5.63
C LEU C 410 -16.53 -18.70 -6.27
N GLU C 411 -15.59 -19.25 -7.05
CA GLU C 411 -14.62 -18.44 -7.76
C GLU C 411 -15.31 -17.61 -8.85
N ALA C 412 -16.37 -18.15 -9.42
CA ALA C 412 -17.05 -17.49 -10.53
C ALA C 412 -17.79 -16.28 -10.06
N MET C 413 -18.54 -16.41 -8.97
CA MET C 413 -19.31 -15.29 -8.46
C MET C 413 -18.40 -14.25 -7.87
N LEU C 414 -17.27 -14.68 -7.34
CA LEU C 414 -16.23 -13.77 -6.90
C LEU C 414 -15.65 -13.01 -8.12
N GLU C 415 -15.36 -13.74 -9.19
CA GLU C 415 -14.87 -13.11 -10.46
C GLU C 415 -15.88 -12.13 -11.02
N SER C 416 -17.15 -12.47 -10.88
CA SER C 416 -18.23 -11.68 -11.42
C SER C 416 -18.47 -10.40 -10.60
N VAL C 417 -18.18 -10.47 -9.31
CA VAL C 417 -18.26 -9.28 -8.45
C VAL C 417 -17.11 -8.31 -8.77
N ARG C 418 -15.89 -8.85 -8.83
CA ARG C 418 -14.73 -8.10 -9.30
C ARG C 418 -15.06 -7.30 -10.54
N ALA C 419 -15.61 -7.99 -11.56
CA ALA C 419 -15.84 -7.38 -12.88
C ALA C 419 -16.69 -6.12 -12.77
N ASP C 420 -17.67 -6.13 -11.85
CA ASP C 420 -18.58 -5.00 -11.67
C ASP C 420 -18.06 -4.02 -10.63
N HIS C 421 -17.01 -4.41 -9.90
CA HIS C 421 -16.48 -3.59 -8.83
C HIS C 421 -14.97 -3.52 -8.87
N SER C 422 -14.43 -3.51 -10.09
CA SER C 422 -12.96 -3.51 -10.29
C SER C 422 -12.30 -2.19 -9.79
N ASP C 423 -13.13 -1.17 -9.59
CA ASP C 423 -12.65 0.09 -8.99
C ASP C 423 -12.26 -0.08 -7.51
N VAL C 424 -12.66 -1.19 -6.90
CA VAL C 424 -12.33 -1.47 -5.48
C VAL C 424 -11.68 -2.90 -5.28
N VAL C 425 -11.97 -3.83 -6.19
CA VAL C 425 -11.35 -5.15 -6.18
C VAL C 425 -10.29 -5.28 -7.30
N SER C 426 -9.08 -5.70 -6.92
CA SER C 426 -7.95 -5.83 -7.86
C SER C 426 -7.94 -7.16 -8.57
N ALA C 427 -8.25 -8.21 -7.82
CA ALA C 427 -7.92 -9.58 -8.25
C ALA C 427 -8.72 -10.61 -7.44
N VAL C 428 -8.96 -11.77 -8.05
CA VAL C 428 -9.29 -12.97 -7.31
C VAL C 428 -8.12 -13.93 -7.33
N TRP C 429 -7.76 -14.42 -6.15
CA TRP C 429 -6.62 -15.35 -6.00
C TRP C 429 -7.10 -16.69 -5.39
N GLY C 430 -6.30 -17.74 -5.58
CA GLY C 430 -6.48 -18.98 -4.86
C GLY C 430 -6.92 -20.08 -5.76
N THR C 431 -7.30 -21.22 -5.16
CA THR C 431 -7.75 -22.36 -5.93
C THR C 431 -8.55 -23.31 -5.04
N GLY C 432 -9.47 -24.04 -5.65
CA GLY C 432 -10.39 -24.90 -4.89
C GLY C 432 -11.31 -24.10 -3.99
N LEU C 433 -11.50 -24.57 -2.76
CA LEU C 433 -12.26 -23.81 -1.75
C LEU C 433 -11.35 -22.98 -0.86
N MET C 434 -10.33 -22.40 -1.47
CA MET C 434 -9.37 -21.59 -0.74
C MET C 434 -9.06 -20.33 -1.52
N LEU C 435 -9.91 -19.32 -1.37
CA LEU C 435 -9.97 -18.21 -2.30
C LEU C 435 -9.88 -16.90 -1.55
N ALA C 436 -9.61 -15.80 -2.29
CA ALA C 436 -9.59 -14.45 -1.68
C ALA C 436 -9.81 -13.35 -2.73
N LEU C 437 -10.44 -12.23 -2.31
CA LEU C 437 -10.42 -10.96 -3.09
C LEU C 437 -9.31 -10.05 -2.61
N GLU C 438 -8.60 -9.44 -3.55
CA GLU C 438 -7.64 -8.37 -3.22
C GLU C 438 -8.31 -7.00 -3.30
N LEU C 439 -8.26 -6.25 -2.21
CA LEU C 439 -8.83 -4.89 -2.19
C LEU C 439 -7.80 -3.86 -2.72
N ARG C 440 -8.29 -2.85 -3.43
CA ARG C 440 -7.44 -1.73 -3.86
C ARG C 440 -7.13 -0.82 -2.67
N ASP C 441 -5.92 -0.27 -2.66
CA ASP C 441 -5.47 0.59 -1.58
C ASP C 441 -6.47 1.75 -1.35
N GLN C 442 -6.84 1.98 -0.09
CA GLN C 442 -7.81 3.00 0.26
C GLN C 442 -7.17 4.05 1.18
N SER C 443 -5.86 4.08 1.22
CA SER C 443 -5.13 5.05 2.04
C SER C 443 -5.36 6.49 1.57
N ASN C 444 -5.77 6.64 0.31
CA ASN C 444 -6.07 7.96 -0.25
C ASN C 444 -7.56 8.21 -0.35
N ALA C 445 -8.33 7.54 0.48
CA ALA C 445 -9.77 7.49 0.30
C ALA C 445 -10.38 8.82 0.68
N THR C 446 -11.54 9.12 0.08
CA THR C 446 -12.24 10.36 0.34
C THR C 446 -12.66 10.42 1.80
N SER C 447 -13.51 9.49 2.19
CA SER C 447 -13.96 9.41 3.58
C SER C 447 -12.76 9.42 4.51
N GLN C 448 -12.81 10.32 5.48
CA GLN C 448 -11.76 10.43 6.46
C GLN C 448 -11.67 9.14 7.35
N ALA C 449 -12.81 8.62 7.72
CA ALA C 449 -12.86 7.49 8.63
C ALA C 449 -12.37 6.20 7.94
N ILE C 450 -12.69 6.04 6.66
CA ILE C 450 -12.19 4.88 5.88
C ILE C 450 -10.69 4.96 5.72
N ARG C 451 -10.22 6.16 5.35
CA ARG C 451 -8.82 6.38 5.03
C ARG C 451 -7.94 6.17 6.26
N GLU C 452 -8.42 6.63 7.41
CA GLU C 452 -7.71 6.45 8.66
C GLU C 452 -7.54 4.94 8.98
N LYS C 453 -8.62 4.17 8.81
CA LYS C 453 -8.56 2.71 9.03
C LYS C 453 -7.57 2.05 8.06
N ALA C 454 -7.66 2.41 6.78
CA ALA C 454 -6.73 1.89 5.78
C ALA C 454 -5.28 2.19 6.14
N ALA C 455 -5.05 3.41 6.63
CA ALA C 455 -3.69 3.82 7.03
C ALA C 455 -3.19 2.94 8.17
N HIS C 456 -4.08 2.62 9.10
CA HIS C 456 -3.71 1.81 10.26
C HIS C 456 -3.58 0.31 9.90
N GLY C 457 -3.93 -0.04 8.66
CA GLY C 457 -3.90 -1.46 8.22
C GLY C 457 -5.19 -2.26 8.56
N PHE C 458 -6.25 -1.56 8.94
CA PHE C 458 -7.46 -2.21 9.51
C PHE C 458 -8.64 -2.22 8.52
N LEU C 459 -8.37 -1.95 7.25
CA LEU C 459 -9.45 -1.81 6.25
C LEU C 459 -10.28 -3.07 6.16
N GLY C 460 -9.61 -4.21 5.98
CA GLY C 460 -10.30 -5.48 5.73
C GLY C 460 -11.19 -5.89 6.91
N TYR C 461 -10.68 -5.67 8.11
CA TYR C 461 -11.41 -6.00 9.30
C TYR C 461 -12.69 -5.16 9.40
N VAL C 462 -12.58 -3.89 9.01
CA VAL C 462 -13.74 -2.98 9.01
C VAL C 462 -14.81 -3.46 8.03
N LEU C 463 -14.37 -3.84 6.83
CA LEU C 463 -15.29 -4.35 5.83
C LEU C 463 -15.96 -5.64 6.32
N ALA C 464 -15.21 -6.46 7.06
CA ALA C 464 -15.73 -7.72 7.57
C ALA C 464 -16.80 -7.46 8.63
N GLY C 465 -16.67 -6.34 9.34
CA GLY C 465 -17.70 -5.91 10.31
C GLY C 465 -18.99 -5.47 9.63
N PHE C 466 -18.87 -4.84 8.47
CA PHE C 466 -20.04 -4.49 7.68
C PHE C 466 -20.75 -5.72 7.26
N LEU C 467 -20.01 -6.66 6.65
CA LEU C 467 -20.57 -7.91 6.20
C LEU C 467 -21.31 -8.63 7.33
N LEU C 468 -20.78 -8.55 8.53
CA LEU C 468 -21.34 -9.25 9.66
C LEU C 468 -22.68 -8.65 10.05
N ARG C 469 -22.67 -7.35 10.35
CA ARG C 469 -23.80 -6.72 11.04
C ARG C 469 -24.98 -6.44 10.08
N GLU C 470 -24.70 -6.40 8.78
CA GLU C 470 -25.70 -5.98 7.81
C GLU C 470 -26.14 -7.10 6.92
N HIS C 471 -25.34 -8.15 6.83
CA HIS C 471 -25.66 -9.31 5.99
C HIS C 471 -25.44 -10.66 6.71
N HIS C 472 -25.09 -10.60 8.00
CA HIS C 472 -24.89 -11.79 8.79
C HIS C 472 -24.01 -12.77 8.07
N ILE C 473 -22.88 -12.30 7.60
CA ILE C 473 -21.89 -13.16 7.02
C ILE C 473 -20.58 -12.94 7.69
N ARG C 474 -19.88 -14.06 8.00
CA ARG C 474 -18.56 -14.00 8.72
C ARG C 474 -17.46 -14.26 7.74
N VAL C 475 -16.73 -13.20 7.41
CA VAL C 475 -15.50 -13.29 6.68
C VAL C 475 -14.37 -12.71 7.55
N LEU C 476 -13.14 -13.21 7.34
CA LEU C 476 -11.97 -12.59 7.93
C LEU C 476 -10.94 -12.22 6.89
N PRO C 477 -10.22 -11.11 7.12
CA PRO C 477 -9.20 -10.70 6.17
C PRO C 477 -7.95 -11.57 6.20
N ALA C 478 -7.17 -11.49 5.13
CA ALA C 478 -5.81 -12.02 5.13
C ALA C 478 -4.83 -10.93 4.67
N GLY C 479 -3.55 -11.19 4.83
CA GLY C 479 -2.52 -10.34 4.27
C GLY C 479 -2.05 -9.34 5.28
N PRO C 480 -0.87 -8.73 5.03
CA PRO C 480 -0.11 -7.98 6.05
C PRO C 480 -0.75 -6.62 6.42
N ARG C 481 -1.52 -6.03 5.50
CA ARG C 481 -2.28 -4.82 5.79
C ARG C 481 -3.76 -5.11 5.73
N SER C 482 -4.14 -6.34 6.05
CA SER C 482 -5.53 -6.77 6.00
C SER C 482 -6.19 -6.33 4.69
N GLY C 483 -5.44 -6.48 3.59
CA GLY C 483 -5.88 -6.01 2.30
C GLY C 483 -6.51 -7.08 1.42
N PHE C 484 -6.73 -8.27 1.98
CA PHE C 484 -7.50 -9.32 1.29
C PHE C 484 -8.68 -9.79 2.16
N LEU C 485 -9.73 -10.29 1.50
CA LEU C 485 -10.81 -10.99 2.19
C LEU C 485 -10.77 -12.44 1.85
N ARG C 486 -10.81 -13.30 2.89
CA ARG C 486 -10.64 -14.74 2.71
C ARG C 486 -12.01 -15.41 2.52
N PHE C 487 -12.05 -16.40 1.64
CA PHE C 487 -13.20 -17.31 1.59
C PHE C 487 -12.71 -18.72 1.55
N SER C 488 -12.93 -19.44 2.63
CA SER C 488 -12.58 -20.85 2.68
C SER C 488 -13.63 -21.62 3.45
N PRO C 489 -14.84 -21.71 2.90
CA PRO C 489 -15.96 -22.42 3.53
C PRO C 489 -15.84 -23.91 3.41
N SER C 490 -16.80 -24.63 3.96
CA SER C 490 -16.81 -26.07 3.87
C SER C 490 -17.35 -26.49 2.52
N LEU C 491 -17.18 -27.74 2.18
CA LEU C 491 -17.61 -28.26 0.88
C LEU C 491 -19.16 -28.43 0.82
N TYR C 492 -19.84 -28.14 1.94
CA TYR C 492 -21.30 -28.23 2.00
C TYR C 492 -21.96 -26.89 1.74
N ILE C 493 -21.15 -25.91 1.35
CA ILE C 493 -21.69 -24.58 1.05
C ILE C 493 -22.71 -24.67 -0.08
N THR C 494 -23.90 -24.14 0.16
CA THR C 494 -25.01 -24.29 -0.81
C THR C 494 -25.02 -23.12 -1.79
N ASP C 495 -25.68 -23.32 -2.94
CA ASP C 495 -25.80 -22.26 -3.97
C ASP C 495 -26.48 -21.02 -3.38
N GLU C 496 -27.49 -21.24 -2.55
CA GLU C 496 -28.24 -20.14 -1.94
C GLU C 496 -27.35 -19.33 -0.99
N GLU C 497 -26.45 -20.04 -0.31
CA GLU C 497 -25.47 -19.39 0.55
C GLU C 497 -24.44 -18.61 -0.27
N ILE C 498 -24.08 -19.14 -1.43
CA ILE C 498 -23.16 -18.46 -2.32
C ILE C 498 -23.82 -17.22 -2.94
N ASP C 499 -25.14 -17.32 -3.22
CA ASP C 499 -25.94 -16.13 -3.69
C ASP C 499 -26.04 -15.06 -2.62
N ARG C 500 -26.34 -15.46 -1.40
CA ARG C 500 -26.43 -14.52 -0.28
C ARG C 500 -25.08 -13.79 -0.06
N THR C 501 -23.97 -14.46 -0.39
CA THR C 501 -22.65 -13.85 -0.29
C THR C 501 -22.40 -12.87 -1.43
N GLU C 502 -22.80 -13.25 -2.65
CA GLU C 502 -22.74 -12.34 -3.79
C GLU C 502 -23.52 -11.04 -3.52
N THR C 503 -24.75 -11.16 -3.03
CA THR C 503 -25.56 -9.98 -2.63
C THR C 503 -24.79 -9.15 -1.59
N ALA C 504 -24.24 -9.83 -0.57
CA ALA C 504 -23.53 -9.15 0.53
C ALA C 504 -22.34 -8.33 0.01
N LEU C 505 -21.60 -8.92 -0.92
CA LEU C 505 -20.36 -8.31 -1.41
C LEU C 505 -20.66 -7.08 -2.32
N ARG C 506 -21.58 -7.27 -3.26
CA ARG C 506 -22.04 -6.16 -4.13
C ARG C 506 -22.51 -4.97 -3.27
N SER C 507 -23.26 -5.26 -2.22
CA SER C 507 -23.66 -4.23 -1.28
C SER C 507 -22.43 -3.55 -0.66
N LEU C 508 -21.46 -4.35 -0.23
CA LEU C 508 -20.28 -3.82 0.46
C LEU C 508 -19.49 -2.92 -0.46
N PHE C 509 -19.27 -3.39 -1.68
CA PHE C 509 -18.37 -2.75 -2.58
C PHE C 509 -19.05 -1.57 -3.30
N THR C 510 -20.37 -1.48 -3.15
CA THR C 510 -21.12 -0.27 -3.57
C THR C 510 -21.01 0.83 -2.48
N ALA C 511 -21.14 0.45 -1.22
CA ALA C 511 -20.89 1.38 -0.12
C ALA C 511 -19.43 1.91 -0.14
N LEU C 512 -18.49 1.03 -0.44
CA LEU C 512 -17.09 1.44 -0.50
C LEU C 512 -16.86 2.40 -1.68
N ARG C 513 -17.42 2.06 -2.84
CA ARG C 513 -17.43 2.98 -4.02
C ARG C 513 -17.95 4.35 -3.62
N ASP C 514 -19.13 4.38 -3.00
CA ASP C 514 -19.76 5.63 -2.57
C ASP C 514 -18.95 6.33 -1.46
N GLN C 515 -17.99 5.60 -0.88
CA GLN C 515 -17.17 6.13 0.23
C GLN C 515 -18.03 6.48 1.44
N ASP C 516 -18.89 5.56 1.83
CA ASP C 516 -19.90 5.82 2.86
C ASP C 516 -19.37 5.40 4.25
N GLY C 517 -18.38 6.15 4.74
CA GLY C 517 -17.68 5.76 5.98
C GLY C 517 -18.55 5.82 7.24
N ASP C 518 -19.71 6.47 7.15
CA ASP C 518 -20.73 6.38 8.22
C ASP C 518 -21.26 4.95 8.35
N ARG C 519 -21.38 4.27 7.22
CA ARG C 519 -22.01 2.99 7.18
C ARG C 519 -20.96 1.89 7.42
N LEU C 520 -19.71 2.19 7.08
CA LEU C 520 -18.67 1.19 7.05
C LEU C 520 -17.88 1.20 8.35
N VAL C 521 -17.55 2.40 8.82
CA VAL C 521 -16.76 2.55 10.02
C VAL C 521 -17.63 2.92 11.18
N LEU C 522 -17.41 2.21 12.32
CA LEU C 522 -17.91 2.62 13.67
C LEU C 522 -19.24 1.95 13.99
N GLY D 6 10.85 -57.18 7.95
CA GLY D 6 10.68 -57.58 6.52
C GLY D 6 9.88 -56.57 5.69
N GLU D 7 8.79 -56.09 6.25
CA GLU D 7 7.69 -55.48 5.44
C GLU D 7 7.74 -53.91 5.51
N PRO D 8 7.03 -53.23 4.57
CA PRO D 8 6.95 -51.76 4.58
C PRO D 8 6.47 -51.20 5.91
N VAL D 9 6.98 -50.02 6.26
CA VAL D 9 6.77 -49.49 7.59
C VAL D 9 6.87 -47.95 7.56
N TYR D 10 5.81 -47.29 8.05
CA TYR D 10 5.54 -45.89 7.76
C TYR D 10 5.63 -45.02 9.05
N ALA D 11 5.93 -45.66 10.18
CA ALA D 11 6.23 -44.94 11.42
C ALA D 11 6.81 -45.93 12.45
N ASP D 12 7.59 -45.41 13.38
CA ASP D 12 7.75 -46.04 14.69
C ASP D 12 8.69 -47.27 14.65
N ALA D 13 9.22 -47.58 13.49
CA ALA D 13 10.01 -48.82 13.33
C ALA D 13 11.14 -48.90 14.40
N VAL D 14 11.96 -47.86 14.46
CA VAL D 14 13.07 -47.83 15.39
C VAL D 14 12.57 -47.73 16.82
N LEU D 15 11.63 -46.82 17.06
CA LEU D 15 11.01 -46.67 18.39
C LEU D 15 10.43 -48.01 18.90
N ASN D 16 9.74 -48.73 18.02
CA ASN D 16 9.15 -50.02 18.38
C ASN D 16 10.19 -51.10 18.61
N GLY D 17 11.18 -51.18 17.73
CA GLY D 17 12.30 -52.12 17.92
C GLY D 17 12.91 -51.94 19.28
N TRP D 18 13.17 -50.70 19.64
CA TRP D 18 13.82 -50.40 20.88
C TRP D 18 12.94 -50.82 22.10
N LEU D 19 11.66 -50.48 22.05
CA LEU D 19 10.75 -50.78 23.16
C LEU D 19 10.66 -52.28 23.39
N THR D 20 10.65 -53.03 22.31
CA THR D 20 10.55 -54.46 22.41
C THR D 20 11.76 -55.06 23.15
N SER D 21 12.95 -54.58 22.81
CA SER D 21 14.16 -55.10 23.41
C SER D 21 14.27 -54.72 24.90
N MET D 22 13.72 -53.55 25.25
CA MET D 22 13.61 -53.13 26.68
C MET D 22 12.60 -53.97 27.43
N GLY D 23 11.78 -54.72 26.69
CA GLY D 23 10.69 -55.50 27.29
C GLY D 23 9.40 -54.73 27.41
N LEU D 24 9.23 -53.72 26.56
CA LEU D 24 8.10 -52.75 26.70
C LEU D 24 7.23 -52.71 25.42
N GLY D 25 7.47 -53.64 24.51
CA GLY D 25 6.69 -53.74 23.32
C GLY D 25 5.30 -54.30 23.60
N VAL D 26 4.35 -53.42 23.87
CA VAL D 26 2.99 -53.82 24.14
C VAL D 26 2.01 -52.75 23.65
N GLU D 27 0.83 -53.18 23.24
CA GLU D 27 -0.22 -52.26 22.80
C GLU D 27 -1.35 -52.28 23.80
N TYR D 28 -1.64 -51.12 24.38
CA TYR D 28 -2.76 -50.96 25.25
C TYR D 28 -4.02 -50.60 24.46
N VAL D 29 -5.12 -51.34 24.71
CA VAL D 29 -6.32 -51.23 23.85
C VAL D 29 -7.44 -50.51 24.55
N ARG D 30 -7.36 -50.42 25.86
CA ARG D 30 -8.43 -49.79 26.65
C ARG D 30 -7.86 -49.27 27.95
N ALA D 31 -8.50 -48.26 28.53
CA ALA D 31 -7.99 -47.67 29.76
C ALA D 31 -9.09 -47.09 30.58
N GLU D 32 -9.02 -47.31 31.89
CA GLU D 32 -9.92 -46.66 32.79
C GLU D 32 -9.34 -46.62 34.15
N GLY D 33 -9.57 -45.53 34.84
CA GLY D 33 -8.96 -45.30 36.09
C GLY D 33 -7.47 -45.40 36.01
N ASN D 34 -6.90 -46.21 36.89
CA ASN D 34 -5.46 -46.33 37.02
C ASN D 34 -4.97 -47.54 36.30
N THR D 35 -5.80 -48.07 35.42
CA THR D 35 -5.52 -49.33 34.78
C THR D 35 -5.60 -49.17 33.27
N VAL D 36 -4.59 -49.71 32.58
CA VAL D 36 -4.64 -49.87 31.15
C VAL D 36 -4.58 -51.34 30.81
N TYR D 37 -5.16 -51.72 29.67
CA TYR D 37 -5.32 -53.17 29.29
C TYR D 37 -4.61 -53.48 27.96
N TYR D 38 -3.87 -54.59 27.93
CA TYR D 38 -3.47 -55.20 26.63
C TYR D 38 -4.12 -56.56 26.43
N LEU D 39 -4.01 -57.09 25.22
CA LEU D 39 -4.55 -58.42 24.90
C LEU D 39 -3.43 -59.44 24.92
N ASP D 40 -3.65 -60.55 25.61
CA ASP D 40 -2.67 -61.66 25.63
C ASP D 40 -2.79 -62.51 24.33
N ASP D 41 -1.97 -63.55 24.24
CA ASP D 41 -1.95 -64.42 23.05
C ASP D 41 -3.36 -64.92 22.70
N GLU D 42 -4.16 -65.20 23.73
CA GLU D 42 -5.48 -65.84 23.55
C GLU D 42 -6.62 -64.80 23.41
N GLY D 43 -6.26 -63.51 23.48
CA GLY D 43 -7.23 -62.41 23.20
C GLY D 43 -7.90 -61.86 24.47
N ARG D 44 -7.45 -62.32 25.64
CA ARG D 44 -7.99 -61.84 26.94
C ARG D 44 -7.38 -60.47 27.31
N GLU D 45 -8.21 -59.61 27.89
CA GLU D 45 -7.73 -58.36 28.47
C GLU D 45 -6.95 -58.61 29.75
N VAL D 46 -5.71 -58.14 29.78
CA VAL D 46 -4.90 -58.20 30.97
C VAL D 46 -4.81 -56.79 31.61
N PRO D 47 -5.20 -56.67 32.88
CA PRO D 47 -5.10 -55.37 33.55
C PRO D 47 -3.66 -55.04 34.00
N VAL D 48 -3.19 -53.84 33.67
CA VAL D 48 -1.90 -53.35 34.11
C VAL D 48 -2.10 -52.07 34.93
N LEU D 49 -1.43 -51.98 36.07
CA LEU D 49 -1.46 -50.76 36.89
C LEU D 49 -0.51 -49.68 36.29
N ASP D 50 -1.03 -48.48 36.06
CA ASP D 50 -0.30 -47.42 35.35
C ASP D 50 0.24 -46.38 36.35
N HIS D 51 1.57 -46.35 36.51
CA HIS D 51 2.23 -45.36 37.38
C HIS D 51 2.80 -44.21 36.59
N ALA D 52 2.85 -44.37 35.27
CA ALA D 52 3.33 -43.29 34.38
C ALA D 52 2.23 -42.22 34.15
N CYS D 53 1.07 -42.64 33.67
CA CYS D 53 -0.16 -41.78 33.64
C CYS D 53 0.05 -40.52 32.83
N GLY D 54 0.56 -40.68 31.63
CA GLY D 54 0.78 -39.55 30.74
C GLY D 54 1.81 -38.60 31.28
N PHE D 55 2.78 -39.15 32.02
CA PHE D 55 3.82 -38.34 32.66
C PHE D 55 3.24 -37.31 33.58
N GLY D 56 2.09 -37.62 34.18
CA GLY D 56 1.47 -36.74 35.17
C GLY D 56 0.15 -36.08 34.68
N SER D 57 -0.19 -36.31 33.42
CA SER D 57 -1.41 -35.70 32.82
C SER D 57 -2.72 -36.20 33.52
N LEU D 58 -2.67 -37.42 34.10
CA LEU D 58 -3.92 -38.10 34.51
C LEU D 58 -4.11 -38.05 36.01
N ILE D 59 -4.30 -36.84 36.53
CA ILE D 59 -4.48 -36.67 37.96
C ILE D 59 -5.80 -37.33 38.43
N PHE D 60 -6.78 -37.41 37.52
CA PHE D 60 -8.08 -38.06 37.81
C PHE D 60 -8.19 -39.44 37.11
N GLY D 61 -7.04 -39.98 36.67
CA GLY D 61 -7.02 -41.29 35.96
C GLY D 61 -7.38 -41.17 34.49
N HIS D 62 -7.18 -42.27 33.76
CA HIS D 62 -7.68 -42.39 32.36
C HIS D 62 -9.19 -42.27 32.31
N ASN D 63 -9.68 -41.44 31.38
CA ASN D 63 -11.06 -41.48 30.96
C ASN D 63 -12.01 -41.46 32.15
N HIS D 64 -11.83 -40.47 33.00
CA HIS D 64 -12.71 -40.25 34.10
C HIS D 64 -14.09 -40.01 33.57
N PRO D 65 -15.09 -40.80 34.04
CA PRO D 65 -16.48 -40.71 33.58
C PRO D 65 -17.01 -39.28 33.55
N GLU D 66 -16.76 -38.53 34.62
CA GLU D 66 -17.27 -37.17 34.71
C GLU D 66 -16.69 -36.24 33.61
N ILE D 67 -15.44 -36.49 33.23
CA ILE D 67 -14.80 -35.69 32.18
C ILE D 67 -15.26 -36.13 30.79
N ILE D 68 -15.48 -37.43 30.63
CA ILE D 68 -16.00 -37.99 29.34
C ILE D 68 -17.43 -37.51 29.07
N ALA D 69 -18.28 -37.63 30.07
CA ALA D 69 -19.63 -37.12 29.99
C ALA D 69 -19.63 -35.66 29.56
N HIS D 70 -18.82 -34.83 30.22
CA HIS D 70 -18.76 -33.38 29.90
C HIS D 70 -18.37 -33.16 28.44
N ALA D 71 -17.40 -33.91 27.98
CA ALA D 71 -16.92 -33.75 26.64
C ALA D 71 -18.02 -34.12 25.65
N LYS D 72 -18.70 -35.22 25.91
CA LYS D 72 -19.78 -35.68 25.02
C LYS D 72 -20.92 -34.69 24.97
N ALA D 73 -21.27 -34.13 26.13
CA ALA D 73 -22.30 -33.08 26.19
C ALA D 73 -21.87 -31.85 25.38
N ALA D 74 -20.62 -31.41 25.58
CA ALA D 74 -20.09 -30.25 24.85
C ALA D 74 -20.19 -30.48 23.35
N LEU D 75 -19.80 -31.68 22.89
CA LEU D 75 -19.91 -32.05 21.47
C LEU D 75 -21.38 -32.04 21.00
N ASP D 76 -22.26 -32.59 21.85
CA ASP D 76 -23.66 -32.67 21.54
C ASP D 76 -24.33 -31.29 21.49
N ALA D 77 -23.84 -30.34 22.26
CA ALA D 77 -24.40 -28.95 22.24
C ALA D 77 -23.92 -28.11 21.05
N GLY D 78 -23.07 -28.69 20.21
CA GLY D 78 -22.50 -27.94 19.10
C GLY D 78 -21.66 -26.75 19.59
N THR D 79 -20.86 -27.00 20.62
CA THR D 79 -19.83 -26.07 21.01
C THR D 79 -19.05 -25.51 19.78
N VAL D 80 -18.75 -24.23 19.81
CA VAL D 80 -17.97 -23.60 18.77
C VAL D 80 -16.50 -23.82 19.04
N VAL D 81 -15.90 -24.71 18.28
CA VAL D 81 -14.53 -25.07 18.52
C VAL D 81 -13.60 -24.06 17.83
N HIS D 82 -13.89 -23.75 16.57
CA HIS D 82 -13.15 -22.76 15.82
C HIS D 82 -13.93 -21.48 15.67
N ALA D 83 -13.53 -20.48 16.43
CA ALA D 83 -14.23 -19.24 16.51
C ALA D 83 -13.23 -18.10 16.57
N GLN D 84 -12.22 -18.17 15.74
CA GLN D 84 -11.08 -17.28 15.89
C GLN D 84 -11.51 -15.85 15.62
N LEU D 85 -10.93 -14.92 16.35
CA LEU D 85 -11.25 -13.48 16.20
C LEU D 85 -12.72 -13.24 16.45
N SER D 86 -13.21 -13.76 17.57
CA SER D 86 -14.51 -13.41 18.08
C SER D 86 -14.43 -13.36 19.57
N ARG D 87 -15.52 -12.98 20.22
CA ARG D 87 -15.55 -12.94 21.68
C ARG D 87 -15.66 -14.38 22.25
N GLN D 88 -14.62 -14.80 22.96
CA GLN D 88 -14.60 -16.10 23.61
C GLN D 88 -14.39 -15.94 25.12
N PRO D 89 -15.45 -15.58 25.84
CA PRO D 89 -15.37 -15.21 27.26
C PRO D 89 -14.91 -16.35 28.19
N ARG D 90 -14.89 -17.56 27.69
CA ARG D 90 -14.45 -18.69 28.49
C ARG D 90 -12.99 -18.59 28.88
N ALA D 91 -12.18 -17.94 28.03
CA ALA D 91 -10.78 -17.73 28.34
C ALA D 91 -10.64 -16.89 29.55
N ASN D 92 -11.33 -15.76 29.54
CA ASN D 92 -11.37 -14.87 30.71
C ASN D 92 -11.85 -15.59 31.98
N GLN D 93 -12.85 -16.45 31.82
CA GLN D 93 -13.42 -17.21 32.93
C GLN D 93 -12.37 -18.18 33.53
N ILE D 94 -11.72 -18.96 32.67
CA ILE D 94 -10.62 -19.83 33.09
C ILE D 94 -9.53 -19.03 33.84
N SER D 95 -9.08 -17.91 33.24
CA SER D 95 -7.96 -17.13 33.84
C SER D 95 -8.37 -16.54 35.18
N ARG D 96 -9.65 -16.19 35.31
CA ARG D 96 -10.15 -15.66 36.55
C ARG D 96 -10.04 -16.68 37.68
N ILE D 97 -10.37 -17.91 37.38
CA ILE D 97 -10.33 -18.98 38.37
C ILE D 97 -8.90 -19.25 38.82
N LEU D 98 -8.00 -19.38 37.85
CA LEU D 98 -6.56 -19.59 38.16
C LEU D 98 -6.02 -18.44 39.04
N ASN D 99 -6.37 -17.21 38.68
CA ASN D 99 -6.01 -16.01 39.51
C ASN D 99 -6.47 -16.13 40.96
N ASP D 100 -7.72 -16.56 41.17
CA ASP D 100 -8.27 -16.74 42.51
C ASP D 100 -7.53 -17.80 43.27
N ILE D 101 -7.32 -18.95 42.64
CA ILE D 101 -6.56 -20.03 43.26
C ILE D 101 -5.15 -19.56 43.69
N MET D 102 -4.48 -18.83 42.81
CA MET D 102 -3.12 -18.35 43.07
C MET D 102 -3.09 -17.40 44.31
N ARG D 103 -4.06 -16.50 44.38
CA ARG D 103 -4.17 -15.59 45.54
C ARG D 103 -4.32 -16.39 46.82
N ARG D 104 -5.20 -17.38 46.78
CA ARG D 104 -5.53 -18.13 47.97
C ARG D 104 -4.35 -19.00 48.46
N GLU D 105 -3.46 -19.39 47.54
CA GLU D 105 -2.36 -20.28 47.89
C GLU D 105 -1.04 -19.52 48.23
N THR D 106 -0.90 -18.32 47.71
CA THR D 106 0.32 -17.51 47.94
C THR D 106 0.08 -16.42 48.98
N GLY D 107 -1.19 -16.10 49.24
CA GLY D 107 -1.54 -14.89 49.96
C GLY D 107 -1.40 -13.59 49.12
N ARG D 108 -0.60 -13.65 48.06
CA ARG D 108 -0.32 -12.45 47.25
C ARG D 108 -1.55 -12.04 46.44
N ASP D 109 -1.66 -10.76 46.17
CA ASP D 109 -2.82 -10.22 45.53
C ASP D 109 -2.48 -9.71 44.13
N ASP D 110 -1.66 -10.46 43.43
CA ASP D 110 -1.25 -10.10 42.09
C ASP D 110 -2.29 -10.59 41.10
N ARG D 111 -2.43 -9.88 39.99
CA ARG D 111 -3.34 -10.26 38.93
C ARG D 111 -2.57 -10.69 37.65
N TYR D 112 -3.14 -11.65 36.91
CA TYR D 112 -2.42 -12.30 35.78
C TYR D 112 -3.25 -12.30 34.55
N ASN D 113 -2.59 -12.08 33.41
CA ASN D 113 -3.21 -12.21 32.13
C ASN D 113 -2.91 -13.56 31.57
N ALA D 114 -3.87 -14.11 30.81
CA ALA D 114 -3.74 -15.47 30.27
C ALA D 114 -3.63 -15.48 28.75
N ILE D 115 -2.61 -16.16 28.26
CA ILE D 115 -2.52 -16.51 26.86
C ILE D 115 -2.54 -18.00 26.73
N PHE D 116 -3.44 -18.51 25.89
CA PHE D 116 -3.67 -19.97 25.80
C PHE D 116 -2.92 -20.55 24.64
N ALA D 117 -2.44 -21.77 24.79
CA ALA D 117 -1.76 -22.47 23.70
C ALA D 117 -2.17 -23.97 23.68
N ASN D 118 -1.39 -24.79 22.97
CA ASN D 118 -1.81 -26.21 22.71
C ASN D 118 -0.92 -27.23 23.39
N SER D 119 0.16 -26.78 23.96
CA SER D 119 1.08 -27.69 24.67
C SER D 119 1.95 -26.91 25.64
N GLY D 120 2.62 -27.63 26.52
CA GLY D 120 3.46 -27.03 27.54
C GLY D 120 4.64 -26.29 26.93
N ALA D 121 5.19 -26.83 25.85
CA ALA D 121 6.30 -26.19 25.18
C ALA D 121 5.85 -24.89 24.53
N GLU D 122 4.62 -24.88 24.02
CA GLU D 122 4.06 -23.68 23.42
C GLU D 122 3.76 -22.64 24.46
N ALA D 123 3.34 -23.08 25.65
CA ALA D 123 3.13 -22.17 26.77
C ALA D 123 4.45 -21.48 27.17
N ASN D 124 5.49 -22.27 27.37
CA ASN D 124 6.79 -21.74 27.74
C ASN D 124 7.36 -20.80 26.71
N GLU D 125 7.06 -21.05 25.44
CA GLU D 125 7.64 -20.27 24.36
C GLU D 125 6.89 -18.95 24.15
N ILE D 126 5.62 -18.93 24.46
CA ILE D 126 4.90 -17.65 24.74
C ILE D 126 5.65 -16.79 25.79
N CYS D 127 6.07 -17.42 26.88
CA CYS D 127 6.78 -16.72 27.97
C CYS D 127 8.16 -16.26 27.49
N MET D 128 8.88 -17.14 26.80
CA MET D 128 10.14 -16.76 26.15
C MET D 128 9.95 -15.50 25.30
N LYS D 129 8.90 -15.51 24.48
CA LYS D 129 8.66 -14.41 23.56
C LYS D 129 8.34 -13.11 24.30
N HIS D 130 7.55 -13.21 25.33
CA HIS D 130 7.13 -12.04 26.04
C HIS D 130 8.29 -11.48 26.85
N ALA D 131 9.16 -12.36 27.32
CA ALA D 131 10.37 -11.95 28.04
C ALA D 131 11.28 -11.15 27.14
N GLU D 132 11.38 -11.57 25.87
CA GLU D 132 12.17 -10.86 24.89
C GLU D 132 11.54 -9.55 24.54
N LEU D 133 10.22 -9.45 24.62
CA LEU D 133 9.53 -8.16 24.45
C LEU D 133 9.89 -7.19 25.57
N GLU D 134 9.96 -7.72 26.80
CA GLU D 134 10.40 -6.93 27.94
C GLU D 134 11.84 -6.49 27.76
N ARG D 135 12.67 -7.39 27.25
CA ARG D 135 14.08 -7.08 27.07
C ARG D 135 14.29 -5.98 25.99
N GLN D 136 13.53 -6.04 24.92
CA GLN D 136 13.62 -5.03 23.86
C GLN D 136 13.21 -3.62 24.37
N GLU D 137 12.18 -3.58 25.22
CA GLU D 137 11.79 -2.31 25.89
C GLU D 137 12.93 -1.76 26.75
N ARG D 138 13.54 -2.66 27.55
CA ARG D 138 14.75 -2.32 28.30
C ARG D 138 15.80 -1.74 27.38
N ILE D 139 16.08 -2.44 26.31
CA ILE D 139 17.11 -2.05 25.38
C ILE D 139 16.82 -0.66 24.73
N THR D 140 15.59 -0.45 24.29
CA THR D 140 15.21 0.83 23.70
C THR D 140 15.44 1.99 24.68
N ALA D 141 15.12 1.76 25.95
CA ALA D 141 15.22 2.81 26.96
C ALA D 141 16.71 3.18 27.21
N LEU D 142 17.56 2.16 27.31
CA LEU D 142 18.99 2.36 27.54
C LEU D 142 19.60 3.10 26.37
N PHE D 143 19.36 2.59 25.16
CA PHE D 143 19.94 3.20 23.94
C PHE D 143 19.46 4.63 23.74
N ALA D 144 18.24 4.91 24.15
CA ALA D 144 17.73 6.29 24.15
C ALA D 144 18.57 7.19 25.07
N GLU D 145 18.77 6.74 26.30
CA GLU D 145 19.62 7.45 27.26
C GLU D 145 21.01 7.69 26.67
N ILE D 146 21.59 6.62 26.12
CA ILE D 146 22.97 6.66 25.62
C ILE D 146 23.14 7.74 24.55
N ASP D 147 22.12 7.89 23.70
CA ASP D 147 22.12 8.97 22.72
C ASP D 147 22.23 10.30 23.40
N ALA D 148 21.35 10.55 24.36
CA ALA D 148 21.31 11.85 25.07
C ALA D 148 22.61 12.11 25.83
N GLU D 149 23.27 11.04 26.28
CA GLU D 149 24.59 11.15 26.91
C GLU D 149 25.68 11.46 25.88
N LEU D 150 25.49 10.95 24.65
CA LEU D 150 26.37 11.31 23.55
C LEU D 150 26.13 12.76 23.11
N ASP D 151 24.88 13.11 22.82
CA ASP D 151 24.51 14.51 22.45
C ASP D 151 25.19 15.51 23.38
N THR D 152 24.98 15.31 24.69
CA THR D 152 25.45 16.26 25.70
C THR D 152 26.98 16.32 25.73
N ALA D 153 27.64 15.20 25.52
CA ALA D 153 29.08 15.15 25.57
C ALA D 153 29.69 15.88 24.39
N ARG D 154 29.01 15.82 23.24
CA ARG D 154 29.53 16.41 21.99
C ARG D 154 29.37 17.94 21.99
N GLU D 155 28.22 18.42 22.42
CA GLU D 155 27.96 19.87 22.49
C GLU D 155 28.66 20.52 23.71
N ALA D 156 29.32 19.69 24.50
CA ALA D 156 30.29 20.18 25.48
C ALA D 156 31.71 20.10 24.93
N LEU D 157 31.98 19.09 24.11
CA LEU D 157 33.34 18.84 23.61
C LEU D 157 33.70 19.82 22.49
N THR D 158 32.72 20.17 21.66
CA THR D 158 32.95 21.04 20.49
C THR D 158 32.67 22.51 20.82
N THR D 159 31.65 22.76 21.65
CA THR D 159 31.52 24.04 22.37
C THR D 159 32.40 24.07 23.63
N GLY D 160 33.69 24.36 23.44
CA GLY D 160 34.55 24.81 24.54
C GLY D 160 34.80 23.75 25.59
N THR D 161 33.74 23.38 26.33
CA THR D 161 33.78 23.44 27.80
C THR D 161 34.35 22.14 28.46
N ALA D 162 34.81 21.18 27.65
CA ALA D 162 35.31 19.89 28.20
C ALA D 162 36.32 19.21 27.25
N THR D 163 37.19 18.39 27.83
CA THR D 163 38.19 17.64 27.05
C THR D 163 38.04 16.12 27.28
N LEU D 164 38.45 15.34 26.29
CA LEU D 164 38.22 13.90 26.27
C LEU D 164 39.43 13.16 26.82
N ASP D 165 39.25 12.42 27.90
CA ASP D 165 40.37 11.78 28.60
C ASP D 165 40.84 10.54 27.85
N THR D 166 42.06 10.59 27.34
CA THR D 166 42.50 9.69 26.29
C THR D 166 42.99 8.35 26.88
N ALA D 167 43.05 8.27 28.20
CA ALA D 167 43.32 7.00 28.89
C ALA D 167 42.14 6.01 28.73
N SER D 168 40.96 6.54 28.41
CA SER D 168 39.76 5.74 28.34
C SER D 168 39.66 4.95 27.01
N LEU D 169 40.60 5.22 26.09
CA LEU D 169 40.32 5.04 24.64
C LEU D 169 40.54 3.58 24.13
N PRO D 170 41.31 2.75 24.88
CA PRO D 170 41.51 1.37 24.43
C PRO D 170 40.20 0.50 24.51
N LEU D 171 39.11 1.08 25.05
CA LEU D 171 37.74 0.46 24.91
C LEU D 171 37.22 0.57 23.47
N VAL D 172 37.76 1.52 22.70
CA VAL D 172 37.24 1.80 21.37
C VAL D 172 38.40 2.15 20.40
N ASP D 178 39.77 11.62 18.47
CA ASP D 178 38.86 11.78 17.33
C ASP D 178 37.39 11.76 17.82
N VAL D 179 36.75 12.94 17.91
CA VAL D 179 35.40 13.06 18.54
C VAL D 179 34.38 12.28 17.71
N ASP D 180 34.00 12.82 16.57
CA ASP D 180 32.98 12.21 15.72
C ASP D 180 33.34 10.76 15.40
N GLY D 181 34.63 10.49 15.21
CA GLY D 181 35.12 9.14 14.94
C GLY D 181 34.82 8.16 16.08
N VAL D 182 34.99 8.64 17.31
CA VAL D 182 34.73 7.81 18.49
C VAL D 182 33.20 7.52 18.64
N ILE D 183 32.37 8.53 18.39
CA ILE D 183 30.91 8.34 18.41
C ILE D 183 30.49 7.22 17.45
N ALA D 184 31.07 7.23 16.25
CA ALA D 184 30.77 6.23 15.24
C ALA D 184 31.17 4.83 15.72
N ASP D 185 32.36 4.73 16.31
CA ASP D 185 32.90 3.43 16.74
C ASP D 185 32.16 2.89 17.95
N ILE D 186 31.61 3.80 18.75
CA ILE D 186 30.72 3.43 19.82
C ILE D 186 29.37 2.92 19.26
N HIS D 187 28.77 3.69 18.35
CA HIS D 187 27.53 3.25 17.65
C HIS D 187 27.72 1.90 16.97
N ARG D 188 28.83 1.75 16.25
CA ARG D 188 29.20 0.47 15.69
C ARG D 188 29.14 -0.62 16.78
N HIS D 189 29.90 -0.42 17.84
CA HIS D 189 30.06 -1.42 18.87
C HIS D 189 28.69 -1.83 19.47
N ASN D 190 27.89 -0.83 19.82
CA ASN D 190 26.68 -1.07 20.54
C ASN D 190 25.69 -1.84 19.70
N ASP D 191 25.72 -1.62 18.39
CA ASP D 191 24.76 -2.25 17.47
C ASP D 191 25.07 -3.73 17.29
N GLU D 192 26.35 -4.08 17.25
CA GLU D 192 26.78 -5.49 17.27
C GLU D 192 26.20 -6.18 18.48
N ARG D 193 26.43 -5.57 19.65
CA ARG D 193 25.93 -6.07 20.92
C ARG D 193 24.37 -6.19 20.89
N ARG D 194 23.69 -5.14 20.41
CA ARG D 194 22.25 -5.06 20.48
C ARG D 194 21.60 -6.21 19.76
N ALA D 195 22.26 -6.70 18.71
CA ALA D 195 21.66 -7.70 17.83
C ALA D 195 22.16 -9.07 18.17
N GLU D 196 23.10 -9.15 19.10
CA GLU D 196 23.51 -10.41 19.65
C GLU D 196 22.31 -11.09 20.28
N ARG D 197 22.41 -12.39 20.45
CA ARG D 197 21.27 -13.18 20.85
C ARG D 197 21.21 -13.28 22.36
N PRO D 198 19.99 -13.27 22.93
CA PRO D 198 19.78 -13.30 24.36
C PRO D 198 20.19 -14.60 25.01
N LEU D 199 20.27 -14.59 26.33
CA LEU D 199 20.59 -15.76 27.07
C LEU D 199 19.42 -16.09 28.03
N PHE D 200 19.11 -17.37 28.15
CA PHE D 200 18.17 -17.82 29.15
C PHE D 200 18.92 -18.59 30.24
N LEU D 201 18.50 -18.38 31.48
CA LEU D 201 18.99 -19.17 32.56
C LEU D 201 17.99 -20.25 32.89
N THR D 202 18.51 -21.45 33.10
CA THR D 202 17.70 -22.55 33.56
C THR D 202 18.50 -23.38 34.56
N LEU D 203 17.89 -24.43 35.08
CA LEU D 203 18.53 -25.23 36.09
C LEU D 203 19.08 -26.51 35.53
N ASP D 204 20.07 -27.06 36.20
CA ASP D 204 20.66 -28.31 35.80
C ASP D 204 19.61 -29.42 35.80
N GLY D 205 19.51 -30.14 34.69
CA GLY D 205 18.56 -31.22 34.57
C GLY D 205 17.16 -30.73 34.19
N SER D 206 17.08 -29.48 33.78
CA SER D 206 15.79 -28.87 33.45
C SER D 206 15.21 -29.53 32.23
N PHE D 207 13.89 -29.64 32.22
CA PHE D 207 13.16 -30.01 31.04
C PHE D 207 12.03 -29.02 30.83
N HIS D 208 12.08 -28.29 29.72
CA HIS D 208 11.08 -27.22 29.45
C HIS D 208 10.39 -27.38 28.10
N GLY D 209 10.68 -28.49 27.40
CA GLY D 209 10.11 -28.75 26.08
C GLY D 209 11.14 -29.18 25.07
N LYS D 210 10.66 -29.53 23.87
CA LYS D 210 11.51 -30.10 22.86
C LYS D 210 11.30 -29.43 21.50
N LEU D 211 10.70 -28.25 21.50
CA LEU D 211 10.61 -27.45 20.27
C LEU D 211 11.87 -26.61 20.07
N VAL D 212 11.96 -25.93 18.93
CA VAL D 212 13.22 -25.29 18.49
C VAL D 212 13.74 -24.31 19.56
N GLY D 213 12.85 -23.49 20.11
CA GLY D 213 13.19 -22.62 21.24
C GLY D 213 13.37 -23.39 22.53
N SER D 214 12.35 -24.16 22.90
CA SER D 214 12.28 -24.73 24.23
C SER D 214 13.29 -25.87 24.43
N ILE D 215 13.71 -26.53 23.35
CA ILE D 215 14.73 -27.61 23.45
C ILE D 215 16.08 -27.08 23.96
N GLN D 216 16.44 -25.85 23.57
CA GLN D 216 17.66 -25.20 24.09
C GLN D 216 17.61 -25.12 25.63
N LEU D 217 16.39 -25.09 26.20
CA LEU D 217 16.21 -24.93 27.66
C LEU D 217 16.14 -26.31 28.36
N THR D 218 16.31 -27.38 27.58
CA THR D 218 16.22 -28.72 28.12
C THR D 218 17.61 -29.35 28.20
N GLN D 219 17.98 -29.77 29.42
CA GLN D 219 19.37 -30.23 29.71
C GLN D 219 19.77 -31.40 28.82
N ASN D 220 18.90 -32.42 28.75
CA ASN D 220 19.28 -33.72 28.22
C ASN D 220 20.08 -33.57 26.92
N GLU D 221 21.27 -34.16 26.90
CA GLU D 221 22.30 -33.78 25.95
C GLU D 221 22.04 -34.31 24.53
N PRO D 222 21.69 -35.61 24.40
CA PRO D 222 21.37 -36.14 23.06
C PRO D 222 20.09 -35.51 22.46
N TRP D 223 19.21 -34.98 23.32
CA TRP D 223 17.99 -34.28 22.86
C TRP D 223 18.31 -32.87 22.37
N ARG D 224 19.33 -32.25 22.99
CA ARG D 224 19.60 -30.79 22.77
C ARG D 224 20.72 -30.56 21.74
N THR D 225 21.86 -31.21 21.95
CA THR D 225 23.14 -30.71 21.38
C THR D 225 23.14 -30.75 19.83
N PRO D 226 22.34 -31.68 19.21
CA PRO D 226 22.20 -31.69 17.77
C PRO D 226 21.63 -30.37 17.21
N PHE D 227 20.88 -29.62 18.04
CA PHE D 227 20.06 -28.49 17.57
C PHE D 227 20.60 -27.17 18.08
N THR D 228 21.81 -27.20 18.60
CA THR D 228 22.37 -26.07 19.35
C THR D 228 22.38 -24.77 18.53
N ALA D 229 22.67 -24.89 17.23
CA ALA D 229 22.91 -23.71 16.40
C ALA D 229 21.61 -22.94 16.12
N LEU D 230 20.45 -23.61 16.31
CA LEU D 230 19.15 -23.08 15.85
C LEU D 230 18.73 -21.84 16.65
N SER D 231 18.78 -21.93 17.98
CA SER D 231 18.10 -20.96 18.87
C SER D 231 19.02 -20.52 20.03
N SER D 232 18.64 -19.41 20.66
CA SER D 232 19.38 -18.88 21.79
C SER D 232 19.66 -19.93 22.83
N PRO D 233 20.88 -19.92 23.39
CA PRO D 233 21.27 -20.90 24.37
C PRO D 233 20.75 -20.58 25.76
N ALA D 234 20.79 -21.57 26.65
CA ALA D 234 20.59 -21.36 28.06
C ALA D 234 21.81 -21.81 28.82
N ARG D 235 22.12 -21.13 29.92
CA ARG D 235 23.09 -21.67 30.88
C ARG D 235 22.40 -22.44 31.95
N PHE D 236 22.88 -23.63 32.19
CA PHE D 236 22.29 -24.49 33.15
C PHE D 236 22.99 -24.37 34.46
N LEU D 237 22.34 -23.70 35.40
CA LEU D 237 22.94 -23.42 36.67
C LEU D 237 22.80 -24.62 37.60
N PRO D 238 23.81 -24.85 38.44
CA PRO D 238 23.85 -26.03 39.29
C PRO D 238 22.99 -25.88 40.54
N ALA D 239 22.03 -26.79 40.72
CA ALA D 239 20.98 -26.63 41.74
C ALA D 239 21.51 -26.88 43.14
N ASP D 240 22.46 -27.82 43.27
CA ASP D 240 22.97 -28.24 44.60
C ASP D 240 24.00 -27.24 45.14
N GLU D 241 24.56 -26.41 44.23
CA GLU D 241 25.64 -25.48 44.58
C GLU D 241 25.26 -24.04 44.19
N PRO D 242 24.28 -23.44 44.92
CA PRO D 242 23.84 -22.05 44.66
C PRO D 242 25.00 -21.05 44.67
N GLU D 243 26.03 -21.36 45.43
CA GLU D 243 27.15 -20.44 45.60
C GLU D 243 27.95 -20.26 44.29
N LEU D 244 27.88 -21.26 43.41
CA LEU D 244 28.55 -21.18 42.06
C LEU D 244 27.73 -20.32 41.05
N ILE D 245 26.47 -20.11 41.36
CA ILE D 245 25.54 -19.52 40.40
C ILE D 245 25.84 -18.02 40.19
N GLY D 246 26.15 -17.33 41.29
CA GLY D 246 26.48 -15.92 41.23
C GLY D 246 27.61 -15.62 40.29
N LYS D 247 28.68 -16.39 40.38
CA LYS D 247 29.86 -16.17 39.54
C LYS D 247 29.53 -16.44 38.06
N ILE D 248 28.76 -17.51 37.80
CA ILE D 248 28.44 -17.92 36.41
C ILE D 248 27.64 -16.83 35.68
N VAL D 249 26.74 -16.18 36.40
CA VAL D 249 25.92 -15.14 35.81
C VAL D 249 26.73 -13.85 35.62
N GLU D 250 27.69 -13.63 36.51
CA GLU D 250 28.66 -12.52 36.35
C GLU D 250 29.45 -12.65 35.06
N ASP D 251 29.98 -13.84 34.80
CA ASP D 251 30.74 -14.12 33.55
C ASP D 251 29.96 -13.74 32.33
N GLU D 252 28.65 -13.61 32.48
CA GLU D 252 27.78 -13.40 31.33
C GLU D 252 27.40 -11.92 31.14
N ARG D 253 27.83 -11.07 32.07
CA ARG D 253 27.70 -9.62 31.88
C ARG D 253 28.26 -9.23 30.54
N ARG D 254 27.56 -8.32 29.86
CA ARG D 254 28.09 -7.63 28.69
C ARG D 254 27.73 -6.15 28.77
N SER D 255 28.65 -5.28 28.35
CA SER D 255 28.44 -3.84 28.44
C SER D 255 28.24 -3.23 27.11
N VAL D 256 27.64 -2.05 27.11
CA VAL D 256 27.69 -1.17 25.96
C VAL D 256 28.49 0.06 26.29
N LEU D 257 28.85 0.81 25.27
CA LEU D 257 29.72 1.97 25.45
C LEU D 257 28.93 3.23 25.36
N THR D 258 29.33 4.22 26.14
CA THR D 258 28.73 5.53 26.08
C THR D 258 29.76 6.60 26.52
N LEU D 259 29.36 7.88 26.42
CA LEU D 259 30.20 8.99 26.86
C LEU D 259 29.62 9.66 28.12
N SER D 260 30.41 9.67 29.18
CA SER D 260 29.97 10.24 30.47
C SER D 260 30.66 11.54 30.75
N LEU D 261 29.88 12.59 31.03
CA LEU D 261 30.43 13.93 31.30
C LEU D 261 30.61 14.16 32.81
N ASP D 262 31.77 14.69 33.18
CA ASP D 262 32.01 15.14 34.56
C ASP D 262 32.24 16.66 34.58
N LYS D 263 31.22 17.42 34.17
CA LYS D 263 31.36 18.86 33.80
C LYS D 263 32.66 19.18 32.97
N ASP D 264 33.83 19.12 33.61
CA ASP D 264 35.06 19.55 32.98
C ASP D 264 35.64 18.47 32.01
N THR D 265 35.52 17.19 32.39
CA THR D 265 36.21 16.10 31.68
C THR D 265 35.19 15.05 31.10
N VAL D 266 35.53 14.46 29.95
CA VAL D 266 34.64 13.50 29.26
C VAL D 266 35.36 12.17 29.05
N ARG D 267 34.69 11.07 29.41
CA ARG D 267 35.28 9.73 29.32
C ARG D 267 34.32 8.75 28.67
N VAL D 268 34.87 7.86 27.84
CA VAL D 268 34.11 6.67 27.40
C VAL D 268 34.13 5.61 28.48
N VAL D 269 32.99 4.97 28.69
CA VAL D 269 32.82 4.07 29.80
C VAL D 269 31.92 2.91 29.42
N GLU D 270 32.08 1.79 30.11
CA GLU D 270 31.21 0.64 29.96
C GLU D 270 29.90 0.85 30.74
N ARG D 271 28.85 0.19 30.29
CA ARG D 271 27.53 0.37 30.84
C ARG D 271 26.73 -0.92 30.61
N ASP D 272 25.98 -1.36 31.62
CA ASP D 272 25.45 -2.75 31.63
C ASP D 272 24.48 -2.97 30.47
N PHE D 273 24.57 -4.12 29.83
CA PHE D 273 23.60 -4.52 28.81
C PHE D 273 22.76 -5.69 29.33
N PRO D 274 21.43 -5.64 29.11
CA PRO D 274 20.57 -6.78 29.48
C PRO D 274 20.66 -7.92 28.46
N VAL D 275 21.41 -8.98 28.82
CA VAL D 275 21.56 -10.15 27.94
C VAL D 275 20.59 -11.26 28.32
N VAL D 276 20.26 -11.35 29.60
CA VAL D 276 19.40 -12.41 30.10
C VAL D 276 17.91 -12.03 29.89
N ALA D 277 17.21 -12.80 29.04
CA ALA D 277 15.79 -12.52 28.74
C ALA D 277 14.86 -13.05 29.82
N ALA D 278 15.15 -14.26 30.32
CA ALA D 278 14.35 -14.83 31.42
C ALA D 278 15.08 -15.92 32.16
N ILE D 279 14.59 -16.21 33.38
CA ILE D 279 15.03 -17.38 34.17
C ILE D 279 13.89 -18.41 34.29
N PHE D 280 14.15 -19.65 33.87
CA PHE D 280 13.11 -20.75 33.96
C PHE D 280 13.39 -21.68 35.11
N VAL D 281 12.33 -22.13 35.79
CA VAL D 281 12.47 -23.10 36.91
C VAL D 281 11.25 -24.00 37.04
N GLU D 282 11.50 -25.28 37.35
CA GLU D 282 10.43 -26.22 37.71
C GLU D 282 10.41 -26.44 39.20
N PRO D 283 9.23 -26.24 39.84
CA PRO D 283 9.07 -26.54 41.27
C PRO D 283 9.52 -27.95 41.63
N VAL D 284 9.30 -28.89 40.72
CA VAL D 284 9.79 -30.25 40.87
C VAL D 284 10.33 -30.71 39.54
N ARG D 285 11.57 -31.21 39.55
CA ARG D 285 12.38 -31.23 38.36
C ARG D 285 12.46 -32.67 37.80
N GLY D 286 11.66 -32.94 36.77
CA GLY D 286 11.65 -34.26 36.10
C GLY D 286 13.05 -34.77 35.76
N GLY D 287 13.81 -33.97 35.02
CA GLY D 287 15.07 -34.45 34.41
C GLY D 287 16.21 -34.63 35.42
N SER D 288 16.06 -34.04 36.61
CA SER D 288 16.95 -34.35 37.77
C SER D 288 16.41 -35.50 38.60
N GLY D 289 15.18 -35.93 38.29
CA GLY D 289 14.59 -37.10 38.94
C GLY D 289 13.63 -36.75 40.06
N MET D 290 12.73 -35.79 39.80
CA MET D 290 11.71 -35.38 40.80
C MET D 290 12.32 -34.75 42.02
N LYS D 291 13.38 -34.00 41.82
CA LYS D 291 13.97 -33.23 42.90
C LYS D 291 13.28 -31.88 43.03
N THR D 292 12.84 -31.56 44.24
CA THR D 292 12.16 -30.30 44.53
C THR D 292 13.19 -29.18 44.71
N VAL D 293 12.80 -27.97 44.35
CA VAL D 293 13.59 -26.80 44.61
C VAL D 293 13.70 -26.54 46.11
N THR D 294 14.93 -26.41 46.59
CA THR D 294 15.17 -26.13 48.00
C THR D 294 14.94 -24.66 48.28
N PRO D 295 14.63 -24.32 49.55
CA PRO D 295 14.54 -22.90 49.93
C PRO D 295 15.80 -22.12 49.56
N GLU D 296 16.96 -22.75 49.72
CA GLU D 296 18.23 -22.11 49.37
C GLU D 296 18.24 -21.68 47.93
N LEU D 297 17.82 -22.57 47.04
CA LEU D 297 17.89 -22.31 45.61
C LEU D 297 16.82 -21.27 45.18
N ALA D 298 15.62 -21.40 45.71
CA ALA D 298 14.55 -20.40 45.46
C ALA D 298 15.04 -19.01 45.74
N GLU D 299 15.85 -18.87 46.79
CA GLU D 299 16.32 -17.58 47.22
C GLU D 299 17.35 -17.03 46.28
N GLU D 300 18.22 -17.89 45.82
CA GLU D 300 19.16 -17.51 44.80
C GLU D 300 18.43 -17.04 43.50
N LEU D 301 17.38 -17.76 43.11
CA LEU D 301 16.61 -17.41 41.90
C LEU D 301 15.93 -16.06 42.05
N HIS D 302 15.44 -15.78 43.24
CA HIS D 302 14.82 -14.48 43.53
C HIS D 302 15.86 -13.32 43.47
N ARG D 303 17.03 -13.58 44.03
CA ARG D 303 18.15 -12.65 43.89
C ARG D 303 18.39 -12.35 42.42
N LEU D 304 18.65 -13.39 41.64
CA LEU D 304 18.98 -13.20 40.24
C LEU D 304 17.93 -12.35 39.54
N ARG D 305 16.65 -12.64 39.81
CA ARG D 305 15.56 -12.01 39.12
C ARG D 305 15.47 -10.54 39.48
N ASP D 306 15.57 -10.24 40.77
CA ASP D 306 15.70 -8.83 41.24
C ASP D 306 16.94 -8.16 40.61
N THR D 307 18.05 -8.86 40.61
CA THR D 307 19.31 -8.31 40.16
C THR D 307 19.31 -7.98 38.64
N LEU D 308 18.79 -8.91 37.83
CA LEU D 308 18.96 -8.81 36.33
C LEU D 308 17.83 -8.00 35.67
N GLY D 309 16.70 -7.89 36.36
CA GLY D 309 15.54 -7.16 35.85
C GLY D 309 14.65 -7.98 34.92
N CYS D 310 15.02 -9.26 34.72
CA CYS D 310 14.23 -10.16 33.87
C CYS D 310 13.19 -10.93 34.71
N PRO D 311 12.13 -11.43 34.06
CA PRO D 311 11.13 -12.29 34.71
C PRO D 311 11.67 -13.64 35.15
N LEU D 312 11.20 -14.10 36.30
CA LEU D 312 11.33 -15.50 36.67
C LEU D 312 10.13 -16.31 36.19
N VAL D 313 10.37 -17.23 35.24
CA VAL D 313 9.31 -18.07 34.68
C VAL D 313 9.23 -19.44 35.37
N VAL D 314 8.07 -19.71 35.96
CA VAL D 314 7.84 -20.94 36.70
C VAL D 314 7.10 -21.92 35.86
N ASP D 315 7.80 -22.94 35.41
CA ASP D 315 7.21 -23.99 34.57
C ASP D 315 6.43 -25.02 35.45
N GLU D 316 5.10 -24.96 35.41
CA GLU D 316 4.24 -25.91 36.22
C GLU D 316 3.47 -26.85 35.30
N VAL D 317 3.99 -27.02 34.09
CA VAL D 317 3.36 -27.89 33.12
C VAL D 317 3.12 -29.30 33.69
N GLN D 318 4.03 -29.76 34.54
CA GLN D 318 3.94 -31.12 35.12
C GLN D 318 3.45 -31.07 36.60
N THR D 319 3.93 -30.08 37.36
CA THR D 319 3.72 -30.03 38.84
C THR D 319 2.33 -29.50 39.22
N GLY D 320 1.62 -28.97 38.24
CA GLY D 320 0.41 -28.21 38.52
C GLY D 320 -0.86 -29.06 38.49
N ILE D 321 -2.00 -28.40 38.66
CA ILE D 321 -3.29 -29.05 38.79
C ILE D 321 -3.28 -30.12 39.89
N GLY D 322 -2.57 -29.83 40.97
CA GLY D 322 -2.84 -30.48 42.25
C GLY D 322 -1.84 -31.57 42.59
N ARG D 323 -1.07 -31.99 41.61
CA ARG D 323 -0.29 -33.20 41.74
C ARG D 323 0.67 -33.16 42.96
N THR D 324 1.20 -31.97 43.28
CA THR D 324 2.12 -31.82 44.42
C THR D 324 1.36 -31.74 45.73
N GLY D 325 0.09 -31.40 45.66
CA GLY D 325 -0.79 -31.39 46.85
C GLY D 325 -1.22 -29.98 47.21
N ALA D 326 -0.70 -29.01 46.44
CA ALA D 326 -1.45 -27.80 46.14
C ALA D 326 -1.67 -27.71 44.64
N PHE D 327 -2.48 -26.78 44.22
CA PHE D 327 -2.67 -26.53 42.80
C PHE D 327 -1.36 -26.14 42.20
N PHE D 328 -0.76 -25.09 42.73
CA PHE D 328 0.54 -24.61 42.26
C PHE D 328 1.68 -25.17 43.16
N GLY D 329 2.56 -25.96 42.58
CA GLY D 329 3.79 -26.44 43.28
C GLY D 329 4.67 -25.28 43.78
N SER D 330 4.77 -24.23 42.96
CA SER D 330 5.52 -23.02 43.33
C SER D 330 5.05 -22.42 44.68
N ALA D 331 3.73 -22.47 44.91
CA ALA D 331 3.14 -21.90 46.11
C ALA D 331 3.48 -22.78 47.32
N LEU D 332 3.32 -24.07 47.14
CA LEU D 332 3.86 -25.05 48.08
C LEU D 332 5.28 -24.67 48.52
N LEU D 333 6.14 -24.43 47.53
CA LEU D 333 7.59 -24.42 47.76
C LEU D 333 8.15 -23.02 47.96
N GLY D 334 7.33 -22.01 47.70
CA GLY D 334 7.70 -20.63 47.98
C GLY D 334 8.46 -19.97 46.83
N ILE D 335 8.22 -20.41 45.61
CA ILE D 335 8.82 -19.74 44.42
C ILE D 335 7.89 -18.64 43.90
N ARG D 336 8.30 -17.40 44.11
CA ARG D 336 7.55 -16.23 43.64
C ARG D 336 7.98 -15.85 42.21
N GLY D 337 7.36 -16.46 41.24
CA GLY D 337 7.65 -16.19 39.83
C GLY D 337 6.89 -14.99 39.33
N ASP D 338 7.22 -14.55 38.10
CA ASP D 338 6.52 -13.43 37.47
C ASP D 338 5.57 -13.95 36.32
N TYR D 339 6.04 -14.98 35.56
CA TYR D 339 5.15 -15.79 34.63
C TYR D 339 4.98 -17.16 35.14
N TYR D 340 3.81 -17.77 34.90
CA TYR D 340 3.58 -19.22 35.16
C TYR D 340 3.02 -19.87 33.94
N THR D 341 3.30 -21.14 33.76
CA THR D 341 2.71 -21.90 32.67
C THR D 341 2.13 -23.17 33.17
N LEU D 342 1.11 -23.66 32.45
CA LEU D 342 0.34 -24.86 32.86
C LEU D 342 -0.05 -25.71 31.62
N ALA D 343 -0.15 -27.03 31.77
CA ALA D 343 -0.62 -27.91 30.68
C ALA D 343 -1.04 -29.34 31.20
N LYS D 344 -0.65 -30.37 30.45
CA LYS D 344 -0.81 -31.79 30.88
C LYS D 344 -2.25 -32.07 31.44
N ALA D 345 -2.43 -31.93 32.75
CA ALA D 345 -3.63 -32.42 33.41
C ALA D 345 -4.84 -31.52 33.13
N ILE D 346 -4.61 -30.35 32.55
CA ILE D 346 -5.70 -29.39 32.29
C ILE D 346 -6.50 -29.80 31.11
N GLY D 347 -5.95 -30.69 30.32
CA GLY D 347 -6.67 -31.26 29.21
C GLY D 347 -7.55 -32.42 29.62
N GLY D 348 -7.52 -32.77 30.90
CA GLY D 348 -8.50 -33.71 31.47
C GLY D 348 -8.23 -35.17 31.10
N GLY D 349 -7.09 -35.40 30.44
CA GLY D 349 -6.72 -36.73 30.01
C GLY D 349 -7.21 -37.06 28.60
N ILE D 350 -7.90 -36.12 27.97
CA ILE D 350 -8.51 -36.39 26.68
C ILE D 350 -8.19 -35.35 25.60
N VAL D 351 -8.02 -34.10 25.99
CA VAL D 351 -7.70 -33.04 25.01
C VAL D 351 -6.41 -32.30 25.34
N LYS D 352 -6.02 -31.38 24.46
CA LYS D 352 -4.70 -30.70 24.56
C LYS D 352 -4.89 -29.22 24.77
N ASN D 353 -4.40 -28.74 25.89
CA ASN D 353 -4.54 -27.35 26.25
C ASN D 353 -3.37 -26.90 27.14
N SER D 354 -3.09 -25.59 27.13
CA SER D 354 -2.03 -25.04 27.96
C SER D 354 -2.21 -23.57 28.06
N VAL D 355 -1.54 -22.97 29.04
CA VAL D 355 -1.74 -21.56 29.31
C VAL D 355 -0.48 -20.93 29.92
N ALA D 356 -0.18 -19.71 29.48
CA ALA D 356 0.79 -18.88 30.14
C ALA D 356 0.07 -17.81 30.94
N LEU D 357 0.48 -17.66 32.20
CA LEU D 357 -0.04 -16.61 33.07
C LEU D 357 1.06 -15.59 33.30
N ILE D 358 0.79 -14.33 32.97
CA ILE D 358 1.81 -13.30 33.01
C ILE D 358 1.30 -12.12 33.79
N ARG D 359 2.12 -11.61 34.70
CA ARG D 359 1.63 -10.64 35.66
C ARG D 359 1.33 -9.35 34.96
N GLN D 360 0.29 -8.69 35.39
CA GLN D 360 -0.35 -7.68 34.55
C GLN D 360 0.40 -6.37 34.60
N ASP D 361 1.21 -6.17 35.63
CA ASP D 361 2.09 -4.98 35.66
C ASP D 361 3.37 -5.16 34.77
N ARG D 362 3.62 -6.37 34.31
CA ARG D 362 4.71 -6.62 33.34
C ARG D 362 4.18 -6.81 31.91
N PHE D 363 2.87 -7.04 31.79
CA PHE D 363 2.32 -7.52 30.58
C PHE D 363 2.29 -6.44 29.56
N LEU D 364 2.59 -6.81 28.32
CA LEU D 364 2.66 -5.87 27.26
C LEU D 364 1.60 -6.17 26.25
N PRO D 365 0.71 -5.23 26.03
CA PRO D 365 -0.59 -5.51 25.40
C PRO D 365 -0.45 -5.96 23.93
N ALA D 366 0.65 -5.55 23.27
CA ALA D 366 0.99 -6.04 21.93
C ALA D 366 0.85 -7.58 21.84
N MET D 367 1.34 -8.27 22.86
CA MET D 367 1.40 -9.73 22.85
C MET D 367 0.02 -10.34 22.51
N GLU D 368 -1.05 -9.67 22.92
CA GLU D 368 -2.42 -10.23 22.85
C GLU D 368 -2.97 -10.23 21.42
N VAL D 369 -2.38 -9.38 20.56
CA VAL D 369 -2.82 -9.29 19.15
C VAL D 369 -1.70 -9.65 18.14
N ILE D 370 -0.44 -9.85 18.60
CA ILE D 370 0.65 -10.25 17.67
C ILE D 370 1.06 -11.69 17.85
N HIS D 371 0.59 -12.33 18.91
CA HIS D 371 0.66 -13.78 19.00
C HIS D 371 -0.72 -14.40 18.87
N SER D 372 -0.78 -15.52 18.18
CA SER D 372 -2.00 -16.22 17.99
C SER D 372 -1.69 -17.65 17.53
N SER D 373 -2.70 -18.49 17.45
CA SER D 373 -2.53 -19.87 17.01
C SER D 373 -3.88 -20.46 16.66
N THR D 374 -3.92 -21.24 15.58
CA THR D 374 -5.19 -21.69 15.02
C THR D 374 -6.01 -22.51 16.04
N PHE D 375 -5.35 -23.46 16.71
CA PHE D 375 -6.02 -24.38 17.60
C PHE D 375 -6.22 -23.77 19.02
N ALA D 376 -5.51 -22.71 19.33
CA ALA D 376 -5.43 -22.22 20.69
C ALA D 376 -6.71 -21.56 21.06
N LYS D 377 -7.16 -21.83 22.28
CA LYS D 377 -8.31 -21.15 22.84
C LYS D 377 -9.64 -21.71 22.28
N ASP D 378 -9.55 -22.85 21.61
CA ASP D 378 -10.71 -23.51 21.08
C ASP D 378 -11.75 -23.76 22.16
N GLY D 379 -13.00 -23.86 21.75
CA GLY D 379 -14.12 -23.99 22.68
C GLY D 379 -14.17 -25.31 23.45
N LEU D 380 -13.73 -26.38 22.81
CA LEU D 380 -13.87 -27.70 23.38
C LEU D 380 -12.90 -27.91 24.53
N SER D 381 -11.63 -27.58 24.29
CA SER D 381 -10.63 -27.67 25.32
C SER D 381 -10.92 -26.66 26.43
N ALA D 382 -11.37 -25.49 26.06
CA ALA D 382 -11.82 -24.51 27.02
C ALA D 382 -12.83 -25.13 28.00
N SER D 383 -13.93 -25.66 27.47
CA SER D 383 -15.02 -26.18 28.31
C SER D 383 -14.52 -27.29 29.22
N ILE D 384 -13.72 -28.16 28.69
CA ILE D 384 -13.12 -29.22 29.48
C ILE D 384 -12.18 -28.65 30.58
N ALA D 385 -11.46 -27.56 30.27
CA ALA D 385 -10.62 -26.86 31.28
C ALA D 385 -11.45 -26.37 32.46
N LEU D 386 -12.57 -25.71 32.17
CA LEU D 386 -13.48 -25.28 33.23
C LEU D 386 -13.98 -26.48 34.07
N LYS D 387 -14.20 -27.62 33.41
CA LYS D 387 -14.60 -28.85 34.13
C LYS D 387 -13.52 -29.32 35.09
N VAL D 388 -12.32 -29.56 34.55
CA VAL D 388 -11.17 -29.99 35.38
C VAL D 388 -10.96 -29.04 36.60
N LEU D 389 -11.11 -27.71 36.39
CA LEU D 389 -10.93 -26.74 37.47
C LEU D 389 -12.04 -26.86 38.48
N GLU D 390 -13.26 -27.02 37.99
CA GLU D 390 -14.39 -27.39 38.84
C GLU D 390 -14.03 -28.55 39.76
N MET D 391 -13.47 -29.62 39.18
CA MET D 391 -13.33 -30.89 39.88
C MET D 391 -12.24 -30.83 40.95
N VAL D 392 -11.10 -30.19 40.63
CA VAL D 392 -9.99 -30.12 41.59
C VAL D 392 -10.30 -29.13 42.76
N GLU D 393 -11.20 -28.19 42.53
CA GLU D 393 -11.59 -27.21 43.56
C GLU D 393 -12.78 -27.66 44.41
N ALA D 394 -13.45 -28.74 44.02
CA ALA D 394 -14.73 -29.11 44.62
C ALA D 394 -14.59 -29.39 46.14
N ASP D 395 -15.70 -29.17 46.88
CA ASP D 395 -15.83 -29.59 48.28
C ASP D 395 -14.71 -29.01 49.13
N GLY D 396 -14.58 -27.68 49.05
CA GLY D 396 -13.74 -26.93 50.00
C GLY D 396 -12.25 -27.24 49.86
N GLY D 397 -11.87 -27.88 48.76
CA GLY D 397 -10.45 -28.24 48.52
C GLY D 397 -10.07 -29.63 49.05
N ARG D 398 -11.03 -30.55 49.05
CA ARG D 398 -10.82 -31.88 49.62
C ARG D 398 -9.95 -32.74 48.69
N VAL D 399 -9.86 -32.35 47.42
CA VAL D 399 -9.11 -33.10 46.43
C VAL D 399 -7.60 -33.01 46.69
N TYR D 400 -7.13 -31.82 47.05
CA TYR D 400 -5.71 -31.64 47.42
C TYR D 400 -5.39 -32.45 48.65
N GLN D 401 -6.34 -32.52 49.58
CA GLN D 401 -6.14 -33.26 50.81
C GLN D 401 -5.98 -34.74 50.52
N ARG D 402 -6.74 -35.22 49.55
CA ARG D 402 -6.64 -36.58 49.11
C ARG D 402 -5.33 -36.83 48.32
N VAL D 403 -4.91 -35.86 47.51
CA VAL D 403 -3.60 -35.94 46.82
C VAL D 403 -2.47 -36.07 47.84
N ARG D 404 -2.55 -35.28 48.91
CA ARG D 404 -1.49 -35.24 49.91
C ARG D 404 -1.39 -36.58 50.62
N GLU D 405 -2.53 -37.13 51.04
CA GLU D 405 -2.56 -38.35 51.88
C GLU D 405 -2.30 -39.62 51.07
N ARG D 406 -2.78 -39.65 49.83
CA ARG D 406 -2.38 -40.71 48.87
C ARG D 406 -0.86 -40.65 48.58
N GLY D 407 -0.34 -39.44 48.41
CA GLY D 407 1.09 -39.23 48.21
C GLY D 407 1.91 -39.69 49.41
N GLN D 408 1.40 -39.39 50.62
CA GLN D 408 2.10 -39.78 51.88
C GLN D 408 2.20 -41.29 51.97
N ARG D 409 1.09 -41.97 51.71
CA ARG D 409 1.08 -43.43 51.68
C ARG D 409 2.16 -43.97 50.73
N LEU D 410 2.17 -43.46 49.51
CA LEU D 410 3.02 -44.00 48.45
C LEU D 410 4.50 -43.70 48.72
N GLU D 411 4.77 -42.54 49.32
CA GLU D 411 6.14 -42.16 49.66
C GLU D 411 6.69 -43.07 50.78
N ALA D 412 5.80 -43.53 51.65
CA ALA D 412 6.21 -44.31 52.80
C ALA D 412 6.64 -45.68 52.38
N MET D 413 5.85 -46.33 51.53
CA MET D 413 6.19 -47.67 51.08
C MET D 413 7.40 -47.63 50.16
N LEU D 414 7.55 -46.54 49.43
CA LEU D 414 8.76 -46.32 48.65
C LEU D 414 9.98 -46.16 49.60
N GLU D 415 9.82 -45.36 50.66
CA GLU D 415 10.88 -45.20 51.69
C GLU D 415 11.24 -46.51 52.34
N SER D 416 10.23 -47.33 52.55
CA SER D 416 10.39 -48.61 53.24
C SER D 416 11.08 -49.64 52.34
N VAL D 417 10.88 -49.53 51.03
CA VAL D 417 11.59 -50.39 50.07
C VAL D 417 13.06 -50.02 50.00
N ARG D 418 13.33 -48.73 49.83
CA ARG D 418 14.68 -48.20 49.92
C ARG D 418 15.43 -48.78 51.11
N ALA D 419 14.82 -48.69 52.29
CA ALA D 419 15.49 -49.08 53.55
C ALA D 419 15.99 -50.52 53.49
N ASP D 420 15.22 -51.40 52.85
CA ASP D 420 15.57 -52.81 52.75
C ASP D 420 16.40 -53.12 51.49
N HIS D 421 16.49 -52.14 50.59
CA HIS D 421 17.18 -52.33 49.33
C HIS D 421 18.08 -51.15 49.02
N SER D 422 18.70 -50.58 50.06
CA SER D 422 19.56 -49.37 49.90
C SER D 422 20.85 -49.69 49.11
N ASP D 423 21.17 -50.98 48.99
CA ASP D 423 22.29 -51.42 48.15
C ASP D 423 22.02 -51.18 46.64
N VAL D 424 20.77 -50.92 46.29
CA VAL D 424 20.39 -50.67 44.88
C VAL D 424 19.59 -49.34 44.71
N VAL D 425 18.89 -48.92 45.76
CA VAL D 425 18.17 -47.64 45.75
C VAL D 425 18.93 -46.58 46.60
N SER D 426 19.16 -45.42 46.00
CA SER D 426 19.93 -44.36 46.63
C SER D 426 19.02 -43.45 47.48
N ALA D 427 17.83 -43.15 46.97
CA ALA D 427 17.04 -42.03 47.48
C ALA D 427 15.59 -42.15 47.02
N VAL D 428 14.68 -41.58 47.81
CA VAL D 428 13.36 -41.21 47.32
C VAL D 428 13.23 -39.70 47.18
N TRP D 429 12.77 -39.26 46.02
CA TRP D 429 12.64 -37.84 45.71
C TRP D 429 11.17 -37.49 45.40
N GLY D 430 10.83 -36.21 45.52
CA GLY D 430 9.57 -35.70 45.01
C GLY D 430 8.65 -35.30 46.12
N THR D 431 7.40 -35.00 45.78
CA THR D 431 6.43 -34.59 46.76
C THR D 431 5.01 -34.75 46.19
N GLY D 432 4.04 -34.98 47.07
CA GLY D 432 2.67 -35.28 46.66
C GLY D 432 2.58 -36.60 45.92
N LEU D 433 1.82 -36.62 44.81
CA LEU D 433 1.77 -37.81 43.93
C LEU D 433 2.73 -37.69 42.77
N MET D 434 3.90 -37.14 43.04
CA MET D 434 4.90 -36.94 42.03
C MET D 434 6.27 -37.36 42.57
N LEU D 435 6.55 -38.66 42.49
CA LEU D 435 7.63 -39.26 43.27
C LEU D 435 8.54 -40.05 42.36
N ALA D 436 9.74 -40.39 42.87
CA ALA D 436 10.68 -41.26 42.13
C ALA D 436 11.66 -41.95 43.06
N LEU D 437 12.11 -43.17 42.68
CA LEU D 437 13.32 -43.82 43.29
C LEU D 437 14.55 -43.52 42.45
N GLU D 438 15.66 -43.22 43.12
CA GLU D 438 16.97 -43.12 42.43
C GLU D 438 17.72 -44.47 42.51
N LEU D 439 18.08 -45.00 41.36
CA LEU D 439 18.84 -46.26 41.29
C LEU D 439 20.34 -46.00 41.43
N ARG D 440 21.05 -46.90 42.12
CA ARG D 440 22.52 -46.82 42.18
C ARG D 440 23.14 -47.27 40.85
N ASP D 441 24.25 -46.62 40.49
CA ASP D 441 24.95 -46.91 39.22
C ASP D 441 25.25 -48.41 39.10
N GLN D 442 24.92 -48.98 37.95
CA GLN D 442 25.12 -50.41 37.71
C GLN D 442 26.08 -50.63 36.54
N SER D 443 26.83 -49.61 36.18
CA SER D 443 27.80 -49.72 35.09
C SER D 443 28.96 -50.69 35.44
N ASN D 444 29.14 -50.96 36.72
CA ASN D 444 30.16 -51.92 37.17
C ASN D 444 29.55 -53.22 37.61
N ALA D 445 28.38 -53.53 37.07
CA ALA D 445 27.60 -54.63 37.59
C ALA D 445 28.23 -55.95 37.21
N THR D 446 27.95 -56.99 38.00
CA THR D 446 28.49 -58.30 37.76
C THR D 446 27.96 -58.86 36.46
N SER D 447 26.65 -59.03 36.40
CA SER D 447 26.01 -59.50 35.18
C SER D 447 26.46 -58.66 33.99
N GLN D 448 26.91 -59.34 32.96
CA GLN D 448 27.35 -58.70 31.74
C GLN D 448 26.16 -57.98 31.04
N ALA D 449 25.02 -58.62 31.02
CA ALA D 449 23.87 -58.09 30.30
C ALA D 449 23.29 -56.85 31.00
N ILE D 450 23.29 -56.86 32.32
CA ILE D 450 22.83 -55.68 33.11
C ILE D 450 23.77 -54.51 32.88
N ARG D 451 25.06 -54.80 32.98
CA ARG D 451 26.09 -53.78 32.92
C ARG D 451 26.11 -53.11 31.57
N GLU D 452 25.95 -53.90 30.52
CA GLU D 452 25.91 -53.36 29.17
C GLU D 452 24.71 -52.39 29.00
N LYS D 453 23.55 -52.77 29.52
CA LYS D 453 22.37 -51.89 29.48
C LYS D 453 22.62 -50.59 30.25
N ALA D 454 23.16 -50.72 31.45
CA ALA D 454 23.49 -49.56 32.27
C ALA D 454 24.46 -48.63 31.53
N ALA D 455 25.45 -49.21 30.86
CA ALA D 455 26.43 -48.43 30.09
C ALA D 455 25.74 -47.64 28.99
N HIS D 456 24.77 -48.27 28.34
CA HIS D 456 24.05 -47.64 27.25
C HIS D 456 23.00 -46.60 27.76
N GLY D 457 22.84 -46.53 29.08
CA GLY D 457 21.84 -45.62 29.70
C GLY D 457 20.40 -46.22 29.76
N PHE D 458 20.27 -47.53 29.55
CA PHE D 458 18.95 -48.17 29.37
C PHE D 458 18.51 -48.98 30.60
N LEU D 459 19.18 -48.78 31.73
CA LEU D 459 18.94 -49.60 32.91
C LEU D 459 17.47 -49.51 33.36
N GLY D 460 16.99 -48.28 33.52
CA GLY D 460 15.64 -48.04 34.07
C GLY D 460 14.56 -48.63 33.20
N TYR D 461 14.74 -48.52 31.90
CA TYR D 461 13.78 -49.05 30.96
C TYR D 461 13.72 -50.56 31.08
N VAL D 462 14.88 -51.18 31.27
CA VAL D 462 14.97 -52.63 31.42
C VAL D 462 14.22 -53.08 32.69
N LEU D 463 14.43 -52.38 33.78
CA LEU D 463 13.77 -52.68 35.02
C LEU D 463 12.26 -52.51 34.86
N ALA D 464 11.85 -51.52 34.07
CA ALA D 464 10.42 -51.26 33.84
C ALA D 464 9.77 -52.38 33.04
N GLY D 465 10.58 -53.04 32.20
CA GLY D 465 10.13 -54.23 31.46
C GLY D 465 9.92 -55.44 32.36
N PHE D 466 10.75 -55.57 33.38
CA PHE D 466 10.58 -56.60 34.37
C PHE D 466 9.28 -56.40 35.10
N LEU D 467 9.09 -55.18 35.63
CA LEU D 467 7.90 -54.82 36.34
C LEU D 467 6.64 -55.13 35.51
N LEU D 468 6.73 -54.88 34.21
CA LEU D 468 5.59 -55.06 33.34
C LEU D 468 5.24 -56.51 33.20
N ARG D 469 6.21 -57.31 32.75
CA ARG D 469 5.93 -58.67 32.28
C ARG D 469 5.72 -59.66 33.42
N GLU D 470 6.20 -59.31 34.63
CA GLU D 470 6.20 -60.25 35.74
C GLU D 470 5.26 -59.82 36.85
N HIS D 471 4.90 -58.54 36.89
CA HIS D 471 4.00 -58.03 37.91
C HIS D 471 2.86 -57.15 37.32
N HIS D 472 2.81 -57.05 35.98
CA HIS D 472 1.79 -56.29 35.32
C HIS D 472 1.66 -54.90 35.94
N ILE D 473 2.78 -54.23 36.06
CA ILE D 473 2.78 -52.87 36.49
C ILE D 473 3.55 -52.02 35.49
N ARG D 474 2.97 -50.85 35.16
CA ARG D 474 3.59 -49.92 34.16
C ARG D 474 4.23 -48.77 34.89
N VAL D 475 5.55 -48.79 34.91
CA VAL D 475 6.32 -47.67 35.34
C VAL D 475 7.22 -47.22 34.17
N LEU D 476 7.55 -45.93 34.15
CA LEU D 476 8.57 -45.43 33.20
C LEU D 476 9.67 -44.70 33.92
N PRO D 477 10.90 -44.81 33.41
CA PRO D 477 12.03 -44.13 34.04
C PRO D 477 12.02 -42.64 33.84
N ALA D 478 12.77 -41.93 34.67
CA ALA D 478 13.12 -40.54 34.42
C ALA D 478 14.64 -40.35 34.49
N GLY D 479 15.10 -39.20 34.06
CA GLY D 479 16.49 -38.81 34.24
C GLY D 479 17.32 -39.15 33.03
N PRO D 480 18.51 -38.54 32.93
CA PRO D 480 19.31 -38.51 31.69
C PRO D 480 19.95 -39.87 31.33
N ARG D 481 20.20 -40.71 32.33
CA ARG D 481 20.66 -42.08 32.10
C ARG D 481 19.61 -43.08 32.51
N SER D 482 18.34 -42.68 32.43
CA SER D 482 17.23 -43.52 32.85
C SER D 482 17.53 -44.15 34.21
N GLY D 483 18.08 -43.33 35.12
CA GLY D 483 18.52 -43.81 36.41
C GLY D 483 17.52 -43.58 37.53
N PHE D 484 16.32 -43.11 37.19
CA PHE D 484 15.22 -43.01 38.16
C PHE D 484 13.98 -43.78 37.67
N LEU D 485 13.16 -44.22 38.61
CA LEU D 485 11.83 -44.75 38.28
C LEU D 485 10.78 -43.82 38.78
N ARG D 486 9.83 -43.47 37.90
CA ARG D 486 8.83 -42.47 38.20
C ARG D 486 7.57 -43.13 38.78
N PHE D 487 6.97 -42.47 39.74
CA PHE D 487 5.60 -42.83 40.18
C PHE D 487 4.78 -41.61 40.27
N SER D 488 3.83 -41.47 39.36
CA SER D 488 2.90 -40.37 39.39
C SER D 488 1.52 -40.84 38.98
N PRO D 489 0.91 -41.70 39.81
CA PRO D 489 -0.43 -42.24 39.54
C PRO D 489 -1.53 -41.22 39.80
N SER D 490 -2.78 -41.63 39.59
CA SER D 490 -3.90 -40.76 39.87
C SER D 490 -4.20 -40.77 41.35
N LEU D 491 -5.03 -39.85 41.77
CA LEU D 491 -5.39 -39.74 43.18
C LEU D 491 -6.36 -40.84 43.63
N TYR D 492 -6.77 -41.70 42.68
CA TYR D 492 -7.69 -42.81 42.99
C TYR D 492 -6.91 -44.09 43.23
N ILE D 493 -5.61 -44.00 43.31
CA ILE D 493 -4.77 -45.18 43.55
C ILE D 493 -5.15 -45.81 44.90
N THR D 494 -5.46 -47.10 44.89
CA THR D 494 -5.96 -47.78 46.11
C THR D 494 -4.82 -48.35 46.91
N ASP D 495 -5.06 -48.61 48.20
CA ASP D 495 -4.04 -49.21 49.09
C ASP D 495 -3.58 -50.57 48.54
N GLU D 496 -4.52 -51.33 48.01
CA GLU D 496 -4.23 -52.64 47.45
C GLU D 496 -3.31 -52.53 46.24
N GLU D 497 -3.51 -51.49 45.46
CA GLU D 497 -2.65 -51.21 44.32
C GLU D 497 -1.26 -50.77 44.78
N ILE D 498 -1.20 -50.02 45.87
CA ILE D 498 0.06 -49.60 46.43
C ILE D 498 0.82 -50.77 47.04
N ASP D 499 0.08 -51.72 47.63
CA ASP D 499 0.68 -53.00 48.14
C ASP D 499 1.23 -53.85 47.00
N ARG D 500 0.45 -53.99 45.94
CA ARG D 500 0.89 -54.75 44.75
C ARG D 500 2.16 -54.14 44.13
N THR D 501 2.33 -52.83 44.28
CA THR D 501 3.53 -52.16 43.79
C THR D 501 4.72 -52.41 44.73
N GLU D 502 4.48 -52.34 46.04
CA GLU D 502 5.52 -52.71 47.02
C GLU D 502 6.06 -54.14 46.78
N THR D 503 5.15 -55.10 46.61
CA THR D 503 5.56 -56.50 46.25
C THR D 503 6.41 -56.51 44.97
N ALA D 504 5.94 -55.79 43.95
CA ALA D 504 6.61 -55.77 42.66
C ALA D 504 8.04 -55.23 42.78
N LEU D 505 8.21 -54.19 43.57
CA LEU D 505 9.52 -53.52 43.68
C LEU D 505 10.52 -54.38 44.47
N ARG D 506 10.08 -54.88 45.62
CA ARG D 506 10.91 -55.81 46.44
C ARG D 506 11.40 -56.99 45.58
N SER D 507 10.51 -57.54 44.78
CA SER D 507 10.88 -58.57 43.83
C SER D 507 11.95 -58.08 42.87
N LEU D 508 11.76 -56.89 42.32
CA LEU D 508 12.68 -56.34 41.32
C LEU D 508 14.05 -56.14 41.92
N PHE D 509 14.09 -55.53 43.09
CA PHE D 509 15.33 -55.08 43.68
C PHE D 509 16.03 -56.22 44.38
N THR D 510 15.34 -57.35 44.53
CA THR D 510 15.99 -58.62 44.95
C THR D 510 16.68 -59.32 43.76
N ALA D 511 15.98 -59.36 42.62
CA ALA D 511 16.61 -59.84 41.38
C ALA D 511 17.85 -58.99 41.00
N LEU D 512 17.76 -57.66 41.17
CA LEU D 512 18.88 -56.77 40.84
C LEU D 512 20.07 -57.03 41.81
N ARG D 513 19.77 -57.13 43.10
CA ARG D 513 20.77 -57.54 44.13
C ARG D 513 21.49 -58.82 43.70
N ASP D 514 20.71 -59.84 43.38
CA ASP D 514 21.26 -61.15 42.96
C ASP D 514 21.98 -61.06 41.61
N GLN D 515 21.80 -59.93 40.92
CA GLN D 515 22.42 -59.71 39.59
C GLN D 515 21.92 -60.75 38.59
N ASP D 516 20.60 -60.92 38.53
CA ASP D 516 20.00 -62.01 37.74
C ASP D 516 19.63 -61.50 36.33
N GLY D 517 20.65 -61.22 35.53
CA GLY D 517 20.46 -60.60 34.21
C GLY D 517 19.72 -61.47 33.20
N ASP D 518 19.62 -62.77 33.49
CA ASP D 518 18.73 -63.67 32.73
C ASP D 518 17.27 -63.25 32.88
N ARG D 519 16.92 -62.81 34.07
CA ARG D 519 15.55 -62.54 34.41
C ARG D 519 15.20 -61.09 34.06
N LEU D 520 16.21 -60.23 34.07
CA LEU D 520 16.00 -58.81 33.97
C LEU D 520 16.15 -58.35 32.54
N VAL D 521 17.17 -58.84 31.86
CA VAL D 521 17.44 -58.46 30.51
C VAL D 521 16.97 -59.49 29.55
N LEU D 522 16.31 -59.04 28.48
CA LEU D 522 16.17 -59.82 27.25
C LEU D 522 17.30 -59.44 26.26
N1 PLP E . 1.14 14.93 -18.95
C2 PLP E . 2.23 14.35 -18.36
C2A PLP E . 2.57 12.95 -18.68
C3 PLP E . 3.02 15.07 -17.47
O3 PLP E . 4.12 14.47 -16.89
C4 PLP E . 2.70 16.40 -17.17
C4A PLP E . 3.56 17.18 -16.22
C5 PLP E . 1.57 16.99 -17.79
C6 PLP E . 0.80 16.22 -18.68
C5A PLP E . 1.15 18.42 -17.51
O4P PLP E . 2.05 19.36 -18.06
P PLP E . 1.92 20.89 -17.64
O1P PLP E . 2.78 21.77 -18.56
O2P PLP E . 2.42 21.01 -16.20
O3P PLP E . 0.44 21.29 -17.72
C1 GOL F . 27.16 22.38 -22.45
O1 GOL F . 27.85 21.78 -23.57
C2 GOL F . 27.94 22.14 -21.17
O2 GOL F . 27.73 23.25 -20.24
C3 GOL F . 27.49 20.81 -20.52
O3 GOL F . 26.15 20.94 -20.01
N1 PLP G . -9.98 36.98 -20.15
C2 PLP G . -9.88 38.09 -20.94
C2A PLP G . -10.71 39.31 -20.63
C3 PLP G . -9.01 38.11 -22.03
O3 PLP G . -8.92 39.24 -22.82
C4 PLP G . -8.24 37.00 -22.32
C4A PLP G . -7.31 37.04 -23.50
C5 PLP G . -8.36 35.87 -21.51
C6 PLP G . -9.25 35.88 -20.42
C5A PLP G . -7.55 34.61 -21.76
O4P PLP G . -6.14 34.86 -21.76
P PLP G . -5.17 33.65 -22.24
O1P PLP G . -3.69 33.95 -21.89
O2P PLP G . -5.33 33.52 -23.73
O3P PLP G . -5.63 32.38 -21.54
C1 GOL H . -22.05 19.03 -17.82
O1 GOL H . -22.04 19.07 -19.25
C2 GOL H . -20.74 18.45 -17.33
O2 GOL H . -20.41 17.31 -18.16
C3 GOL H . -20.85 18.03 -15.85
O3 GOL H . -19.97 16.88 -15.59
N1 PLP I . 1.30 -22.85 8.21
C2 PLP I . 0.19 -22.41 7.52
C2A PLP I . 0.21 -22.39 6.02
C3 PLP I . -0.93 -21.99 8.19
O3 PLP I . -2.02 -21.56 7.49
C4 PLP I . -0.95 -22.01 9.59
C4A PLP I . -2.19 -21.55 10.31
C5 PLP I . 0.19 -22.46 10.28
C6 PLP I . 1.31 -22.88 9.56
C5A PLP I . 0.23 -22.50 11.81
O4P PLP I . -0.42 -23.68 12.34
P PLP I . -0.89 -23.68 13.90
O1P PLP I . 0.37 -23.59 14.75
O2P PLP I . -1.66 -24.96 14.23
O3P PLP I . -1.79 -22.48 14.13
N1 PLP J . 7.68 -29.03 31.05
C2 PLP J . 7.66 -30.10 31.90
C2A PLP J . 8.10 -29.91 33.33
C3 PLP J . 7.24 -31.37 31.44
O3 PLP J . 7.22 -32.46 32.28
C4 PLP J . 6.84 -31.52 30.13
C4A PLP J . 6.39 -32.87 29.64
C5 PLP J . 6.87 -30.41 29.28
C6 PLP J . 7.29 -29.17 29.77
C5A PLP J . 6.46 -30.52 27.85
O4P PLP J . 5.06 -30.54 27.71
P PLP J . 4.47 -30.69 26.25
O1P PLP J . 4.87 -29.47 25.43
O2P PLP J . 2.94 -30.78 26.32
O3P PLP J . 5.08 -31.97 25.65
C ACY K . 21.17 -18.47 17.33
O ACY K . 20.93 -17.26 17.61
OXT ACY K . 20.64 -19.04 16.38
CH3 ACY K . 22.15 -19.23 18.19
#